data_3UQI
# 
_entry.id   3UQI 
# 
_audit_conform.dict_name       mmcif_pdbx.dic 
_audit_conform.dict_version    5.380 
_audit_conform.dict_location   http://mmcif.pdb.org/dictionaries/ascii/mmcif_pdbx.dic 
# 
loop_
_database_2.database_id 
_database_2.database_code 
_database_2.pdbx_database_accession 
_database_2.pdbx_DOI 
PDB   3UQI         pdb_00003uqi 10.2210/pdb3uqi/pdb 
RCSB  RCSB069082   ?            ?                   
WWPDB D_1000069082 ?            ?                   
# 
_pdbx_database_status.status_code                     REL 
_pdbx_database_status.entry_id                        3UQI 
_pdbx_database_status.recvd_initial_deposition_date   2011-11-20 
_pdbx_database_status.deposit_site                    RCSB 
_pdbx_database_status.process_site                    PDBJ 
_pdbx_database_status.status_code_sf                  REL 
_pdbx_database_status.status_code_mr                  ? 
_pdbx_database_status.SG_entry                        ? 
_pdbx_database_status.status_code_cs                  ? 
_pdbx_database_status.pdb_format_compatible           Y 
_pdbx_database_status.status_code_nmr_data            ? 
_pdbx_database_status.methods_development_category    ? 
# 
loop_
_audit_author.name 
_audit_author.pdbx_ordinal 
'Sreekanth, R.' 1 
'Saw, K.Q.'     2 
'Yoon, H.S.'    3 
# 
_citation.id                        primary 
_citation.title                     'High-resolution crystal structure of FKBP12 from Aedes aegypti.' 
_citation.journal_abbrev            'Protein Sci.' 
_citation.journal_volume            21 
_citation.page_first                1080 
_citation.page_last                 1084 
_citation.year                      2012 
_citation.journal_id_ASTM           PRCIEI 
_citation.country                   US 
_citation.journal_id_ISSN           0961-8368 
_citation.journal_id_CSD            0795 
_citation.book_publisher            ? 
_citation.pdbx_database_id_PubMed   22517662 
_citation.pdbx_database_id_DOI      10.1002/pro.2079 
# 
loop_
_citation_author.citation_id 
_citation_author.name 
_citation_author.ordinal 
_citation_author.identifier_ORCID 
primary 'Rajan, S.'    1 ? 
primary 'Saw, K.Q.'    2 ? 
primary 'Nguyen, Q.T.' 3 ? 
primary 'Baek, K.'     4 ? 
primary 'Yoon, H.S.'   5 ? 
# 
_cell.entry_id           3UQI 
_cell.length_a           29.826 
_cell.length_b           38.677 
_cell.length_c           79.589 
_cell.angle_alpha        90.00 
_cell.angle_beta         90.00 
_cell.angle_gamma        90.00 
_cell.Z_PDB              4 
_cell.pdbx_unique_axis   ? 
_cell.length_a_esd       ? 
_cell.length_b_esd       ? 
_cell.length_c_esd       ? 
_cell.angle_alpha_esd    ? 
_cell.angle_beta_esd     ? 
_cell.angle_gamma_esd    ? 
# 
_symmetry.entry_id                         3UQI 
_symmetry.space_group_name_H-M             'P 21 21 21' 
_symmetry.pdbx_full_space_group_name_H-M   ? 
_symmetry.cell_setting                     ? 
_symmetry.Int_Tables_number                19 
_symmetry.space_group_name_Hall            ? 
# 
loop_
_entity.id 
_entity.type 
_entity.src_method 
_entity.pdbx_description 
_entity.formula_weight 
_entity.pdbx_number_of_molecules 
_entity.pdbx_ec 
_entity.pdbx_mutation 
_entity.pdbx_fragment 
_entity.details 
1 polymer     man 'FKBP-type peptidyl-prolyl cis-trans isomerase' 11553.063 1   5.2.1.8 ? ? ? 
2 non-polymer syn '3[N-MORPHOLINO]PROPANE SULFONIC ACID'          209.263   1   ?       ? ? ? 
3 non-polymer syn 'SULFATE ION'                                   96.063    1   ?       ? ? ? 
4 water       nat water                                           18.015    131 ?       ? ? ? 
# 
_entity_name_com.entity_id   1 
_entity_name_com.name        'FKBP12, Fk506-binding protein' 
# 
_entity_poly.entity_id                      1 
_entity_poly.type                           'polypeptide(L)' 
_entity_poly.nstd_linkage                   no 
_entity_poly.nstd_monomer                   no 
_entity_poly.pdbx_seq_one_letter_code       
;MGVQVVTLAAGDEATYPKAGQVAVVHYTGTLADGKVFDSSRTRGKPFRFTVGRGEVIRGWDEGVAQMSVGQRAKLVCSPD
YAYGSRGHPGVIPPNATLTFDVELLRVE
;
_entity_poly.pdbx_seq_one_letter_code_can   
;MGVQVVTLAAGDEATYPKAGQVAVVHYTGTLADGKVFDSSRTRGKPFRFTVGRGEVIRGWDEGVAQMSVGQRAKLVCSPD
YAYGSRGHPGVIPPNATLTFDVELLRVE
;
_entity_poly.pdbx_strand_id                 A 
_entity_poly.pdbx_target_identifier         ? 
# 
loop_
_entity_poly_seq.entity_id 
_entity_poly_seq.num 
_entity_poly_seq.mon_id 
_entity_poly_seq.hetero 
1 1   MET n 
1 2   GLY n 
1 3   VAL n 
1 4   GLN n 
1 5   VAL n 
1 6   VAL n 
1 7   THR n 
1 8   LEU n 
1 9   ALA n 
1 10  ALA n 
1 11  GLY n 
1 12  ASP n 
1 13  GLU n 
1 14  ALA n 
1 15  THR n 
1 16  TYR n 
1 17  PRO n 
1 18  LYS n 
1 19  ALA n 
1 20  GLY n 
1 21  GLN n 
1 22  VAL n 
1 23  ALA n 
1 24  VAL n 
1 25  VAL n 
1 26  HIS n 
1 27  TYR n 
1 28  THR n 
1 29  GLY n 
1 30  THR n 
1 31  LEU n 
1 32  ALA n 
1 33  ASP n 
1 34  GLY n 
1 35  LYS n 
1 36  VAL n 
1 37  PHE n 
1 38  ASP n 
1 39  SER n 
1 40  SER n 
1 41  ARG n 
1 42  THR n 
1 43  ARG n 
1 44  GLY n 
1 45  LYS n 
1 46  PRO n 
1 47  PHE n 
1 48  ARG n 
1 49  PHE n 
1 50  THR n 
1 51  VAL n 
1 52  GLY n 
1 53  ARG n 
1 54  GLY n 
1 55  GLU n 
1 56  VAL n 
1 57  ILE n 
1 58  ARG n 
1 59  GLY n 
1 60  TRP n 
1 61  ASP n 
1 62  GLU n 
1 63  GLY n 
1 64  VAL n 
1 65  ALA n 
1 66  GLN n 
1 67  MET n 
1 68  SER n 
1 69  VAL n 
1 70  GLY n 
1 71  GLN n 
1 72  ARG n 
1 73  ALA n 
1 74  LYS n 
1 75  LEU n 
1 76  VAL n 
1 77  CYS n 
1 78  SER n 
1 79  PRO n 
1 80  ASP n 
1 81  TYR n 
1 82  ALA n 
1 83  TYR n 
1 84  GLY n 
1 85  SER n 
1 86  ARG n 
1 87  GLY n 
1 88  HIS n 
1 89  PRO n 
1 90  GLY n 
1 91  VAL n 
1 92  ILE n 
1 93  PRO n 
1 94  PRO n 
1 95  ASN n 
1 96  ALA n 
1 97  THR n 
1 98  LEU n 
1 99  THR n 
1 100 PHE n 
1 101 ASP n 
1 102 VAL n 
1 103 GLU n 
1 104 LEU n 
1 105 LEU n 
1 106 ARG n 
1 107 VAL n 
1 108 GLU n 
# 
_entity_src_gen.entity_id                          1 
_entity_src_gen.pdbx_src_id                        1 
_entity_src_gen.pdbx_alt_source_flag               sample 
_entity_src_gen.pdbx_seq_type                      ? 
_entity_src_gen.pdbx_beg_seq_num                   ? 
_entity_src_gen.pdbx_end_seq_num                   ? 
_entity_src_gen.gene_src_common_name               'Yellowfever mosquito' 
_entity_src_gen.gene_src_genus                     ? 
_entity_src_gen.pdbx_gene_src_gene                 'AAEL007883, AaeL_AAEL007883' 
_entity_src_gen.gene_src_species                   ? 
_entity_src_gen.gene_src_strain                    ? 
_entity_src_gen.gene_src_tissue                    ? 
_entity_src_gen.gene_src_tissue_fraction           ? 
_entity_src_gen.gene_src_details                   ? 
_entity_src_gen.pdbx_gene_src_fragment             ? 
_entity_src_gen.pdbx_gene_src_scientific_name      'Aedes aegypti' 
_entity_src_gen.pdbx_gene_src_ncbi_taxonomy_id     7159 
_entity_src_gen.pdbx_gene_src_variant              ? 
_entity_src_gen.pdbx_gene_src_cell_line            ? 
_entity_src_gen.pdbx_gene_src_atcc                 ? 
_entity_src_gen.pdbx_gene_src_organ                ? 
_entity_src_gen.pdbx_gene_src_organelle            ? 
_entity_src_gen.pdbx_gene_src_cell                 ? 
_entity_src_gen.pdbx_gene_src_cellular_location    ? 
_entity_src_gen.host_org_common_name               ? 
_entity_src_gen.pdbx_host_org_scientific_name      'Escherichia coli' 
_entity_src_gen.pdbx_host_org_ncbi_taxonomy_id     562 
_entity_src_gen.host_org_genus                     ? 
_entity_src_gen.pdbx_host_org_gene                 ? 
_entity_src_gen.pdbx_host_org_organ                ? 
_entity_src_gen.host_org_species                   ? 
_entity_src_gen.pdbx_host_org_tissue               ? 
_entity_src_gen.pdbx_host_org_tissue_fraction      ? 
_entity_src_gen.pdbx_host_org_strain               'BL21(DE3)' 
_entity_src_gen.pdbx_host_org_variant              ? 
_entity_src_gen.pdbx_host_org_cell_line            ? 
_entity_src_gen.pdbx_host_org_atcc                 ? 
_entity_src_gen.pdbx_host_org_culture_collection   ? 
_entity_src_gen.pdbx_host_org_cell                 ? 
_entity_src_gen.pdbx_host_org_organelle            ? 
_entity_src_gen.pdbx_host_org_cellular_location    ? 
_entity_src_gen.pdbx_host_org_vector_type          PLASMID 
_entity_src_gen.pdbx_host_org_vector               ? 
_entity_src_gen.host_org_details                   ? 
_entity_src_gen.expression_system_id               ? 
_entity_src_gen.plasmid_name                       pETSUMO 
_entity_src_gen.plasmid_details                    ? 
_entity_src_gen.pdbx_description                   ? 
# 
_struct_ref.id                         1 
_struct_ref.db_name                    UNP 
_struct_ref.db_code                    Q1HR83_AEDAE 
_struct_ref.pdbx_db_accession          Q1HR83 
_struct_ref.entity_id                  1 
_struct_ref.pdbx_seq_one_letter_code   
;MGVQVVTLAAGDEATYPKAGQVAVVHYTGTLADGKVFDSSRTRGKPFRFTVGRGEVIRGWDEGVAQMSVGQRAKLVCSPD
YAYGSRGHPGVIPPNATLTFDVELLRVE
;
_struct_ref.pdbx_align_begin           1 
_struct_ref.pdbx_db_isoform            ? 
# 
_struct_ref_seq.align_id                      1 
_struct_ref_seq.ref_id                        1 
_struct_ref_seq.pdbx_PDB_id_code              3UQI 
_struct_ref_seq.pdbx_strand_id                A 
_struct_ref_seq.seq_align_beg                 1 
_struct_ref_seq.pdbx_seq_align_beg_ins_code   ? 
_struct_ref_seq.seq_align_end                 108 
_struct_ref_seq.pdbx_seq_align_end_ins_code   ? 
_struct_ref_seq.pdbx_db_accession             Q1HR83 
_struct_ref_seq.db_align_beg                  1 
_struct_ref_seq.pdbx_db_align_beg_ins_code    ? 
_struct_ref_seq.db_align_end                  108 
_struct_ref_seq.pdbx_db_align_end_ins_code    ? 
_struct_ref_seq.pdbx_auth_seq_align_beg       1 
_struct_ref_seq.pdbx_auth_seq_align_end       108 
# 
loop_
_chem_comp.id 
_chem_comp.type 
_chem_comp.mon_nstd_flag 
_chem_comp.name 
_chem_comp.pdbx_synonyms 
_chem_comp.formula 
_chem_comp.formula_weight 
ALA 'L-peptide linking' y ALANINE                                ? 'C3 H7 N O2'     89.093  
ARG 'L-peptide linking' y ARGININE                               ? 'C6 H15 N4 O2 1' 175.209 
ASN 'L-peptide linking' y ASPARAGINE                             ? 'C4 H8 N2 O3'    132.118 
ASP 'L-peptide linking' y 'ASPARTIC ACID'                        ? 'C4 H7 N O4'     133.103 
CYS 'L-peptide linking' y CYSTEINE                               ? 'C3 H7 N O2 S'   121.158 
GLN 'L-peptide linking' y GLUTAMINE                              ? 'C5 H10 N2 O3'   146.144 
GLU 'L-peptide linking' y 'GLUTAMIC ACID'                        ? 'C5 H9 N O4'     147.129 
GLY 'peptide linking'   y GLYCINE                                ? 'C2 H5 N O2'     75.067  
HIS 'L-peptide linking' y HISTIDINE                              ? 'C6 H10 N3 O2 1' 156.162 
HOH non-polymer         . WATER                                  ? 'H2 O'           18.015  
ILE 'L-peptide linking' y ISOLEUCINE                             ? 'C6 H13 N O2'    131.173 
LEU 'L-peptide linking' y LEUCINE                                ? 'C6 H13 N O2'    131.173 
LYS 'L-peptide linking' y LYSINE                                 ? 'C6 H15 N2 O2 1' 147.195 
MET 'L-peptide linking' y METHIONINE                             ? 'C5 H11 N O2 S'  149.211 
MPO non-polymer         . '3[N-MORPHOLINO]PROPANE SULFONIC ACID' ? 'C7 H15 N O4 S'  209.263 
PHE 'L-peptide linking' y PHENYLALANINE                          ? 'C9 H11 N O2'    165.189 
PRO 'L-peptide linking' y PROLINE                                ? 'C5 H9 N O2'     115.130 
SER 'L-peptide linking' y SERINE                                 ? 'C3 H7 N O3'     105.093 
SO4 non-polymer         . 'SULFATE ION'                          ? 'O4 S -2'        96.063  
THR 'L-peptide linking' y THREONINE                              ? 'C4 H9 N O3'     119.119 
TRP 'L-peptide linking' y TRYPTOPHAN                             ? 'C11 H12 N2 O2'  204.225 
TYR 'L-peptide linking' y TYROSINE                               ? 'C9 H11 N O3'    181.189 
VAL 'L-peptide linking' y VALINE                                 ? 'C5 H11 N O2'    117.146 
# 
_exptl.entry_id          3UQI 
_exptl.method            'X-RAY DIFFRACTION' 
_exptl.crystals_number   1 
# 
_exptl_crystal.id                    1 
_exptl_crystal.density_meas          ? 
_exptl_crystal.density_Matthews      1.99 
_exptl_crystal.density_percent_sol   38.09 
_exptl_crystal.description           ? 
_exptl_crystal.F_000                 ? 
_exptl_crystal.preparation           ? 
# 
_exptl_crystal_grow.crystal_id      1 
_exptl_crystal_grow.method          'VAPOR DIFFUSION, HANGING DROP' 
_exptl_crystal_grow.temp            290 
_exptl_crystal_grow.temp_details    ? 
_exptl_crystal_grow.pH              8.0 
_exptl_crystal_grow.pdbx_details    '100mM MOPS pH 8.0, 3.0M Ammonium Sulphate, VAPOR DIFFUSION, HANGING DROP, temperature 290K' 
_exptl_crystal_grow.pdbx_pH_range   ? 
# 
_diffrn.id                     1 
_diffrn.ambient_temp           100 
_diffrn.ambient_temp_details   ? 
_diffrn.crystal_id             1 
# 
_diffrn_detector.diffrn_id              1 
_diffrn_detector.detector               CCD 
_diffrn_detector.type                   'ADSC QUANTUM 315' 
_diffrn_detector.pdbx_collection_date   2011-08-05 
_diffrn_detector.details                ? 
# 
_diffrn_radiation.diffrn_id                        1 
_diffrn_radiation.wavelength_id                    1 
_diffrn_radiation.pdbx_monochromatic_or_laue_m_l   M 
_diffrn_radiation.monochromator                    GRAPHITE 
_diffrn_radiation.pdbx_diffrn_protocol             'SINGLE WAVELENGTH' 
_diffrn_radiation.pdbx_scattering_type             x-ray 
# 
_diffrn_radiation_wavelength.id           1 
_diffrn_radiation_wavelength.wavelength   1.0000 
_diffrn_radiation_wavelength.wt           1.0 
# 
_diffrn_source.diffrn_id                   1 
_diffrn_source.source                      SYNCHROTRON 
_diffrn_source.type                        'NSRRC BEAMLINE BL13B1' 
_diffrn_source.pdbx_synchrotron_site       NSRRC 
_diffrn_source.pdbx_synchrotron_beamline   BL13B1 
_diffrn_source.pdbx_wavelength             ? 
_diffrn_source.pdbx_wavelength_list        1.0000 
# 
_reflns.entry_id                     3UQI 
_reflns.observed_criterion_sigma_I   2.0 
_reflns.observed_criterion_sigma_F   2.0 
_reflns.d_resolution_low             30 
_reflns.d_resolution_high            1.3 
_reflns.number_obs                   23141 
_reflns.number_all                   ? 
_reflns.percent_possible_obs         99.5 
_reflns.pdbx_Rmerge_I_obs            0.030 
_reflns.pdbx_Rsym_value              ? 
_reflns.pdbx_netI_over_sigmaI        54.7 
_reflns.B_iso_Wilson_estimate        14.89 
_reflns.pdbx_redundancy              7.3 
_reflns.R_free_details               ? 
_reflns.limit_h_max                  ? 
_reflns.limit_h_min                  ? 
_reflns.limit_k_max                  ? 
_reflns.limit_k_min                  ? 
_reflns.limit_l_max                  ? 
_reflns.limit_l_min                  ? 
_reflns.observed_criterion_F_max     ? 
_reflns.observed_criterion_F_min     ? 
_reflns.pdbx_chi_squared             ? 
_reflns.pdbx_scaling_rejects         ? 
_reflns.pdbx_ordinal                 1 
_reflns.pdbx_diffrn_id               1 
# 
_reflns_shell.d_res_high                  1.3 
_reflns_shell.d_res_low                   1.35 
_reflns_shell.percent_possible_all        98.2 
_reflns_shell.Rmerge_I_obs                0.32 
_reflns_shell.pdbx_Rsym_value             ? 
_reflns_shell.meanI_over_sigI_obs         4.7 
_reflns_shell.pdbx_redundancy             5.5 
_reflns_shell.percent_possible_obs        ? 
_reflns_shell.number_unique_all           2228 
_reflns_shell.number_measured_all         ? 
_reflns_shell.number_measured_obs         ? 
_reflns_shell.number_unique_obs           ? 
_reflns_shell.pdbx_chi_squared            ? 
_reflns_shell.pdbx_rejects                ? 
_reflns_shell.pdbx_netI_over_sigmaI_obs   ? 
_reflns_shell.number_possible             ? 
_reflns_shell.Rmerge_F_all                ? 
_reflns_shell.Rmerge_F_obs                ? 
_reflns_shell.Rmerge_I_all                ? 
_reflns_shell.meanI_over_sigI_all         ? 
_reflns_shell.pdbx_Rrim_I_all             ? 
_reflns_shell.pdbx_Rpim_I_all             ? 
_reflns_shell.pdbx_ordinal                1 
_reflns_shell.pdbx_diffrn_id              1 
# 
_refine.entry_id                                 3UQI 
_refine.ls_number_reflns_obs                     23012 
_refine.ls_number_reflns_all                     ? 
_refine.pdbx_ls_sigma_I                          ? 
_refine.pdbx_ls_sigma_F                          1.37 
_refine.pdbx_data_cutoff_high_absF               ? 
_refine.pdbx_data_cutoff_low_absF                ? 
_refine.pdbx_data_cutoff_high_rms_absF           ? 
_refine.ls_d_res_low                             23.867 
_refine.ls_d_res_high                            1.302 
_refine.ls_percent_reflns_obs                    98.83 
_refine.ls_R_factor_obs                          0.1643 
_refine.ls_R_factor_all                          ? 
_refine.ls_R_factor_R_work                       0.1631 
_refine.ls_R_factor_R_free                       0.1903 
_refine.ls_R_factor_R_free_error                 ? 
_refine.ls_R_factor_R_free_error_details         ? 
_refine.ls_percent_reflns_R_free                 5.15 
_refine.ls_number_reflns_R_free                  1184 
_refine.ls_number_parameters                     ? 
_refine.ls_number_restraints                     ? 
_refine.occupancy_min                            ? 
_refine.occupancy_max                            ? 
_refine.correlation_coeff_Fo_to_Fc               ? 
_refine.correlation_coeff_Fo_to_Fc_free          ? 
_refine.B_iso_mean                               23.8499 
_refine.aniso_B[1][1]                            -2.7890 
_refine.aniso_B[2][2]                            2.5051 
_refine.aniso_B[3][3]                            0.2839 
_refine.aniso_B[1][2]                            0.0000 
_refine.aniso_B[1][3]                            -0.0000 
_refine.aniso_B[2][3]                            0.0000 
_refine.solvent_model_details                    'FLAT BULK SOLVENT MODEL' 
_refine.solvent_model_param_ksol                 0.428 
_refine.solvent_model_param_bsol                 70.578 
_refine.pdbx_solvent_vdw_probe_radii             0.80 
_refine.pdbx_solvent_ion_probe_radii             ? 
_refine.pdbx_solvent_shrinkage_radii             0.49 
_refine.pdbx_ls_cross_valid_method               ? 
_refine.details                                  ? 
_refine.pdbx_starting_model                      'PDB ENTRY 2PPN' 
_refine.pdbx_method_to_determine_struct          'MOLECULAR REPLACEMENT' 
_refine.pdbx_isotropic_thermal_model             ? 
_refine.pdbx_stereochemistry_target_values       ML 
_refine.pdbx_stereochem_target_val_spec_case     ? 
_refine.pdbx_R_Free_selection_details            ? 
_refine.pdbx_overall_ESU_R_Free                  ? 
_refine.overall_SU_ML                            0.29 
_refine.pdbx_overall_phase_error                 16.52 
_refine.overall_SU_B                             ? 
_refine.overall_SU_R_Cruickshank_DPI             ? 
_refine.ls_redundancy_reflns_obs                 ? 
_refine.B_iso_min                                ? 
_refine.B_iso_max                                ? 
_refine.overall_SU_R_free                        ? 
_refine.ls_wR_factor_R_free                      ? 
_refine.ls_wR_factor_R_work                      ? 
_refine.overall_FOM_free_R_set                   ? 
_refine.overall_FOM_work_R_set                   ? 
_refine.pdbx_overall_ESU_R                       ? 
_refine.pdbx_diffrn_id                           1 
_refine.pdbx_refine_id                           'X-RAY DIFFRACTION' 
_refine.pdbx_TLS_residual_ADP_flag               ? 
_refine.pdbx_overall_SU_R_free_Cruickshank_DPI   ? 
_refine.pdbx_overall_SU_R_Blow_DPI               ? 
_refine.pdbx_overall_SU_R_free_Blow_DPI          ? 
# 
_refine_hist.pdbx_refine_id                   'X-RAY DIFFRACTION' 
_refine_hist.cycle_id                         LAST 
_refine_hist.pdbx_number_atoms_protein        813 
_refine_hist.pdbx_number_atoms_nucleic_acid   0 
_refine_hist.pdbx_number_atoms_ligand         18 
_refine_hist.number_atoms_solvent             131 
_refine_hist.number_atoms_total               962 
_refine_hist.d_res_high                       1.302 
_refine_hist.d_res_low                        23.867 
# 
loop_
_refine_ls_restr.type 
_refine_ls_restr.dev_ideal 
_refine_ls_restr.dev_ideal_target 
_refine_ls_restr.weight 
_refine_ls_restr.number 
_refine_ls_restr.pdbx_restraint_function 
_refine_ls_restr.pdbx_refine_id 
f_bond_d           0.013  ? ? 848  ? 'X-RAY DIFFRACTION' 
f_angle_d          1.556  ? ? 1151 ? 'X-RAY DIFFRACTION' 
f_dihedral_angle_d 15.409 ? ? 310  ? 'X-RAY DIFFRACTION' 
f_chiral_restr     0.112  ? ? 125  ? 'X-RAY DIFFRACTION' 
f_plane_restr      0.011  ? ? 149  ? 'X-RAY DIFFRACTION' 
# 
loop_
_refine_ls_shell.d_res_high 
_refine_ls_shell.d_res_low 
_refine_ls_shell.pdbx_total_number_of_bins_used 
_refine_ls_shell.percent_reflns_obs 
_refine_ls_shell.number_reflns_R_work 
_refine_ls_shell.R_factor_all 
_refine_ls_shell.R_factor_R_work 
_refine_ls_shell.R_factor_R_free 
_refine_ls_shell.percent_reflns_R_free 
_refine_ls_shell.number_reflns_R_free 
_refine_ls_shell.R_factor_R_free_error 
_refine_ls_shell.number_reflns_all 
_refine_ls_shell.number_reflns_obs 
_refine_ls_shell.pdbx_refine_id 
1.3018 1.3610  8 95.0000  2560 . 0.2361 0.2846 . 152 . 2712 . 'X-RAY DIFFRACTION' 
1.3610 1.4328  8 98.0000  2663 . 0.1887 0.2623 . 158 . 2821 . 'X-RAY DIFFRACTION' 
1.4328 1.5225  8 99.0000  2675 . 0.1671 0.2575 . 146 . 2821 . 'X-RAY DIFFRACTION' 
1.5225 1.6400  8 99.0000  2725 . 0.1547 0.1952 . 148 . 2873 . 'X-RAY DIFFRACTION' 
1.6400 1.8050  8 100.0000 2735 . 0.1467 0.2157 . 146 . 2881 . 'X-RAY DIFFRACTION' 
1.8050 2.0661  8 100.0000 2749 . 0.1428 0.1365 . 140 . 2889 . 'X-RAY DIFFRACTION' 
2.0661 2.6026  8 100.0000 2788 . 0.1418 0.1983 . 158 . 2946 . 'X-RAY DIFFRACTION' 
2.6026 23.8705 8 100.0000 2933 . 0.1758 0.1750 . 136 . 3069 . 'X-RAY DIFFRACTION' 
# 
_struct.entry_id                  3UQI 
_struct.title                     'Crystallographic structure of FKBP12 from Aedes aegypti' 
_struct.pdbx_model_details        ? 
_struct.pdbx_CASP_flag            ? 
_struct.pdbx_model_type_details   ? 
# 
_struct_keywords.entry_id        3UQI 
_struct_keywords.pdbx_keywords   ISOMERASE 
_struct_keywords.text            'FKBP12, ISOMERASE, FK506 Binding' 
# 
loop_
_struct_asym.id 
_struct_asym.pdbx_blank_PDB_chainid_flag 
_struct_asym.pdbx_modified 
_struct_asym.entity_id 
_struct_asym.details 
A N N 1 ? 
B N N 2 ? 
C N N 3 ? 
D N N 4 ? 
# 
_struct_biol.id        1 
_struct_biol.details   ? 
# 
loop_
_struct_conf.conf_type_id 
_struct_conf.id 
_struct_conf.pdbx_PDB_helix_id 
_struct_conf.beg_label_comp_id 
_struct_conf.beg_label_asym_id 
_struct_conf.beg_label_seq_id 
_struct_conf.pdbx_beg_PDB_ins_code 
_struct_conf.end_label_comp_id 
_struct_conf.end_label_asym_id 
_struct_conf.end_label_seq_id 
_struct_conf.pdbx_end_PDB_ins_code 
_struct_conf.beg_auth_comp_id 
_struct_conf.beg_auth_asym_id 
_struct_conf.beg_auth_seq_id 
_struct_conf.end_auth_comp_id 
_struct_conf.end_auth_asym_id 
_struct_conf.end_auth_seq_id 
_struct_conf.pdbx_PDB_helix_class 
_struct_conf.details 
_struct_conf.pdbx_PDB_helix_length 
HELX_P HELX_P1 1 SER A 40 ? GLY A 44 ? SER A 40 GLY A 44 1 ? 5 
HELX_P HELX_P2 2 ILE A 57 ? ALA A 65 ? ILE A 57 ALA A 65 1 ? 9 
HELX_P HELX_P3 3 PRO A 79 ? ALA A 82 ? PRO A 79 ALA A 82 5 ? 4 
# 
_struct_conf_type.id          HELX_P 
_struct_conf_type.criteria    ? 
_struct_conf_type.reference   ? 
# 
loop_
_struct_sheet.id 
_struct_sheet.type 
_struct_sheet.number_strands 
_struct_sheet.details 
A ? 5 ? 
B ? 5 ? 
# 
loop_
_struct_sheet_order.sheet_id 
_struct_sheet_order.range_id_1 
_struct_sheet_order.range_id_2 
_struct_sheet_order.offset 
_struct_sheet_order.sense 
A 1 2 ? anti-parallel 
A 2 3 ? anti-parallel 
A 3 4 ? anti-parallel 
A 4 5 ? anti-parallel 
B 1 2 ? anti-parallel 
B 2 3 ? anti-parallel 
B 3 4 ? anti-parallel 
B 4 5 ? anti-parallel 
# 
loop_
_struct_sheet_range.sheet_id 
_struct_sheet_range.id 
_struct_sheet_range.beg_label_comp_id 
_struct_sheet_range.beg_label_asym_id 
_struct_sheet_range.beg_label_seq_id 
_struct_sheet_range.pdbx_beg_PDB_ins_code 
_struct_sheet_range.end_label_comp_id 
_struct_sheet_range.end_label_asym_id 
_struct_sheet_range.end_label_seq_id 
_struct_sheet_range.pdbx_end_PDB_ins_code 
_struct_sheet_range.beg_auth_comp_id 
_struct_sheet_range.beg_auth_asym_id 
_struct_sheet_range.beg_auth_seq_id 
_struct_sheet_range.end_auth_comp_id 
_struct_sheet_range.end_auth_asym_id 
_struct_sheet_range.end_auth_seq_id 
A 1 VAL A 3  ? ALA A 9   ? VAL A 3  ALA A 9   
A 2 ARG A 72 ? CYS A 77  ? ARG A 72 CYS A 77  
A 3 LEU A 98 ? GLU A 108 ? LEU A 98 GLU A 108 
A 4 VAL A 22 ? THR A 30  ? VAL A 22 THR A 30  
A 5 VAL A 36 ? SER A 39  ? VAL A 36 SER A 39  
B 1 VAL A 3  ? ALA A 9   ? VAL A 3  ALA A 9   
B 2 ARG A 72 ? CYS A 77  ? ARG A 72 CYS A 77  
B 3 LEU A 98 ? GLU A 108 ? LEU A 98 GLU A 108 
B 4 VAL A 22 ? THR A 30  ? VAL A 22 THR A 30  
B 5 PHE A 47 ? THR A 50  ? PHE A 47 THR A 50  
# 
loop_
_pdbx_struct_sheet_hbond.sheet_id 
_pdbx_struct_sheet_hbond.range_id_1 
_pdbx_struct_sheet_hbond.range_id_2 
_pdbx_struct_sheet_hbond.range_1_label_atom_id 
_pdbx_struct_sheet_hbond.range_1_label_comp_id 
_pdbx_struct_sheet_hbond.range_1_label_asym_id 
_pdbx_struct_sheet_hbond.range_1_label_seq_id 
_pdbx_struct_sheet_hbond.range_1_PDB_ins_code 
_pdbx_struct_sheet_hbond.range_1_auth_atom_id 
_pdbx_struct_sheet_hbond.range_1_auth_comp_id 
_pdbx_struct_sheet_hbond.range_1_auth_asym_id 
_pdbx_struct_sheet_hbond.range_1_auth_seq_id 
_pdbx_struct_sheet_hbond.range_2_label_atom_id 
_pdbx_struct_sheet_hbond.range_2_label_comp_id 
_pdbx_struct_sheet_hbond.range_2_label_asym_id 
_pdbx_struct_sheet_hbond.range_2_label_seq_id 
_pdbx_struct_sheet_hbond.range_2_PDB_ins_code 
_pdbx_struct_sheet_hbond.range_2_auth_atom_id 
_pdbx_struct_sheet_hbond.range_2_auth_comp_id 
_pdbx_struct_sheet_hbond.range_2_auth_asym_id 
_pdbx_struct_sheet_hbond.range_2_auth_seq_id 
A 1 2 N VAL A 6   ? N VAL A 6   O LYS A 74 ? O LYS A 74 
A 2 3 N CYS A 77  ? N CYS A 77  O LEU A 98 ? O LEU A 98 
A 3 4 O LEU A 105 ? O LEU A 105 N VAL A 24 ? N VAL A 24 
A 4 5 N GLY A 29  ? N GLY A 29  O ASP A 38 ? O ASP A 38 
B 1 2 N VAL A 6   ? N VAL A 6   O LYS A 74 ? O LYS A 74 
B 2 3 N CYS A 77  ? N CYS A 77  O LEU A 98 ? O LEU A 98 
B 3 4 O LEU A 105 ? O LEU A 105 N VAL A 24 ? N VAL A 24 
B 4 5 N VAL A 25  ? N VAL A 25  O PHE A 47 ? O PHE A 47 
# 
loop_
_struct_site.id 
_struct_site.pdbx_evidence_code 
_struct_site.pdbx_auth_asym_id 
_struct_site.pdbx_auth_comp_id 
_struct_site.pdbx_auth_seq_id 
_struct_site.pdbx_auth_ins_code 
_struct_site.pdbx_num_residues 
_struct_site.details 
AC1 Software A MPO 109 ? 9 'BINDING SITE FOR RESIDUE MPO A 109' 
AC2 Software A SO4 110 ? 5 'BINDING SITE FOR RESIDUE SO4 A 110' 
# 
loop_
_struct_site_gen.id 
_struct_site_gen.site_id 
_struct_site_gen.pdbx_num_res 
_struct_site_gen.label_comp_id 
_struct_site_gen.label_asym_id 
_struct_site_gen.label_seq_id 
_struct_site_gen.pdbx_auth_ins_code 
_struct_site_gen.auth_comp_id 
_struct_site_gen.auth_asym_id 
_struct_site_gen.auth_seq_id 
_struct_site_gen.label_atom_id 
_struct_site_gen.label_alt_id 
_struct_site_gen.symmetry 
_struct_site_gen.details 
1  AC1 9 TYR A 27 ? TYR A 27  . ? 1_555 ? 
2  AC1 9 ASP A 38 ? ASP A 38  . ? 1_555 ? 
3  AC1 9 VAL A 56 ? VAL A 56  . ? 1_555 ? 
4  AC1 9 ILE A 57 ? ILE A 57  . ? 1_555 ? 
5  AC1 9 TRP A 60 ? TRP A 60  . ? 1_555 ? 
6  AC1 9 TYR A 83 ? TYR A 83  . ? 1_555 ? 
7  AC1 9 PRO A 94 ? PRO A 94  . ? 3_645 ? 
8  AC1 9 HOH D .  ? HOH A 146 . ? 1_555 ? 
9  AC1 9 HOH D .  ? HOH A 205 . ? 1_555 ? 
10 AC2 5 ARG A 53 ? ARG A 53  . ? 1_555 ? 
11 AC2 5 TYR A 83 ? TYR A 83  . ? 3_545 ? 
12 AC2 5 GLY A 84 ? GLY A 84  . ? 3_545 ? 
13 AC2 5 SER A 85 ? SER A 85  . ? 3_545 ? 
14 AC2 5 ARG A 86 ? ARG A 86  . ? 3_545 ? 
# 
_atom_sites.entry_id                    3UQI 
_atom_sites.fract_transf_matrix[1][1]   0.02586105 
_atom_sites.fract_transf_matrix[1][2]   -0.02124783 
_atom_sites.fract_transf_matrix[1][3]   -0.00196540 
_atom_sites.fract_transf_matrix[2][1]   -0.01222734 
_atom_sites.fract_transf_matrix[2][2]   -0.01316217 
_atom_sites.fract_transf_matrix[2][3]   -0.01859383 
_atom_sites.fract_transf_matrix[3][1]   0.00535159 
_atom_sites.fract_transf_matrix[3][2]   0.00731821 
_atom_sites.fract_transf_matrix[3][3]   -0.00869962 
_atom_sites.fract_transf_vector[1]      0.308315 
_atom_sites.fract_transf_vector[2]      0.060996 
_atom_sites.fract_transf_vector[3]      0.097649 
# 
loop_
_atom_type.symbol 
C 
N 
O 
S 
# 
loop_
_atom_site.group_PDB 
_atom_site.id 
_atom_site.type_symbol 
_atom_site.label_atom_id 
_atom_site.label_alt_id 
_atom_site.label_comp_id 
_atom_site.label_asym_id 
_atom_site.label_entity_id 
_atom_site.label_seq_id 
_atom_site.pdbx_PDB_ins_code 
_atom_site.Cartn_x 
_atom_site.Cartn_y 
_atom_site.Cartn_z 
_atom_site.occupancy 
_atom_site.B_iso_or_equiv 
_atom_site.pdbx_formal_charge 
_atom_site.auth_seq_id 
_atom_site.auth_comp_id 
_atom_site.auth_asym_id 
_atom_site.auth_atom_id 
_atom_site.pdbx_PDB_model_num 
ATOM   1   N N   . MET A 1 1   ? -7.932  -5.214  -12.906 1.00 47.66 ? 1   MET A N   1 
ATOM   2   C CA  . MET A 1 1   ? -8.446  -4.612  -11.679 1.00 47.17 ? 1   MET A CA  1 
ATOM   3   C C   . MET A 1 1   ? -7.360  -3.774  -11.029 1.00 42.17 ? 1   MET A C   1 
ATOM   4   O O   . MET A 1 1   ? -6.248  -4.265  -10.806 1.00 43.45 ? 1   MET A O   1 
ATOM   5   C CB  . MET A 1 1   ? -8.892  -5.691  -10.709 1.00 50.00 ? 1   MET A CB  1 
ATOM   6   C CG  . MET A 1 1   ? -9.403  -5.140  -9.394  1.00 52.24 ? 1   MET A CG  1 
ATOM   7   S SD  . MET A 1 1   ? -10.114 -6.482  -8.453  1.00 54.00 ? 1   MET A SD  1 
ATOM   8   C CE  . MET A 1 1   ? -11.419 -7.033  -9.556  1.00 53.59 ? 1   MET A CE  1 
ATOM   9   N N   . GLY A 1 2   ? -7.674  -2.517  -10.720 1.00 36.57 ? 2   GLY A N   1 
ATOM   10  C CA  . GLY A 1 2   ? -6.646  -1.566  -10.338 1.00 30.85 ? 2   GLY A CA  1 
ATOM   11  C C   . GLY A 1 2   ? -5.808  -2.051  -9.181  1.00 25.74 ? 2   GLY A C   1 
ATOM   12  O O   . GLY A 1 2   ? -4.567  -2.118  -9.263  1.00 25.29 ? 2   GLY A O   1 
ATOM   13  N N   . VAL A 1 3   ? -6.490  -2.396  -8.088  1.00 21.26 ? 3   VAL A N   1 
ATOM   14  C CA  . VAL A 1 3   ? -5.820  -2.943  -6.916  1.00 18.75 ? 3   VAL A CA  1 
ATOM   15  C C   . VAL A 1 3   ? -6.605  -4.134  -6.392  1.00 18.79 ? 3   VAL A C   1 
ATOM   16  O O   . VAL A 1 3   ? -7.837  -4.123  -6.383  1.00 20.73 ? 3   VAL A O   1 
ATOM   17  C CB  . VAL A 1 3   ? -5.522  -1.855  -5.825  1.00 19.54 ? 3   VAL A CB  1 
ATOM   18  C CG1 . VAL A 1 3   ? -6.813  -1.236  -5.278  1.00 20.04 ? 3   VAL A CG1 1 
ATOM   19  C CG2 . VAL A 1 3   ? -4.673  -2.430  -4.693  1.00 19.90 ? 3   VAL A CG2 1 
ATOM   20  N N   . GLN A 1 4   ? -5.893  -5.184  -6.007  1.00 17.79 ? 4   GLN A N   1 
ATOM   21  C CA  . GLN A 1 4   ? -6.522  -6.314  -5.320  1.00 19.43 ? 4   GLN A CA  1 
ATOM   22  C C   . GLN A 1 4   ? -5.875  -6.442  -3.959  1.00 17.38 ? 4   GLN A C   1 
ATOM   23  O O   . GLN A 1 4   ? -4.650  -6.310  -3.813  1.00 17.41 ? 4   GLN A O   1 
ATOM   24  C CB  . GLN A 1 4   ? -6.331  -7.580  -6.132  1.00 22.31 ? 4   GLN A CB  1 
ATOM   25  C CG  . GLN A 1 4   ? -7.006  -7.489  -7.466  1.00 24.81 ? 4   GLN A CG  1 
ATOM   26  C CD  . GLN A 1 4   ? -6.624  -8.644  -8.320  1.00 27.17 ? 4   GLN A CD  1 
ATOM   27  O OE1 . GLN A 1 4   ? -7.136  -9.753  -8.145  1.00 30.56 ? 4   GLN A OE1 1 
ATOM   28  N NE2 . GLN A 1 4   ? -5.685  -8.422  -9.226  1.00 27.90 ? 4   GLN A NE2 1 
ATOM   29  N N   . VAL A 1 5   ? -6.722  -6.668  -2.962  1.00 17.38 ? 5   VAL A N   1 
ATOM   30  C CA  . VAL A 1 5   ? -6.302  -6.750  -1.579  1.00 15.70 ? 5   VAL A CA  1 
ATOM   31  C C   . VAL A 1 5   ? -6.517  -8.180  -1.112  1.00 16.79 ? 5   VAL A C   1 
ATOM   32  O O   . VAL A 1 5   ? -7.659  -8.626  -1.037  1.00 19.82 ? 5   VAL A O   1 
ATOM   33  C CB  . VAL A 1 5   ? -7.125  -5.774  -0.728  1.00 14.87 ? 5   VAL A CB  1 
ATOM   34  C CG1 . VAL A 1 5   ? -6.713  -5.890  0.706   1.00 15.45 ? 5   VAL A CG1 1 
ATOM   35  C CG2 . VAL A 1 5   ? -6.941  -4.315  -1.205  1.00 17.10 ? 5   VAL A CG2 1 
ATOM   36  N N   . VAL A 1 6   ? -5.442  -8.904  -0.839  1.00 15.98 ? 6   VAL A N   1 
ATOM   37  C CA  . VAL A 1 6   ? -5.575  -10.303 -0.378  1.00 17.13 ? 6   VAL A CA  1 
ATOM   38  C C   . VAL A 1 6   ? -5.103  -10.368 1.061   1.00 17.93 ? 6   VAL A C   1 
ATOM   39  O O   . VAL A 1 6   ? -3.998  -9.941  1.405   1.00 17.57 ? 6   VAL A O   1 
ATOM   40  C CB  . VAL A 1 6   ? -4.777  -11.267 -1.241  1.00 19.36 ? 6   VAL A CB  1 
ATOM   41  C CG1 . VAL A 1 6   ? -4.864  -12.715 -0.690  1.00 20.49 ? 6   VAL A CG1 1 
ATOM   42  C CG2 . VAL A 1 6   ? -5.265  -11.171 -2.680  1.00 21.14 ? 6   VAL A CG2 1 
ATOM   43  N N   . THR A 1 7   ? -5.953  -10.880 1.924   1.00 19.45 ? 7   THR A N   1 
ATOM   44  C CA  . THR A 1 7   ? -5.654  -10.899 3.342   1.00 20.40 ? 7   THR A CA  1 
ATOM   45  C C   . THR A 1 7   ? -4.619  -11.949 3.746   1.00 22.41 ? 7   THR A C   1 
ATOM   46  O O   . THR A 1 7   ? -4.684  -13.117 3.324   1.00 24.80 ? 7   THR A O   1 
ATOM   47  C CB  . THR A 1 7   ? -6.952  -11.091 4.122   1.00 23.71 ? 7   THR A CB  1 
ATOM   48  O OG1 . THR A 1 7   ? -7.827  -10.004 3.822   1.00 24.68 ? 7   THR A OG1 1 
ATOM   49  C CG2 . THR A 1 7   ? -6.689  -11.152 5.637   1.00 25.15 ? 7   THR A CG2 1 
ATOM   50  N N   . LEU A 1 8   ? -3.586  -11.497 4.434   1.00 20.30 ? 8   LEU A N   1 
ATOM   51  C CA  . LEU A 1 8   ? -2.647  -12.326 5.158   1.00 20.64 ? 8   LEU A CA  1 
ATOM   52  C C   . LEU A 1 8   ? -3.085  -12.617 6.587   1.00 22.80 ? 8   LEU A C   1 
ATOM   53  O O   . LEU A 1 8   ? -2.867  -13.704 7.095   1.00 26.53 ? 8   LEU A O   1 
ATOM   54  C CB  . LEU A 1 8   ? -1.254  -11.698 5.104   1.00 20.95 ? 8   LEU A CB  1 
ATOM   55  C CG  . LEU A 1 8   ? -0.870  -11.283 3.682   1.00 23.68 ? 8   LEU A CG  1 
ATOM   56  C CD1 . LEU A 1 8   ? 0.573   -10.756 3.644   1.00 23.29 ? 8   LEU A CD1 1 
ATOM   57  C CD2 . LEU A 1 8   ? -1.086  -12.355 2.630   1.00 24.54 ? 8   LEU A CD2 1 
ATOM   58  N N   . ALA A 1 9   ? -3.615  -11.602 7.261   1.00 22.42 ? 9   ALA A N   1 
ATOM   59  C CA  . ALA A 1 9   ? -4.074  -11.747 8.647   1.00 22.91 ? 9   ALA A CA  1 
ATOM   60  C C   . ALA A 1 9   ? -5.275  -10.829 8.837   1.00 23.31 ? 9   ALA A C   1 
ATOM   61  O O   . ALA A 1 9   ? -5.219  -9.678  8.410   1.00 22.38 ? 9   ALA A O   1 
ATOM   62  C CB  . ALA A 1 9   ? -2.957  -11.388 9.608   1.00 24.66 ? 9   ALA A CB  1 
ATOM   63  N N   . ALA A 1 10  ? -6.339  -11.299 9.480   1.00 24.77 ? 10  ALA A N   1 
ATOM   64  C CA  . ALA A 1 10  ? -7.557  -10.500 9.608   1.00 26.90 ? 10  ALA A CA  1 
ATOM   65  C C   . ALA A 1 10  ? -7.355  -9.295  10.538  1.00 25.52 ? 10  ALA A C   1 
ATOM   66  O O   . ALA A 1 10  ? -6.574  -9.370  11.466  1.00 25.53 ? 10  ALA A O   1 
ATOM   67  C CB  . ALA A 1 10  ? -8.755  -11.392 10.114  1.00 28.03 ? 10  ALA A CB  1 
ATOM   68  N N   . GLY A 1 11  ? -8.068  -8.197  10.286  1.00 24.48 ? 11  GLY A N   1 
ATOM   69  C CA  . GLY A 1 11  ? -8.071  -7.040  11.176  1.00 23.94 ? 11  GLY A CA  1 
ATOM   70  C C   . GLY A 1 11  ? -9.290  -7.120  12.083  1.00 24.11 ? 11  GLY A C   1 
ATOM   71  O O   . GLY A 1 11  ? -9.936  -8.189  12.209  1.00 27.86 ? 11  GLY A O   1 
ATOM   72  N N   . ASP A 1 12  ? -9.663  -6.008  12.696  1.00 21.20 ? 12  ASP A N   1 
ATOM   73  C CA  . ASP A 1 12  ? -10.768 -6.068  13.638  1.00 23.31 ? 12  ASP A CA  1 
ATOM   74  C C   . ASP A 1 12  ? -12.104 -5.983  12.915  1.00 23.67 ? 12  ASP A C   1 
ATOM   75  O O   . ASP A 1 12  ? -13.163 -6.104  13.536  1.00 25.96 ? 12  ASP A O   1 
ATOM   76  C CB  . ASP A 1 12  ? -10.650 -4.986  14.697  1.00 23.32 ? 12  ASP A CB  1 
ATOM   77  C CG  . ASP A 1 12  ? -10.859 -3.590  14.162  1.00 23.99 ? 12  ASP A CG  1 
ATOM   78  O OD1 . ASP A 1 12  ? -10.795 -2.635  14.988  1.00 26.20 ? 12  ASP A OD1 1 
ATOM   79  O OD2 . ASP A 1 12  ? -11.063 -3.403  12.931  1.00 23.70 ? 12  ASP A OD2 1 
ATOM   80  N N   . GLU A 1 13  ? -12.074 -5.823  11.599  1.00 22.50 ? 13  GLU A N   1 
ATOM   81  C CA  . GLU A 1 13  ? -13.289 -5.705  10.764  1.00 22.76 ? 13  GLU A CA  1 
ATOM   82  C C   . GLU A 1 13  ? -14.284 -4.673  11.253  1.00 21.85 ? 13  GLU A C   1 
ATOM   83  O O   . GLU A 1 13  ? -15.509 -4.817  11.123  1.00 23.95 ? 13  GLU A O   1 
ATOM   84  C CB  . GLU A 1 13  ? -13.973 -7.067  10.502  1.00 24.53 ? 13  GLU A CB  1 
ATOM   85  C CG  . GLU A 1 13  ? -12.986 -7.985  9.833   1.00 27.94 ? 13  GLU A CG  1 
ATOM   86  C CD  . GLU A 1 13  ? -13.592 -9.225  9.269   1.00 30.58 ? 13  GLU A CD  1 
ATOM   87  O OE1 . GLU A 1 13  ? -14.590 -9.718  9.817   1.00 31.59 ? 13  GLU A OE1 1 
ATOM   88  O OE2 . GLU A 1 13  ? -13.058 -9.712  8.261   1.00 34.45 ? 13  GLU A OE2 1 
ATOM   89  N N   . ALA A 1 14  ? -13.731 -3.624  11.823  1.00 21.48 ? 14  ALA A N   1 
ATOM   90  C CA  . ALA A 1 14  ? -14.503 -2.564  12.431  1.00 23.33 ? 14  ALA A CA  1 
ATOM   91  C C   . ALA A 1 14  ? -13.991 -1.214  12.023  1.00 24.48 ? 14  ALA A C   1 
ATOM   92  O O   . ALA A 1 14  ? -14.754 -0.318  11.727  1.00 26.96 ? 14  ALA A O   1 
ATOM   93  C CB  . ALA A 1 14  ? -14.676 -2.731  13.952  1.00 24.88 ? 14  ALA A CB  1 
ATOM   94  N N   . THR A 1 15  ? -12.684 -1.033  12.225  1.00 22.26 ? 15  THR A N   1 
ATOM   95  C CA  . THR A 1 15  ? -12.052 0.260   12.077  1.00 20.81 ? 15  THR A CA  1 
ATOM   96  C C   . THR A 1 15  ? -11.319 0.349   10.738  1.00 19.82 ? 15  THR A C   1 
ATOM   97  O O   . THR A 1 15  ? -10.238 -0.201  10.589  1.00 18.59 ? 15  THR A O   1 
ATOM   98  C CB  . THR A 1 15  ? -11.044 0.480   13.232  1.00 21.88 ? 15  THR A CB  1 
ATOM   99  O OG1 . THR A 1 15  ? -11.672 0.153   14.481  1.00 24.43 ? 15  THR A OG1 1 
ATOM   100 C CG2 . THR A 1 15  ? -10.495 1.918   13.198  1.00 23.40 ? 15  THR A CG2 1 
ATOM   101 N N   . TYR A 1 16  ? -11.893 1.123   9.818   1.00 18.70 ? 16  TYR A N   1 
ATOM   102 C CA  . TYR A 1 16  ? -11.362 1.244   8.456   1.00 18.04 ? 16  TYR A CA  1 
ATOM   103 C C   . TYR A 1 16  ? -10.992 2.698   8.269   1.00 18.39 ? 16  TYR A C   1 
ATOM   104 O O   . TYR A 1 16  ? -11.730 3.589   8.690   1.00 21.89 ? 16  TYR A O   1 
ATOM   105 C CB  . TYR A 1 16  ? -12.445 0.883   7.404   1.00 19.21 ? 16  TYR A CB  1 
ATOM   106 C CG  . TYR A 1 16  ? -12.835 -0.570  7.413   1.00 19.73 ? 16  TYR A CG  1 
ATOM   107 C CD1 . TYR A 1 16  ? -12.266 -1.471  6.515   1.00 19.82 ? 16  TYR A CD1 1 
ATOM   108 C CD2 . TYR A 1 16  ? -13.734 -1.049  8.357   1.00 21.53 ? 16  TYR A CD2 1 
ATOM   109 C CE1 . TYR A 1 16  ? -12.572 -2.801  6.557   1.00 21.37 ? 16  TYR A CE1 1 
ATOM   110 C CE2 . TYR A 1 16  ? -14.055 -2.358  8.396   1.00 22.46 ? 16  TYR A CE2 1 
ATOM   111 C CZ  . TYR A 1 16  ? -13.484 -3.233  7.503   1.00 21.84 ? 16  TYR A CZ  1 
ATOM   112 O OH  . TYR A 1 16  ? -13.820 -4.543  7.611   1.00 25.41 ? 16  TYR A OH  1 
ATOM   113 N N   . PRO A 1 17  ? -9.858  2.953   7.613   1.00 16.56 ? 17  PRO A N   1 
ATOM   114 C CA  . PRO A 1 17  ? -9.515  4.367   7.414   1.00 18.37 ? 17  PRO A CA  1 
ATOM   115 C C   . PRO A 1 17  ? -10.392 4.963   6.329   1.00 20.41 ? 17  PRO A C   1 
ATOM   116 O O   . PRO A 1 17  ? -10.350 4.455   5.177   1.00 22.64 ? 17  PRO A O   1 
ATOM   117 C CB  . PRO A 1 17  ? -8.029  4.339   7.003   1.00 19.14 ? 17  PRO A CB  1 
ATOM   118 C CG  . PRO A 1 17  ? -7.770  2.936   6.569   1.00 16.39 ? 17  PRO A CG  1 
ATOM   119 C CD  . PRO A 1 17  ? -8.881  2.031   7.024   1.00 15.12 ? 17  PRO A CD  1 
ATOM   120 N N   . LYS A 1 18  ? -11.027 6.097   6.604   1.00 21.25 ? 18  LYS A N   1 
ATOM   121 C CA  . LYS A 1 18  ? -11.915 6.659   5.611   1.00 22.90 ? 18  LYS A CA  1 
ATOM   122 C C   . LYS A 1 18  ? -11.191 7.805   4.905   1.00 21.21 ? 18  LYS A C   1 
ATOM   123 O O   . LYS A 1 18  ? -10.129 8.279   5.345   1.00 20.14 ? 18  LYS A O   1 
ATOM   124 C CB  . LYS A 1 18  ? -13.214 7.170   6.262   1.00 25.09 ? 18  LYS A CB  1 
ATOM   125 C CG  . LYS A 1 18  ? -13.958 6.195   7.212   1.00 29.85 ? 18  LYS A CG  1 
ATOM   126 C CD  . LYS A 1 18  ? -15.074 6.951   7.985   1.00 34.38 ? 18  LYS A CD  1 
ATOM   127 C CE  . LYS A 1 18  ? -15.969 6.056   8.898   1.00 35.42 ? 18  LYS A CE  1 
ATOM   128 N NZ  . LYS A 1 18  ? -16.217 6.642   10.254  1.00 32.23 ? 18  LYS A NZ  1 
ATOM   129 N N   . ALA A 1 19  ? -11.816 8.303   3.856   1.00 22.42 ? 19  ALA A N   1 
ATOM   130 C CA  . ALA A 1 19  ? -11.296 9.453   3.157   1.00 22.99 ? 19  ALA A CA  1 
ATOM   131 C C   . ALA A 1 19  ? -11.027 10.587  4.150   1.00 22.00 ? 19  ALA A C   1 
ATOM   132 O O   . ALA A 1 19  ? -11.888 10.941  4.983   1.00 21.43 ? 19  ALA A O   1 
ATOM   133 C CB  . ALA A 1 19  ? -12.307 9.912   2.136   1.00 24.64 ? 19  ALA A CB  1 
ATOM   134 N N   . GLY A 1 20  ? -9.847  11.179  4.026   1.00 20.04 ? 20  GLY A N   1 
ATOM   135 C CA  . GLY A 1 20  ? -9.423  12.285  4.865   1.00 20.57 ? 20  GLY A CA  1 
ATOM   136 C C   . GLY A 1 20  ? -8.919  11.884  6.240   1.00 19.32 ? 20  GLY A C   1 
ATOM   137 O O   . GLY A 1 20  ? -8.599  12.757  7.031   1.00 21.01 ? 20  GLY A O   1 
ATOM   138 N N   . GLN A 1 21  ? -8.857  10.585  6.529   1.00 17.85 ? 21  GLN A N   1 
ATOM   139 C CA  . GLN A 1 21  ? -8.293  10.089  7.788   1.00 17.22 ? 21  GLN A CA  1 
ATOM   140 C C   . GLN A 1 21  ? -6.880  9.612   7.575   1.00 16.39 ? 21  GLN A C   1 
ATOM   141 O O   . GLN A 1 21  ? -6.513  9.212   6.492   1.00 17.92 ? 21  GLN A O   1 
ATOM   142 C CB  . GLN A 1 21  ? -9.104  8.943   8.403   1.00 18.69 ? 21  GLN A CB  1 
ATOM   143 C CG  . GLN A 1 21  ? -10.499 9.372   8.719   1.00 21.02 ? 21  GLN A CG  1 
ATOM   144 C CD  . GLN A 1 21  ? -11.398 8.289   9.341   1.00 24.70 ? 21  GLN A CD  1 
ATOM   145 O OE1 . GLN A 1 21  ? -11.139 7.086   9.252   1.00 22.92 ? 21  GLN A OE1 1 
ATOM   146 N NE2 . GLN A 1 21  ? -12.516 8.738   9.925   1.00 28.61 ? 21  GLN A NE2 1 
ATOM   147 N N   . VAL A 1 22  ? -6.057  9.699   8.605   1.00 14.19 ? 22  VAL A N   1 
ATOM   148 C CA  . VAL A 1 22  ? -4.672  9.221   8.540   1.00 14.29 ? 22  VAL A CA  1 
ATOM   149 C C   . VAL A 1 22  ? -4.642  7.729   8.818   1.00 13.86 ? 22  VAL A C   1 
ATOM   150 O O   . VAL A 1 22  ? -5.279  7.224   9.753   1.00 16.35 ? 22  VAL A O   1 
ATOM   151 C CB  . VAL A 1 22  ? -3.781  9.961   9.549   1.00 16.03 ? 22  VAL A CB  1 
ATOM   152 C CG1 . VAL A 1 22  ? -2.413  9.300   9.675   1.00 18.00 ? 22  VAL A CG1 1 
ATOM   153 C CG2 . VAL A 1 22  ? -3.640  11.462  9.134   1.00 17.96 ? 22  VAL A CG2 1 
ATOM   154 N N   . ALA A 1 23  ? -3.917  7.021   7.969   1.00 12.24 ? 23  ALA A N   1 
ATOM   155 C CA  . ALA A 1 23  ? -3.612  5.620   8.170   1.00 11.55 ? 23  ALA A CA  1 
ATOM   156 C C   . ALA A 1 23  ? -2.122  5.516   8.516   1.00 11.89 ? 23  ALA A C   1 
ATOM   157 O O   . ALA A 1 23  ? -1.268  6.188   7.901   1.00 13.00 ? 23  ALA A O   1 
ATOM   158 C CB  . ALA A 1 23  ? -3.893  4.814   6.864   1.00 11.98 ? 23  ALA A CB  1 
ATOM   159 N N   . VAL A 1 24  ? -1.820  4.686   9.516   1.00 9.99  ? 24  VAL A N   1 
ATOM   160 C CA  . VAL A 1 24  ? -0.454  4.382   9.916   1.00 9.07  ? 24  VAL A CA  1 
ATOM   161 C C   . VAL A 1 24  ? -0.199  2.929   9.620   1.00 8.94  ? 24  VAL A C   1 
ATOM   162 O O   . VAL A 1 24  ? -0.975  2.054   10.089  1.00 9.46  ? 24  VAL A O   1 
ATOM   163 C CB  . VAL A 1 24  ? -0.246  4.627   11.433  1.00 10.80 ? 24  VAL A CB  1 
ATOM   164 C CG1 . VAL A 1 24  ? 1.224   4.426   11.803  1.00 11.81 ? 24  VAL A CG1 1 
ATOM   165 C CG2 . VAL A 1 24  ? -0.765  5.996   11.834  1.00 13.09 ? 24  VAL A CG2 1 
ATOM   166 N N   . VAL A 1 25  ? 0.824   2.669   8.809   1.00 8.65  ? 25  VAL A N   1 
ATOM   167 C CA  . VAL A 1 25  ? 1.082   1.334   8.281   1.00 8.61  ? 25  VAL A CA  1 
ATOM   168 C C   . VAL A 1 25  ? 2.558   0.942   8.376   1.00 8.20  ? 25  VAL A C   1 
ATOM   169 O O   . VAL A 1 25  ? 3.452   1.788   8.429   1.00 10.81 ? 25  VAL A O   1 
ATOM   170 C CB  . VAL A 1 25  ? 0.635   1.213   6.784   1.00 9.24  ? 25  VAL A CB  1 
ATOM   171 C CG1 . VAL A 1 25  ? -0.840  1.557   6.607   1.00 9.14  ? 25  VAL A CG1 1 
ATOM   172 C CG2 . VAL A 1 25  ? 1.535   2.075   5.866   1.00 10.48 ? 25  VAL A CG2 1 
ATOM   173 N N   . HIS A 1 26  ? 2.801   -0.351  8.361   1.00 8.29  ? 26  HIS A N   1 
ATOM   174 C CA  . HIS A 1 26  ? 4.103   -0.876  7.903   1.00 7.92  ? 26  HIS A CA  1 
ATOM   175 C C   . HIS A 1 26  ? 3.911   -1.477  6.539   1.00 8.74  ? 26  HIS A C   1 
ATOM   176 O O   . HIS A 1 26  ? 2.846   -2.016  6.232   1.00 9.19  ? 26  HIS A O   1 
ATOM   177 C CB  . HIS A 1 26  ? 4.679   -1.914  8.870   1.00 9.35  ? 26  HIS A CB  1 
ATOM   178 C CG  . HIS A 1 26  ? 5.654   -1.319  9.825   1.00 9.41  ? 26  HIS A CG  1 
ATOM   179 N ND1 . HIS A 1 26  ? 6.795   -0.650  9.411   1.00 10.44 ? 26  HIS A ND1 1 
ATOM   180 C CD2 . HIS A 1 26  ? 5.695   -1.351  11.181  1.00 10.83 ? 26  HIS A CD2 1 
ATOM   181 C CE1 . HIS A 1 26  ? 7.465   -0.262  10.482  1.00 11.46 ? 26  HIS A CE1 1 
ATOM   182 N NE2 . HIS A 1 26  ? 6.835   -0.693  11.559  1.00 11.44 ? 26  HIS A NE2 1 
ATOM   183 N N   . TYR A 1 27  ? 4.944   -1.401  5.731   1.00 9.33  ? 27  TYR A N   1 
ATOM   184 C CA  . TYR A 1 27  ? 4.835   -1.976  4.385   1.00 9.68  ? 27  TYR A CA  1 
ATOM   185 C C   . TYR A 1 27  ? 6.169   -2.446  3.856   1.00 9.98  ? 27  TYR A C   1 
ATOM   186 O O   . TYR A 1 27  ? 7.231   -1.938  4.258   1.00 11.07 ? 27  TYR A O   1 
ATOM   187 C CB  . TYR A 1 27  ? 4.235   -0.976  3.375   1.00 10.57 ? 27  TYR A CB  1 
ATOM   188 C CG  . TYR A 1 27  ? 5.158   0.187   3.078   1.00 10.72 ? 27  TYR A CG  1 
ATOM   189 C CD1 . TYR A 1 27  ? 5.957   0.191   1.949   1.00 11.15 ? 27  TYR A CD1 1 
ATOM   190 C CD2 . TYR A 1 27  ? 5.189   1.320   3.919   1.00 11.22 ? 27  TYR A CD2 1 
ATOM   191 C CE1 . TYR A 1 27  ? 6.789   1.287   1.668   1.00 12.61 ? 27  TYR A CE1 1 
ATOM   192 C CE2 . TYR A 1 27  ? 6.005   2.431   3.633   1.00 12.25 ? 27  TYR A CE2 1 
ATOM   193 C CZ  . TYR A 1 27  ? 6.793   2.397   2.512   1.00 12.66 ? 27  TYR A CZ  1 
ATOM   194 O OH  . TYR A 1 27  ? 7.575   3.506   2.276   1.00 14.92 ? 27  TYR A OH  1 
ATOM   195 N N   . THR A 1 28  ? 6.117   -3.377  2.902   1.00 10.85 ? 28  THR A N   1 
ATOM   196 C CA  . THR A 1 28  ? 7.295   -3.742  2.076   1.00 12.23 ? 28  THR A CA  1 
ATOM   197 C C   . THR A 1 28  ? 6.815   -3.872  0.626   1.00 13.21 ? 28  THR A C   1 
ATOM   198 O O   . THR A 1 28  ? 5.816   -4.540  0.382   1.00 14.05 ? 28  THR A O   1 
ATOM   199 C CB  . THR A 1 28  ? 7.868   -5.077  2.541   1.00 14.54 ? 28  THR A CB  1 
ATOM   200 O OG1 . THR A 1 28  ? 8.303   -4.906  3.889   1.00 15.28 ? 28  THR A OG1 1 
ATOM   201 C CG2 . THR A 1 28  ? 9.013   -5.520  1.649   1.00 16.75 ? 28  THR A CG2 1 
ATOM   202 N N   . GLY A 1 29  ? 7.416   -3.112  -0.290  1.00 12.91 ? 29  GLY A N   1 
ATOM   203 C CA  . GLY A 1 29  ? 6.998   -3.155  -1.688  1.00 14.08 ? 29  GLY A CA  1 
ATOM   204 C C   . GLY A 1 29  ? 7.991   -3.967  -2.501  1.00 14.79 ? 29  GLY A C   1 
ATOM   205 O O   . GLY A 1 29  ? 9.211   -3.733  -2.429  1.00 16.58 ? 29  GLY A O   1 
ATOM   206 N N   . THR A 1 30  ? 7.483   -4.746  -3.430  1.00 16.25 ? 30  THR A N   1 
ATOM   207 C CA  . THR A 1 30  ? 8.349   -5.520  -4.309  1.00 17.75 ? 30  THR A CA  1 
ATOM   208 C C   . THR A 1 30  ? 7.846   -5.400  -5.732  1.00 18.91 ? 30  THR A C   1 
ATOM   209 O O   . THR A 1 30  ? 6.644   -5.225  -5.989  1.00 19.94 ? 30  THR A O   1 
ATOM   210 C CB  . THR A 1 30  ? 8.371   -7.024  -3.952  1.00 19.76 ? 30  THR A CB  1 
ATOM   211 O OG1 . THR A 1 30  ? 7.030   -7.500  -3.784  1.00 20.82 ? 30  THR A OG1 1 
ATOM   212 C CG2 . THR A 1 30  ? 9.182   -7.259  -2.687  1.00 20.31 ? 30  THR A CG2 1 
ATOM   213 N N   . LEU A 1 31  ? 8.788   -5.525  -6.659  1.00 21.64 ? 31  LEU A N   1 
ATOM   214 C CA  . LEU A 1 31  ? 8.490   -5.627  -8.080  1.00 25.01 ? 31  LEU A CA  1 
ATOM   215 C C   . LEU A 1 31  ? 8.141   -7.056  -8.404  1.00 26.35 ? 31  LEU A C   1 
ATOM   216 O O   . LEU A 1 31  ? 8.346   -7.969  -7.576  1.00 27.18 ? 31  LEU A O   1 
ATOM   217 C CB  . LEU A 1 31  ? 9.722   -5.213  -8.902  1.00 25.15 ? 31  LEU A CB  1 
ATOM   218 C CG  . LEU A 1 31  ? 10.309  -3.837  -8.606  1.00 24.66 ? 31  LEU A CG  1 
ATOM   219 C CD1 . LEU A 1 31  ? 11.556  -3.560  -9.480  1.00 26.52 ? 31  LEU A CD1 1 
ATOM   220 C CD2 . LEU A 1 31  ? 9.262   -2.735  -8.814  1.00 25.30 ? 31  LEU A CD2 1 
ATOM   221 N N   . ALA A 1 32  ? 7.732   -7.278  -9.655  1.00 29.07 ? 32  ALA A N   1 
ATOM   222 C CA  . ALA A 1 32  ? 7.276   -8.595  -10.080 1.00 31.74 ? 32  ALA A CA  1 
ATOM   223 C C   . ALA A 1 32  ? 8.403   -9.643  -10.022 1.00 33.76 ? 32  ALA A C   1 
ATOM   224 O O   . ALA A 1 32  ? 8.141   -10.832 -9.842  1.00 36.62 ? 32  ALA A O   1 
ATOM   225 C CB  . ALA A 1 32  ? 6.658   -8.538  -11.489 1.00 32.44 ? 32  ALA A CB  1 
ATOM   226 N N   . ASP A 1 33  ? 9.653   -9.195  -10.136 1.00 34.53 ? 33  ASP A N   1 
ATOM   227 C CA  . ASP A 1 33  ? 10.808  -10.107 -10.049 1.00 35.72 ? 33  ASP A CA  1 
ATOM   228 C C   . ASP A 1 33  ? 11.314  -10.278 -8.617  1.00 35.27 ? 33  ASP A C   1 
ATOM   229 O O   . ASP A 1 33  ? 12.365  -10.890 -8.387  1.00 37.14 ? 33  ASP A O   1 
ATOM   230 C CB  . ASP A 1 33  ? 11.950  -9.627  -10.941 1.00 36.45 ? 33  ASP A CB  1 
ATOM   231 C CG  . ASP A 1 33  ? 12.631  -8.378  -10.406 1.00 37.42 ? 33  ASP A CG  1 
ATOM   232 O OD1 . ASP A 1 33  ? 13.667  -7.975  -10.976 1.00 40.29 ? 33  ASP A OD1 1 
ATOM   233 O OD2 . ASP A 1 33  ? 12.146  -7.802  -9.410  1.00 35.05 ? 33  ASP A OD2 1 
ATOM   234 N N   . GLY A 1 34  ? 10.594  -9.699  -7.657  1.00 33.64 ? 34  GLY A N   1 
ATOM   235 C CA  . GLY A 1 34  ? 10.878  -9.916  -6.255  1.00 31.86 ? 34  GLY A CA  1 
ATOM   236 C C   . GLY A 1 34  ? 11.737  -8.851  -5.610  1.00 29.94 ? 34  GLY A C   1 
ATOM   237 O O   . GLY A 1 34  ? 11.939  -8.842  -4.396  1.00 29.76 ? 34  GLY A O   1 
ATOM   238 N N   . LYS A 1 35  ? 12.232  -7.935  -6.429  1.00 27.60 ? 35  LYS A N   1 
ATOM   239 C CA  . LYS A 1 35  ? 13.126  -6.896  -5.968  1.00 26.34 ? 35  LYS A CA  1 
ATOM   240 C C   . LYS A 1 35  ? 12.385  -5.991  -5.005  1.00 23.76 ? 35  LYS A C   1 
ATOM   241 O O   . LYS A 1 35  ? 11.311  -5.480  -5.333  1.00 23.99 ? 35  LYS A O   1 
ATOM   242 C CB  . LYS A 1 35  ? 13.644  -6.058  -7.131  1.00 29.55 ? 35  LYS A CB  1 
ATOM   243 C CG  . LYS A 1 35  ? 14.978  -5.423  -6.827  1.00 36.82 ? 35  LYS A CG  1 
ATOM   244 C CD  . LYS A 1 35  ? 14.823  -4.074  -6.179  1.00 40.39 ? 35  LYS A CD  1 
ATOM   245 C CE  . LYS A 1 35  ? 16.179  -3.535  -5.737  1.00 42.98 ? 35  LYS A CE  1 
ATOM   246 N NZ  . LYS A 1 35  ? 17.087  -3.326  -6.904  1.00 44.49 ? 35  LYS A NZ  1 
ATOM   247 N N   . VAL A 1 36  ? 12.975  -5.751  -3.847  1.00 22.94 ? 36  VAL A N   1 
ATOM   248 C CA  . VAL A 1 36  ? 12.356  -4.843  -2.885  1.00 20.66 ? 36  VAL A CA  1 
ATOM   249 C C   . VAL A 1 36  ? 12.769  -3.409  -3.203  1.00 22.08 ? 36  VAL A C   1 
ATOM   250 O O   . VAL A 1 36  ? 13.982  -3.108  -3.256  1.00 23.93 ? 36  VAL A O   1 
ATOM   251 C CB  . VAL A 1 36  ? 12.781  -5.220  -1.459  1.00 20.39 ? 36  VAL A CB  1 
ATOM   252 C CG1 . VAL A 1 36  ? 12.194  -4.253  -0.439  1.00 19.77 ? 36  VAL A CG1 1 
ATOM   253 C CG2 . VAL A 1 36  ? 12.366  -6.663  -1.131  1.00 23.06 ? 36  VAL A CG2 1 
ATOM   254 N N   . PHE A 1 37  ? 11.797  -2.555  -3.532  1.00 19.95 ? 37  PHE A N   1 
ATOM   255 C CA  . PHE A 1 37  ? 12.125  -1.141  -3.803  1.00 19.98 ? 37  PHE A CA  1 
ATOM   256 C C   . PHE A 1 37  ? 11.938  -0.184  -2.636  1.00 18.18 ? 37  PHE A C   1 
ATOM   257 O O   . PHE A 1 37  ? 12.429  0.948   -2.682  1.00 20.48 ? 37  PHE A O   1 
ATOM   258 C CB  . PHE A 1 37  ? 11.328  -0.623  -5.016  1.00 20.05 ? 37  PHE A CB  1 
ATOM   259 C CG  . PHE A 1 37  ? 9.832   -0.741  -4.851  1.00 19.84 ? 37  PHE A CG  1 
ATOM   260 C CD1 . PHE A 1 37  ? 9.147   -1.877  -5.299  1.00 18.84 ? 37  PHE A CD1 1 
ATOM   261 C CD2 . PHE A 1 37  ? 9.109   0.292   -4.256  1.00 18.43 ? 37  PHE A CD2 1 
ATOM   262 C CE1 . PHE A 1 37  ? 7.736   -1.988  -5.130  1.00 18.77 ? 37  PHE A CE1 1 
ATOM   263 C CE2 . PHE A 1 37  ? 7.737   0.192   -4.098  1.00 18.08 ? 37  PHE A CE2 1 
ATOM   264 C CZ  . PHE A 1 37  ? 7.052   -0.952  -4.513  1.00 18.75 ? 37  PHE A CZ  1 
ATOM   265 N N   . ASP A 1 38  ? 11.153  -0.594  -1.631  1.00 17.52 ? 38  ASP A N   1 
ATOM   266 C CA  . ASP A 1 38  ? 10.918  0.249   -0.478  1.00 17.28 ? 38  ASP A CA  1 
ATOM   267 C C   . ASP A 1 38  ? 10.381  -0.605  0.642   1.00 16.61 ? 38  ASP A C   1 
ATOM   268 O O   . ASP A 1 38  ? 9.645   -1.560  0.372   1.00 17.83 ? 38  ASP A O   1 
ATOM   269 C CB  . ASP A 1 38  ? 9.927   1.336   -0.878  1.00 16.90 ? 38  ASP A CB  1 
ATOM   270 C CG  . ASP A 1 38  ? 9.793   2.449   0.149   1.00 18.95 ? 38  ASP A CG  1 
ATOM   271 O OD1 . ASP A 1 38  ? 10.604  2.528   1.095   1.00 18.87 ? 38  ASP A OD1 1 
ATOM   272 O OD2 . ASP A 1 38  ? 8.833   3.243   0.005   1.00 17.47 ? 38  ASP A OD2 1 
ATOM   273 N N   . SER A 1 39  ? 10.747  -0.313  1.877   1.00 17.71 ? 39  SER A N   1 
ATOM   274 C CA  . SER A 1 39  ? 10.122  -0.989  3.014   1.00 17.75 ? 39  SER A CA  1 
ATOM   275 C C   . SER A 1 39  ? 10.197  -0.102  4.228   1.00 16.90 ? 39  SER A C   1 
ATOM   276 O O   . SER A 1 39  ? 11.305  0.274   4.649   1.00 19.30 ? 39  SER A O   1 
ATOM   277 C CB  . SER A 1 39  ? 10.836  -2.317  3.277   1.00 18.64 ? 39  SER A CB  1 
ATOM   278 O OG  . SER A 1 39  ? 10.297  -2.949  4.439   1.00 17.81 ? 39  SER A OG  1 
ATOM   279 N N   . SER A 1 40  ? 9.083   0.120   4.905   1.00 15.19 ? 40  SER A N   1 
ATOM   280 C CA  . SER A 1 40  ? 9.167   0.780   6.210   1.00 14.64 ? 40  SER A CA  1 
ATOM   281 C C   . SER A 1 40  ? 9.641   -0.187  7.286   1.00 14.96 ? 40  SER A C   1 
ATOM   282 O O   . SER A 1 40  ? 10.159  0.240   8.327   1.00 17.55 ? 40  SER A O   1 
ATOM   283 C CB  . SER A 1 40  ? 7.830   1.376   6.635   1.00 12.99 ? 40  SER A CB  1 
ATOM   284 O OG  . SER A 1 40  ? 6.881   0.322   6.821   1.00 12.26 ? 40  SER A OG  1 
ATOM   285 N N   . ARG A 1 41  ? 9.471   -1.489  7.068   1.00 15.58 ? 41  ARG A N   1 
ATOM   286 C CA  . ARG A 1 41  ? 9.954   -2.468  8.041   1.00 16.77 ? 41  ARG A CA  1 
ATOM   287 C C   . ARG A 1 41  ? 11.471  -2.451  8.122   1.00 18.60 ? 41  ARG A C   1 
ATOM   288 O O   . ARG A 1 41  ? 12.041  -2.478  9.203   1.00 19.38 ? 41  ARG A O   1 
ATOM   289 C CB  . ARG A 1 41  ? 9.408   -3.861  7.696   1.00 15.82 ? 41  ARG A CB  1 
ATOM   290 C CG  . ARG A 1 41  ? 7.892   -3.923  7.766   1.00 15.08 ? 41  ARG A CG  1 
ATOM   291 C CD  . ARG A 1 41  ? 7.499   -5.383  7.563   1.00 14.63 ? 41  ARG A CD  1 
ATOM   292 N NE  . ARG A 1 41  ? 6.046   -5.578  7.668   1.00 14.97 ? 41  ARG A NE  1 
ATOM   293 C CZ  . ARG A 1 41  ? 5.213   -5.533  6.631   1.00 14.52 ? 41  ARG A CZ  1 
ATOM   294 N NH1 . ARG A 1 41  ? 5.712   -5.334  5.412   1.00 15.04 ? 41  ARG A NH1 1 
ATOM   295 N NH2 . ARG A 1 41  ? 3.905   -5.743  6.795   1.00 14.50 ? 41  ARG A NH2 1 
ATOM   296 N N   . THR A 1 42  ? 12.133  -2.379  6.977   1.00 20.04 ? 42  THR A N   1 
ATOM   297 C CA  . THR A 1 42  ? 13.602  -2.297  6.963   1.00 22.62 ? 42  THR A CA  1 
ATOM   298 C C   . THR A 1 42  ? 14.079  -1.034  7.704   1.00 23.61 ? 42  THR A C   1 
ATOM   299 O O   . THR A 1 42  ? 15.013  -1.101  8.536   1.00 25.65 ? 42  THR A O   1 
ATOM   300 C CB  . THR A 1 42  ? 14.165  -2.325  5.527   1.00 24.77 ? 42  THR A CB  1 
ATOM   301 O OG1 . THR A 1 42  ? 13.601  -3.437  4.815   1.00 23.85 ? 42  THR A OG1 1 
ATOM   302 C CG2 . THR A 1 42  ? 15.692  -2.456  5.544   1.00 26.93 ? 42  THR A CG2 1 
ATOM   303 N N   . ARG A 1 43  ? 13.441  0.108   7.419   1.00 22.15 ? 43  ARG A N   1 
ATOM   304 C CA  . ARG A 1 43  ? 13.774  1.381   8.090   1.00 23.80 ? 43  ARG A CA  1 
ATOM   305 C C   . ARG A 1 43  ? 13.431  1.289   9.571   1.00 21.57 ? 43  ARG A C   1 
ATOM   306 O O   . ARG A 1 43  ? 13.979  2.023   10.379  1.00 25.41 ? 43  ARG A O   1 
ATOM   307 C CB  . ARG A 1 43  ? 12.915  2.541   7.558   1.00 27.08 ? 43  ARG A CB  1 
ATOM   308 C CG  . ARG A 1 43  ? 13.207  3.041   6.224   1.00 29.69 ? 43  ARG A CG  1 
ATOM   309 C CD  . ARG A 1 43  ? 12.576  4.416   6.099   1.00 28.22 ? 43  ARG A CD  1 
ATOM   310 N NE  . ARG A 1 43  ? 11.135  4.400   5.889   1.00 25.68 ? 43  ARG A NE  1 
ATOM   311 C CZ  . ARG A 1 43  ? 10.553  4.017   4.757   1.00 24.62 ? 43  ARG A CZ  1 
ATOM   312 N NH1 . ARG A 1 43  ? 11.282  3.588   3.746   1.00 23.27 ? 43  ARG A NH1 1 
ATOM   313 N NH2 . ARG A 1 43  ? 9.226   4.029   4.634   1.00 22.61 ? 43  ARG A NH2 1 
ATOM   314 N N   . GLY A 1 44  ? 12.453  0.455   9.909   1.00 19.28 ? 44  GLY A N   1 
ATOM   315 C CA  . GLY A 1 44  ? 12.041  0.206   11.280  1.00 18.56 ? 44  GLY A CA  1 
ATOM   316 C C   . GLY A 1 44  ? 11.035  1.178   11.869  1.00 16.55 ? 44  GLY A C   1 
ATOM   317 O O   . GLY A 1 44  ? 10.818  1.163   13.090  1.00 18.70 ? 44  GLY A O   1 
ATOM   318 N N   . LYS A 1 45  ? 10.391  1.992   11.025  1.00 16.60 ? 45  LYS A N   1 
ATOM   319 C CA  . LYS A 1 45  ? 9.500   3.017   11.531  1.00 17.27 ? 45  LYS A CA  1 
ATOM   320 C C   . LYS A 1 45  ? 8.236   3.001   10.658  1.00 15.31 ? 45  LYS A C   1 
ATOM   321 O O   . LYS A 1 45  ? 8.327   3.041   9.423   1.00 15.95 ? 45  LYS A O   1 
ATOM   322 C CB  . LYS A 1 45  ? 10.209  4.381   11.347  1.00 21.14 ? 45  LYS A CB  1 
ATOM   323 C CG  . LYS A 1 45  ? 9.379   5.595   11.593  1.00 25.18 ? 45  LYS A CG  1 
ATOM   324 C CD  . LYS A 1 45  ? 10.193  6.861   11.314  1.00 29.95 ? 45  LYS A CD  1 
ATOM   325 C CE  . LYS A 1 45  ? 9.354   8.088   11.584  1.00 34.83 ? 45  LYS A CE  1 
ATOM   326 N NZ  . LYS A 1 45  ? 10.167  9.301   11.473  1.00 37.96 ? 45  LYS A NZ  1 
ATOM   327 N N   . PRO A 1 46  ? 7.048   3.084   11.273  1.00 14.58 ? 46  PRO A N   1 
ATOM   328 C CA  . PRO A 1 46  ? 5.807   3.104   10.483  1.00 14.84 ? 46  PRO A CA  1 
ATOM   329 C C   . PRO A 1 46  ? 5.677   4.381   9.641   1.00 13.34 ? 46  PRO A C   1 
ATOM   330 O O   . PRO A 1 46  ? 6.298   5.433   9.910   1.00 16.16 ? 46  PRO A O   1 
ATOM   331 C CB  . PRO A 1 46  ? 4.691   3.062   11.548  1.00 18.27 ? 46  PRO A CB  1 
ATOM   332 C CG  . PRO A 1 46  ? 5.356   2.511   12.833  1.00 20.49 ? 46  PRO A CG  1 
ATOM   333 C CD  . PRO A 1 46  ? 6.810   3.019   12.727  1.00 17.32 ? 46  PRO A CD  1 
ATOM   334 N N   . PHE A 1 47  ? 4.835   4.283   8.624   1.00 12.26 ? 47  PHE A N   1 
ATOM   335 C CA  . PHE A 1 47  ? 4.599   5.336   7.661   1.00 12.80 ? 47  PHE A CA  1 
ATOM   336 C C   . PHE A 1 47  ? 3.162   5.804   7.789   1.00 11.41 ? 47  PHE A C   1 
ATOM   337 O O   . PHE A 1 47  ? 2.247   5.002   7.901   1.00 12.97 ? 47  PHE A O   1 
ATOM   338 C CB  . PHE A 1 47  ? 4.813   4.748   6.270   1.00 13.69 ? 47  PHE A CB  1 
ATOM   339 C CG  . PHE A 1 47  ? 4.458   5.706   5.127   1.00 14.99 ? 47  PHE A CG  1 
ATOM   340 C CD1 . PHE A 1 47  ? 3.348   5.466   4.351   1.00 15.31 ? 47  PHE A CD1 1 
ATOM   341 C CD2 . PHE A 1 47  ? 5.231   6.821   4.827   1.00 18.10 ? 47  PHE A CD2 1 
ATOM   342 C CE1 . PHE A 1 47  ? 2.994   6.312   3.282   1.00 16.84 ? 47  PHE A CE1 1 
ATOM   343 C CE2 . PHE A 1 47  ? 4.880   7.670   3.769   1.00 20.34 ? 47  PHE A CE2 1 
ATOM   344 C CZ  . PHE A 1 47  ? 3.740   7.419   3.026   1.00 19.23 ? 47  PHE A CZ  1 
ATOM   345 N N   . ARG A 1 48  ? 2.945   7.106   7.764   1.00 12.58 ? 48  ARG A N   1 
ATOM   346 C CA  . ARG A 1 48  ? 1.637   7.721   7.878   1.00 13.29 ? 48  ARG A CA  1 
ATOM   347 C C   . ARG A 1 48  ? 1.256   8.447   6.606   1.00 13.53 ? 48  ARG A C   1 
ATOM   348 O O   . ARG A 1 48  ? 2.101   9.117   6.003   1.00 15.82 ? 48  ARG A O   1 
ATOM   349 C CB  . ARG A 1 48  ? 1.640   8.754   9.036   1.00 19.20 ? 48  ARG A CB  1 
ATOM   350 C CG  . ARG A 1 48  ? 2.034   8.189   10.355  1.00 24.83 ? 48  ARG A CG  1 
ATOM   351 C CD  . ARG A 1 48  ? 2.318   9.266   11.416  1.00 29.99 ? 48  ARG A CD  1 
ATOM   352 N NE  . ARG A 1 48  ? 1.103   9.919   11.914  1.00 34.92 ? 48  ARG A NE  1 
ATOM   353 C CZ  . ARG A 1 48  ? 0.653   11.088  11.460  1.00 37.78 ? 48  ARG A CZ  1 
ATOM   354 N NH1 . ARG A 1 48  ? 1.309   11.709  10.484  1.00 39.30 ? 48  ARG A NH1 1 
ATOM   355 N NH2 . ARG A 1 48  ? -0.460  11.629  11.969  1.00 37.82 ? 48  ARG A NH2 1 
ATOM   356 N N   . PHE A 1 49  ? -0.025  8.381   6.231   1.00 12.76 ? 49  PHE A N   1 
ATOM   357 C CA  . PHE A 1 49  ? -0.500  9.171   5.090   1.00 13.62 ? 49  PHE A CA  1 
ATOM   358 C C   . PHE A 1 49  ? -1.976  9.441   5.258   1.00 13.63 ? 49  PHE A C   1 
ATOM   359 O O   . PHE A 1 49  ? -2.662  8.728   6.009   1.00 13.86 ? 49  PHE A O   1 
ATOM   360 C CB  . PHE A 1 49  ? -0.233  8.488   3.739   1.00 13.38 ? 49  PHE A CB  1 
ATOM   361 C CG  . PHE A 1 49  ? -1.092  7.282   3.470   1.00 12.29 ? 49  PHE A CG  1 
ATOM   362 C CD1 . PHE A 1 49  ? -2.176  7.357   2.593   1.00 13.73 ? 49  PHE A CD1 1 
ATOM   363 C CD2 . PHE A 1 49  ? -0.792  6.050   4.073   1.00 13.01 ? 49  PHE A CD2 1 
ATOM   364 C CE1 . PHE A 1 49  ? -2.968  6.223   2.315   1.00 12.90 ? 49  PHE A CE1 1 
ATOM   365 C CE2 . PHE A 1 49  ? -1.576  4.919   3.800   1.00 12.63 ? 49  PHE A CE2 1 
ATOM   366 C CZ  . PHE A 1 49  ? -2.667  4.999   2.931   1.00 12.93 ? 49  PHE A CZ  1 
ATOM   367 N N   . THR A 1 50  ? -2.483  10.439  4.542   1.00 15.06 ? 50  THR A N   1 
ATOM   368 C CA  . THR A 1 50  ? -3.901  10.781  4.650   1.00 15.33 ? 50  THR A CA  1 
ATOM   369 C C   . THR A 1 50  ? -4.653  10.111  3.481   1.00 15.23 ? 50  THR A C   1 
ATOM   370 O O   . THR A 1 50  ? -4.358  10.372  2.307   1.00 16.43 ? 50  THR A O   1 
ATOM   371 C CB  . THR A 1 50  ? -4.107  12.303  4.662   1.00 17.92 ? 50  THR A CB  1 
ATOM   372 O OG1 . THR A 1 50  ? -3.404  12.857  5.789   1.00 19.45 ? 50  THR A OG1 1 
ATOM   373 C CG2 . THR A 1 50  ? -5.589  12.623  4.820   1.00 19.24 ? 50  THR A CG2 1 
ATOM   374 N N   . VAL A 1 51  ? -5.593  9.221   3.809   1.00 14.98 ? 51  VAL A N   1 
ATOM   375 C CA  . VAL A 1 51  ? -6.302  8.453   2.784   1.00 16.26 ? 51  VAL A CA  1 
ATOM   376 C C   . VAL A 1 51  ? -7.062  9.379   1.820   1.00 16.57 ? 51  VAL A C   1 
ATOM   377 O O   . VAL A 1 51  ? -7.789  10.298  2.244   1.00 18.56 ? 51  VAL A O   1 
ATOM   378 C CB  . VAL A 1 51  ? -7.242  7.431   3.442   1.00 16.07 ? 51  VAL A CB  1 
ATOM   379 C CG1 . VAL A 1 51  ? -8.095  6.730   2.402   1.00 17.39 ? 51  VAL A CG1 1 
ATOM   380 C CG2 . VAL A 1 51  ? -6.416  6.430   4.212   1.00 17.64 ? 51  VAL A CG2 1 
ATOM   381 N N   . GLY A 1 52  ? -6.898  9.121   0.526   1.00 17.28 ? 52  GLY A N   1 
ATOM   382 C CA  . GLY A 1 52  ? -7.679  9.807   -0.487  1.00 20.31 ? 52  GLY A CA  1 
ATOM   383 C C   . GLY A 1 52  ? -7.042  11.109  -0.923  1.00 21.82 ? 52  GLY A C   1 
ATOM   384 O O   . GLY A 1 52  ? -7.588  11.806  -1.757  1.00 24.71 ? 52  GLY A O   1 
ATOM   385 N N   . ARG A 1 53  ? -5.879  11.452  -0.397  1.00 23.78 ? 53  ARG A N   1 
ATOM   386 C CA  . ARG A 1 53  ? -5.267  12.737  -0.737  1.00 25.43 ? 53  ARG A CA  1 
ATOM   387 C C   . ARG A 1 53  ? -4.251  12.686  -1.881  1.00 25.23 ? 53  ARG A C   1 
ATOM   388 O O   . ARG A 1 53  ? -3.714  13.721  -2.269  1.00 28.73 ? 53  ARG A O   1 
ATOM   389 C CB  . ARG A 1 53  ? -4.627  13.372  0.503   1.00 28.49 ? 53  ARG A CB  1 
ATOM   390 C CG  . ARG A 1 53  ? -5.618  13.950  1.479   1.00 32.34 ? 53  ARG A CG  1 
ATOM   391 C CD  . ARG A 1 53  ? -4.886  14.881  2.466   1.00 37.45 ? 53  ARG A CD  1 
ATOM   392 N NE  . ARG A 1 53  ? -5.777  15.833  3.135   1.00 41.69 ? 53  ARG A NE  1 
ATOM   393 C CZ  . ARG A 1 53  ? -5.379  16.711  4.051   1.00 44.40 ? 53  ARG A CZ  1 
ATOM   394 N NH1 . ARG A 1 53  ? -4.101  16.764  4.412   1.00 47.02 ? 53  ARG A NH1 1 
ATOM   395 N NH2 . ARG A 1 53  ? -6.254  17.542  4.606   1.00 47.04 ? 53  ARG A NH2 1 
ATOM   396 N N   . GLY A 1 54  ? -4.021  11.514  -2.458  1.00 22.75 ? 54  GLY A N   1 
ATOM   397 C CA  . GLY A 1 54  ? -3.028  11.392  -3.517  1.00 23.37 ? 54  GLY A CA  1 
ATOM   398 C C   . GLY A 1 54  ? -1.584  11.572  -3.071  1.00 22.41 ? 54  GLY A C   1 
ATOM   399 O O   . GLY A 1 54  ? -0.703  11.888  -3.897  1.00 24.45 ? 54  GLY A O   1 
ATOM   400 N N   . GLU A 1 55  ? -1.336  11.370  -1.777  1.00 20.51 ? 55  GLU A N   1 
ATOM   401 C CA  . GLU A 1 55  ? 0.009   11.362  -1.220  1.00 21.70 ? 55  GLU A CA  1 
ATOM   402 C C   . GLU A 1 55  ? 0.756   10.083  -1.537  1.00 19.63 ? 55  GLU A C   1 
ATOM   403 O O   . GLU A 1 55  ? 1.993   9.989   -1.329  1.00 23.14 ? 55  GLU A O   1 
ATOM   404 C CB  . GLU A 1 55  ? -0.077  11.469  0.305   1.00 22.93 ? 55  GLU A CB  1 
ATOM   405 C CG  . GLU A 1 55  ? -0.692  12.794  0.749   1.00 25.66 ? 55  GLU A CG  1 
ATOM   406 C CD  . GLU A 1 55  ? -0.896  12.889  2.259   1.00 27.91 ? 55  GLU A CD  1 
ATOM   407 O OE1 . GLU A 1 55  ? -0.599  11.915  3.026   1.00 25.66 ? 55  GLU A OE1 1 
ATOM   408 O OE2 . GLU A 1 55  ? -1.350  13.976  2.682   1.00 31.00 ? 55  GLU A OE2 1 
ATOM   409 N N   . VAL A 1 56  ? 0.008   9.088   -2.003  1.00 16.37 ? 56  VAL A N   1 
ATOM   410 C CA  . VAL A 1 56  ? 0.531   7.766   -2.290  1.00 16.51 ? 56  VAL A CA  1 
ATOM   411 C C   . VAL A 1 56  ? -0.077  7.355   -3.626  1.00 15.46 ? 56  VAL A C   1 
ATOM   412 O O   . VAL A 1 56  ? -0.987  8.040   -4.142  1.00 16.36 ? 56  VAL A O   1 
ATOM   413 C CB  . VAL A 1 56  ? 0.103   6.760   -1.190  1.00 14.91 ? 56  VAL A CB  1 
ATOM   414 C CG1 . VAL A 1 56  ? 0.789   7.109   0.136   1.00 16.99 ? 56  VAL A CG1 1 
ATOM   415 C CG2 . VAL A 1 56  ? -1.403  6.773   -1.016  1.00 15.55 ? 56  VAL A CG2 1 
ATOM   416 N N   . ILE A 1 57  ? 0.341   6.226   -4.175  1.00 14.39 ? 57  ILE A N   1 
ATOM   417 C CA  . ILE A 1 57  ? -0.255  5.758   -5.423  1.00 14.82 ? 57  ILE A CA  1 
ATOM   418 C C   . ILE A 1 57  ? -1.726  5.406   -5.224  1.00 13.32 ? 57  ILE A C   1 
ATOM   419 O O   . ILE A 1 57  ? -2.203  5.120   -4.107  1.00 13.16 ? 57  ILE A O   1 
ATOM   420 C CB  . ILE A 1 57  ? 0.508   4.532   -6.021  1.00 14.76 ? 57  ILE A CB  1 
ATOM   421 C CG1 . ILE A 1 57  ? 0.500   3.355   -5.041  1.00 13.90 ? 57  ILE A CG1 1 
ATOM   422 C CG2 . ILE A 1 57  ? 1.954   4.930   -6.411  1.00 16.96 ? 57  ILE A CG2 1 
ATOM   423 C CD1 . ILE A 1 57  ? 1.178   2.074   -5.602  1.00 16.92 ? 57  ILE A CD1 1 
ATOM   424 N N   . ARG A 1 58  ? -2.455  5.410   -6.335  1.00 14.95 ? 58  ARG A N   1 
ATOM   425 C CA  . ARG A 1 58  ? -3.888  5.165   -6.279  1.00 15.25 ? 58  ARG A CA  1 
ATOM   426 C C   . ARG A 1 58  ? -4.237  3.807   -5.662  1.00 13.70 ? 58  ARG A C   1 
ATOM   427 O O   . ARG A 1 58  ? -5.222  3.703   -4.902  1.00 13.38 ? 58  ARG A O   1 
ATOM   428 C CB  . ARG A 1 58  ? -4.500  5.314   -7.684  1.00 17.56 ? 58  ARG A CB  1 
ATOM   429 C CG  . ARG A 1 58  ? -5.995  5.110   -7.679  1.00 19.93 ? 58  ARG A CG  1 
ATOM   430 C CD  . ARG A 1 58  ? -6.572  5.397   -9.014  1.00 24.02 ? 58  ARG A CD  1 
ATOM   431 N NE  . ARG A 1 58  ? -8.027  5.341   -8.910  1.00 28.66 ? 58  ARG A NE  1 
ATOM   432 C CZ  . ARG A 1 58  ? -8.852  5.832   -9.830  1.00 31.51 ? 58  ARG A CZ  1 
ATOM   433 N NH1 . ARG A 1 58  ? -8.343  6.422   -10.907 1.00 34.23 ? 58  ARG A NH1 1 
ATOM   434 N NH2 . ARG A 1 58  ? -10.177 5.745   -9.672  1.00 33.22 ? 58  ARG A NH2 1 
ATOM   435 N N   . GLY A 1 59  ? -3.419  2.790   -5.917  1.00 12.70 ? 59  GLY A N   1 
ATOM   436 C CA  . GLY A 1 59  ? -3.686  1.479   -5.349  1.00 13.12 ? 59  GLY A CA  1 
ATOM   437 C C   . GLY A 1 59  ? -3.636  1.517   -3.825  1.00 12.10 ? 59  GLY A C   1 
ATOM   438 O O   . GLY A 1 59  ? -4.308  0.720   -3.166  1.00 12.03 ? 59  GLY A O   1 
ATOM   439 N N   . TRP A 1 60  ? -2.833  2.408   -3.254  1.00 11.33 ? 60  TRP A N   1 
ATOM   440 C CA  . TRP A 1 60  ? -2.834  2.549   -1.795  1.00 11.58 ? 60  TRP A CA  1 
ATOM   441 C C   . TRP A 1 60  ? -4.048  3.315   -1.281  1.00 11.83 ? 60  TRP A C   1 
ATOM   442 O O   . TRP A 1 60  ? -4.664  2.926   -0.290  1.00 11.66 ? 60  TRP A O   1 
ATOM   443 C CB  . TRP A 1 60  ? -1.585  3.282   -1.323  1.00 12.12 ? 60  TRP A CB  1 
ATOM   444 C CG  . TRP A 1 60  ? -0.421  2.424   -1.036  1.00 12.49 ? 60  TRP A CG  1 
ATOM   445 C CD1 . TRP A 1 60  ? 0.107   1.418   -1.808  1.00 12.17 ? 60  TRP A CD1 1 
ATOM   446 C CD2 . TRP A 1 60  ? 0.384   2.511   0.119   1.00 11.90 ? 60  TRP A CD2 1 
ATOM   447 N NE1 . TRP A 1 60  ? 1.197   0.840   -1.162  1.00 11.98 ? 60  TRP A NE1 1 
ATOM   448 C CE2 . TRP A 1 60  ? 1.390   1.520   0.017   1.00 11.65 ? 60  TRP A CE2 1 
ATOM   449 C CE3 . TRP A 1 60  ? 0.325   3.300   1.263   1.00 12.50 ? 60  TRP A CE3 1 
ATOM   450 C CZ2 . TRP A 1 60  ? 2.333   1.318   1.018   1.00 13.62 ? 60  TRP A CZ2 1 
ATOM   451 C CZ3 . TRP A 1 60  ? 1.283   3.117   2.252   1.00 13.23 ? 60  TRP A CZ3 1 
ATOM   452 C CH2 . TRP A 1 60  ? 2.265   2.123   2.127   1.00 13.25 ? 60  TRP A CH2 1 
ATOM   453 N N   . ASP A 1 61  ? -4.379  4.434   -1.919  1.00 12.31 ? 61  ASP A N   1 
ATOM   454 C CA  . ASP A 1 61  ? -5.555  5.191   -1.485  1.00 14.15 ? 61  ASP A CA  1 
ATOM   455 C C   . ASP A 1 61  ? -6.789  4.317   -1.499  1.00 15.26 ? 61  ASP A C   1 
ATOM   456 O O   . ASP A 1 61  ? -7.600  4.395   -0.581  1.00 17.34 ? 61  ASP A O   1 
ATOM   457 C CB  . ASP A 1 61  ? -5.761  6.451   -2.328  1.00 15.06 ? 61  ASP A CB  1 
ATOM   458 C CG  . ASP A 1 61  ? -5.039  7.673   -1.769  1.00 14.71 ? 61  ASP A CG  1 
ATOM   459 O OD1 . ASP A 1 61  ? -4.710  7.705   -0.567  1.00 14.41 ? 61  ASP A OD1 1 
ATOM   460 O OD2 . ASP A 1 61  ? -4.825  8.629   -2.548  1.00 17.84 ? 61  ASP A OD2 1 
ATOM   461 N N   . GLU A 1 62  ? -6.950  3.492   -2.525  1.00 13.95 ? 62  GLU A N   1 
ATOM   462 C CA  . GLU A 1 62  ? -8.116  2.614   -2.594  1.00 14.98 ? 62  GLU A CA  1 
ATOM   463 C C   . GLU A 1 62  ? -7.967  1.324   -1.799  1.00 14.62 ? 62  GLU A C   1 
ATOM   464 O O   . GLU A 1 62  ? -8.951  0.788   -1.290  1.00 18.13 ? 62  GLU A O   1 
ATOM   465 C CB  . GLU A 1 62  ? -8.428  2.266   -4.035  1.00 16.39 ? 62  GLU A CB  1 
ATOM   466 C CG  . GLU A 1 62  ? -8.793  3.480   -4.839  1.00 21.30 ? 62  GLU A CG  1 
ATOM   467 C CD  . GLU A 1 62  ? -9.403  3.146   -6.171  1.00 25.70 ? 62  GLU A CD  1 
ATOM   468 O OE1 . GLU A 1 62  ? -9.831  1.991   -6.416  1.00 26.14 ? 62  GLU A OE1 1 
ATOM   469 O OE2 . GLU A 1 62  ? -9.450  4.077   -6.981  1.00 28.36 ? 62  GLU A OE2 1 
ATOM   470 N N   . GLY A 1 63  ? -6.751  0.778   -1.747  1.00 12.77 ? 63  GLY A N   1 
ATOM   471 C CA  . GLY A 1 63  ? -6.514  -0.512  -1.131  1.00 12.82 ? 63  GLY A CA  1 
ATOM   472 C C   . GLY A 1 63  ? -6.475  -0.421  0.375   1.00 10.67 ? 63  GLY A C   1 
ATOM   473 O O   . GLY A 1 63  ? -7.041  -1.261  1.065   1.00 12.49 ? 63  GLY A O   1 
ATOM   474 N N   . VAL A 1 64  ? -5.758  0.569   0.909   1.00 10.56 ? 64  VAL A N   1 
ATOM   475 C CA  . VAL A 1 64  ? -5.657  0.671   2.372   1.00 10.47 ? 64  VAL A CA  1 
ATOM   476 C C   . VAL A 1 64  ? -7.039  0.975   2.977   1.00 11.46 ? 64  VAL A C   1 
ATOM   477 O O   . VAL A 1 64  ? -7.351  0.553   4.094   1.00 12.03 ? 64  VAL A O   1 
ATOM   478 C CB  . VAL A 1 64  ? -4.584  1.685   2.783   1.00 10.59 ? 64  VAL A CB  1 
ATOM   479 C CG1 . VAL A 1 64  ? -4.563  1.867   4.313   1.00 13.20 ? 64  VAL A CG1 1 
ATOM   480 C CG2 . VAL A 1 64  ? -3.216  1.172   2.312   1.00 11.57 ? 64  VAL A CG2 1 
ATOM   481 N N   . ALA A 1 65  ? -7.867  1.715   2.253   1.00 12.22 ? 65  ALA A N   1 
ATOM   482 C CA  . ALA A 1 65  ? -9.254  1.953   2.651   1.00 14.09 ? 65  ALA A CA  1 
ATOM   483 C C   . ALA A 1 65  ? -10.062 0.657   2.863   1.00 15.78 ? 65  ALA A C   1 
ATOM   484 O O   . ALA A 1 65  ? -11.039 0.667   3.588   1.00 17.44 ? 65  ALA A O   1 
ATOM   485 C CB  . ALA A 1 65  ? -9.930  2.853   1.624   1.00 16.45 ? 65  ALA A CB  1 
ATOM   486 N N   . GLN A 1 66  ? -9.651  -0.442  2.232   1.00 15.01 ? 66  GLN A N   1 
ATOM   487 C CA  . GLN A 1 66  ? -10.343 -1.724  2.363   1.00 16.39 ? 66  GLN A CA  1 
ATOM   488 C C   . GLN A 1 66  ? -9.881  -2.497  3.576   1.00 16.22 ? 66  GLN A C   1 
ATOM   489 O O   . GLN A 1 66  ? -10.439 -3.542  3.883   1.00 19.17 ? 66  GLN A O   1 
ATOM   490 C CB  . GLN A 1 66  ? -10.099 -2.607  1.117   1.00 16.43 ? 66  GLN A CB  1 
ATOM   491 C CG  . GLN A 1 66  ? -10.634 -1.995  -0.144  1.00 17.02 ? 66  GLN A CG  1 
ATOM   492 C CD  . GLN A 1 66  ? -10.311 -2.818  -1.363  1.00 17.12 ? 66  GLN A CD  1 
ATOM   493 O OE1 . GLN A 1 66  ? -10.341 -4.068  -1.348  1.00 19.71 ? 66  GLN A OE1 1 
ATOM   494 N NE2 . GLN A 1 66  ? -10.002 -2.138  -2.420  1.00 18.74 ? 66  GLN A NE2 1 
ATOM   495 N N   . MET A 1 67  ? -8.856  -1.997  4.280   1.00 13.64 ? 67  MET A N   1 
ATOM   496 C CA  . MET A 1 67  ? -8.260  -2.733  5.387   1.00 13.70 ? 67  MET A CA  1 
ATOM   497 C C   . MET A 1 67  ? -8.806  -2.240  6.708   1.00 13.87 ? 67  MET A C   1 
ATOM   498 O O   . MET A 1 67  ? -9.121  -1.054  6.853   1.00 15.37 ? 67  MET A O   1 
ATOM   499 C CB  . MET A 1 67  ? -6.735  -2.522  5.406   1.00 12.10 ? 67  MET A CB  1 
ATOM   500 C CG  . MET A 1 67  ? -6.103  -3.123  4.114   1.00 13.02 ? 67  MET A CG  1 
ATOM   501 S SD  . MET A 1 67  ? -4.302  -2.937  4.114   1.00 12.11 ? 67  MET A SD  1 
ATOM   502 C CE  . MET A 1 67  ? -3.830  -3.987  5.502   1.00 12.40 ? 67  MET A CE  1 
ATOM   503 N N   . SER A 1 68  ? -8.905  -3.153  7.677   1.00 15.18 ? 68  SER A N   1 
ATOM   504 C CA  . SER A 1 68  ? -9.270  -2.738  9.036   1.00 14.97 ? 68  SER A CA  1 
ATOM   505 C C   . SER A 1 68  ? -8.050  -2.863  9.947   1.00 14.31 ? 68  SER A C   1 
ATOM   506 O O   . SER A 1 68  ? -7.068  -3.511  9.625   1.00 14.01 ? 68  SER A O   1 
ATOM   507 C CB  . SER A 1 68  ? -10.450 -3.566  9.587   1.00 17.75 ? 68  SER A CB  1 
ATOM   508 O OG  . SER A 1 68  ? -10.130 -4.922  9.648   1.00 19.84 ? 68  SER A OG  1 
ATOM   509 N N   . VAL A 1 69  ? -8.101  -2.153  11.066  1.00 14.22 ? 69  VAL A N   1 
ATOM   510 C CA  . VAL A 1 69  ? -6.934  -2.085  11.939  1.00 14.44 ? 69  VAL A CA  1 
ATOM   511 C C   . VAL A 1 69  ? -6.520  -3.463  12.409  1.00 14.86 ? 69  VAL A C   1 
ATOM   512 O O   . VAL A 1 69  ? -7.364  -4.281  12.825  1.00 16.17 ? 69  VAL A O   1 
ATOM   513 C CB  . VAL A 1 69  ? -7.207  -1.178  13.147  1.00 16.96 ? 69  VAL A CB  1 
ATOM   514 C CG1 . VAL A 1 69  ? -6.108  -1.337  14.207  1.00 19.36 ? 69  VAL A CG1 1 
ATOM   515 C CG2 . VAL A 1 69  ? -7.318  0.237   12.650  1.00 19.19 ? 69  VAL A CG2 1 
ATOM   516 N N   . GLY A 1 70  ? -5.220  -3.733  12.319  1.00 13.54 ? 70  GLY A N   1 
ATOM   517 C CA  . GLY A 1 70  ? -4.660  -5.019  12.626  1.00 14.74 ? 70  GLY A CA  1 
ATOM   518 C C   . GLY A 1 70  ? -4.529  -5.933  11.422  1.00 15.25 ? 70  GLY A C   1 
ATOM   519 O O   . GLY A 1 70  ? -3.812  -6.951  11.483  1.00 17.04 ? 70  GLY A O   1 
ATOM   520 N N   . GLN A 1 71  ? -5.188  -5.579  10.320  1.00 13.27 ? 71  GLN A N   1 
ATOM   521 C CA  . GLN A 1 71  ? -5.140  -6.429  9.142   1.00 13.81 ? 71  GLN A CA  1 
ATOM   522 C C   . GLN A 1 71  ? -3.758  -6.355  8.485   1.00 12.04 ? 71  GLN A C   1 
ATOM   523 O O   . GLN A 1 71  ? -3.117  -5.294  8.428   1.00 12.06 ? 71  GLN A O   1 
ATOM   524 C CB  . GLN A 1 71  ? -6.182  -5.996  8.131   1.00 14.75 ? 71  GLN A CB  1 
ATOM   525 C CG  . GLN A 1 71  ? -6.334  -7.013  6.977   1.00 15.75 ? 71  GLN A CG  1 
ATOM   526 C CD  . GLN A 1 71  ? -7.469  -6.638  6.045   1.00 16.45 ? 71  GLN A CD  1 
ATOM   527 O OE1 . GLN A 1 71  ? -8.225  -5.711  6.324   1.00 17.17 ? 71  GLN A OE1 1 
ATOM   528 N NE2 . GLN A 1 71  ? -7.625  -7.381  4.934   1.00 18.32 ? 71  GLN A NE2 1 
ATOM   529 N N   . ARG A 1 72  ? -3.302  -7.492  7.987   1.00 12.73 ? 72  ARG A N   1 
ATOM   530 C CA  . ARG A 1 72  ? -2.131  -7.555  7.124   1.00 11.90 ? 72  ARG A CA  1 
ATOM   531 C C   . ARG A 1 72  ? -2.639  -8.079  5.780   1.00 11.81 ? 72  ARG A C   1 
ATOM   532 O O   . ARG A 1 72  ? -3.405  -9.030  5.741   1.00 14.05 ? 72  ARG A O   1 
ATOM   533 C CB  . ARG A 1 72  ? -1.079  -8.486  7.696   1.00 14.03 ? 72  ARG A CB  1 
ATOM   534 C CG  . ARG A 1 72  ? 0.215   -8.417  6.953   1.00 14.37 ? 72  ARG A CG  1 
ATOM   535 C CD  . ARG A 1 72  ? 1.261   -9.233  7.707   1.00 18.13 ? 72  ARG A CD  1 
ATOM   536 N NE  . ARG A 1 72  ? 2.538   -9.177  7.020   1.00 20.77 ? 72  ARG A NE  1 
ATOM   537 C CZ  . ARG A 1 72  ? 3.620   -9.791  7.467   1.00 24.81 ? 72  ARG A CZ  1 
ATOM   538 N NH1 . ARG A 1 72  ? 3.551   -10.492 8.598   1.00 26.64 ? 72  ARG A NH1 1 
ATOM   539 N NH2 . ARG A 1 72  ? 4.758   -9.696  6.792   1.00 26.33 ? 72  ARG A NH2 1 
ATOM   540 N N   . ALA A 1 73  ? -2.244  -7.431  4.682   1.00 11.20 ? 73  ALA A N   1 
ATOM   541 C CA  . ALA A 1 73  ? -2.725  -7.786  3.351   1.00 11.86 ? 73  ALA A CA  1 
ATOM   542 C C   . ALA A 1 73  ? -1.674  -7.534  2.335   1.00 13.10 ? 73  ALA A C   1 
ATOM   543 O O   . ALA A 1 73  ? -0.833  -6.636  2.469   1.00 14.29 ? 73  ALA A O   1 
ATOM   544 C CB  . ALA A 1 73  ? -3.915  -6.956  3.023   1.00 12.22 ? 73  ALA A CB  1 
ATOM   545 N N   . LYS A 1 74  ? -1.812  -8.245  1.228   1.00 13.85 ? 74  LYS A N   1 
ATOM   546 C CA  . LYS A 1 74  ? -1.013  -7.963  0.087   1.00 16.13 ? 74  LYS A CA  1 
ATOM   547 C C   . LYS A 1 74  ? -1.865  -7.077  -0.830  1.00 15.15 ? 74  LYS A C   1 
ATOM   548 O O   . LYS A 1 74  ? -3.000  -7.447  -1.174  1.00 17.14 ? 74  LYS A O   1 
ATOM   549 C CB  . LYS A 1 74  ? -0.701  -9.314  -0.566  1.00 23.31 ? 74  LYS A CB  1 
ATOM   550 C CG  . LYS A 1 74  ? 0.291   -9.207  -1.661  1.00 26.31 ? 74  LYS A CG  1 
ATOM   551 C CD  . LYS A 1 74  ? 1.012   -10.523 -1.867  1.00 27.51 ? 74  LYS A CD  1 
ATOM   552 C CE  . LYS A 1 74  ? 0.044   -11.579 -2.328  1.00 25.96 ? 74  LYS A CE  1 
ATOM   553 N NZ  . LYS A 1 74  ? 0.751   -12.770 -3.012  1.00 26.18 ? 74  LYS A NZ  1 
ATOM   554 N N   . LEU A 1 75  ? -1.339  -5.898  -1.195  1.00 14.75 ? 75  LEU A N   1 
ATOM   555 C CA  . LEU A 1 75  ? -1.948  -4.968  -2.146  1.00 14.47 ? 75  LEU A CA  1 
ATOM   556 C C   . LEU A 1 75  ? -1.235  -5.121  -3.473  1.00 14.61 ? 75  LEU A C   1 
ATOM   557 O O   . LEU A 1 75  ? -0.070  -4.753  -3.595  1.00 16.80 ? 75  LEU A O   1 
ATOM   558 C CB  . LEU A 1 75  ? -1.880  -3.498  -1.691  1.00 15.17 ? 75  LEU A CB  1 
ATOM   559 C CG  . LEU A 1 75  ? -2.892  -2.990  -0.663  1.00 17.66 ? 75  LEU A CG  1 
ATOM   560 C CD1 . LEU A 1 75  ? -3.056  -3.846  0.580   1.00 20.75 ? 75  LEU A CD1 1 
ATOM   561 C CD2 . LEU A 1 75  ? -2.549  -1.528  -0.357  1.00 18.05 ? 75  LEU A CD2 1 
ATOM   562 N N   . VAL A 1 76  ? -1.941  -5.657  -4.458  1.00 14.82 ? 76  VAL A N   1 
ATOM   563 C CA  . VAL A 1 76  ? -1.355  -5.861  -5.770  1.00 16.39 ? 76  VAL A CA  1 
ATOM   564 C C   . VAL A 1 76  ? -1.891  -4.732  -6.683  1.00 16.12 ? 76  VAL A C   1 
ATOM   565 O O   . VAL A 1 76  ? -3.099  -4.637  -6.970  1.00 18.05 ? 76  VAL A O   1 
ATOM   566 C CB  . VAL A 1 76  ? -1.701  -7.235  -6.302  1.00 19.75 ? 76  VAL A CB  1 
ATOM   567 C CG1 . VAL A 1 76  ? -1.020  -7.429  -7.661  1.00 22.36 ? 76  VAL A CG1 1 
ATOM   568 C CG2 . VAL A 1 76  ? -1.228  -8.315  -5.315  1.00 22.17 ? 76  VAL A CG2 1 
ATOM   569 N N   . CYS A 1 77  ? -0.981  -3.848  -7.069  1.00 15.98 ? 77  CYS A N   1 
ATOM   570 C CA  . CYS A 1 77  ? -1.322  -2.601  -7.741  1.00 16.06 ? 77  CYS A CA  1 
ATOM   571 C C   . CYS A 1 77  ? -0.874  -2.678  -9.174  1.00 16.36 ? 77  CYS A C   1 
ATOM   572 O O   . CYS A 1 77  ? 0.337   -2.752  -9.474  1.00 17.87 ? 77  CYS A O   1 
ATOM   573 C CB  . CYS A 1 77  ? -0.621  -1.414  -7.080  1.00 14.65 ? 77  CYS A CB  1 
ATOM   574 S SG  . CYS A 1 77  ? -0.998  -1.230  -5.316  1.00 14.47 ? 77  CYS A SG  1 
ATOM   575 N N   . SER A 1 78  ? -1.853  -2.688  -10.055 1.00 19.34 ? 78  SER A N   1 
ATOM   576 C CA  . SER A 1 78  ? -1.553  -2.696  -11.481 1.00 21.40 ? 78  SER A CA  1 
ATOM   577 C C   . SER A 1 78  ? -0.870  -1.373  -11.877 1.00 21.10 ? 78  SER A C   1 
ATOM   578 O O   . SER A 1 78  ? -0.940  -0.359  -11.160 1.00 20.60 ? 78  SER A O   1 
ATOM   579 C CB  . SER A 1 78  ? -2.844  -2.888  -12.277 1.00 22.59 ? 78  SER A CB  1 
ATOM   580 O OG  . SER A 1 78  ? -3.648  -1.721  -12.185 1.00 24.29 ? 78  SER A OG  1 
ATOM   581 N N   . PRO A 1 79  ? -0.228  -1.353  -13.056 1.00 23.48 ? 79  PRO A N   1 
ATOM   582 C CA  . PRO A 1 79  ? 0.502   -0.110  -13.351 1.00 23.65 ? 79  PRO A CA  1 
ATOM   583 C C   . PRO A 1 79  ? -0.396  1.128   -13.392 1.00 24.73 ? 79  PRO A C   1 
ATOM   584 O O   . PRO A 1 79  ? 0.030   2.192   -12.976 1.00 24.34 ? 79  PRO A O   1 
ATOM   585 C CB  . PRO A 1 79  ? 1.152   -0.382  -14.720 1.00 26.93 ? 79  PRO A CB  1 
ATOM   586 C CG  . PRO A 1 79  ? 1.252   -1.869  -14.815 1.00 28.42 ? 79  PRO A CG  1 
ATOM   587 C CD  . PRO A 1 79  ? 0.114   -2.449  -13.987 1.00 25.81 ? 79  PRO A CD  1 
ATOM   588 N N   . ASP A 1 80  ? -1.633  0.992   -13.852 1.00 22.65 ? 80  ASP A N   1 
ATOM   589 C CA  . ASP A 1 80  ? -2.524  2.152   -13.887 1.00 23.31 ? 80  ASP A CA  1 
ATOM   590 C C   . ASP A 1 80  ? -2.781  2.708   -12.482 1.00 21.28 ? 80  ASP A C   1 
ATOM   591 O O   . ASP A 1 80  ? -3.181  3.861   -12.335 1.00 21.68 ? 80  ASP A O   1 
ATOM   592 C CB  . ASP A 1 80  ? -3.875  1.804   -14.535 1.00 27.08 ? 80  ASP A CB  1 
ATOM   593 C CG  . ASP A 1 80  ? -3.795  1.626   -16.039 1.00 33.99 ? 80  ASP A CG  1 
ATOM   594 O OD1 . ASP A 1 80  ? -4.752  1.028   -16.593 1.00 36.71 ? 80  ASP A OD1 1 
ATOM   595 O OD2 . ASP A 1 80  ? -2.823  2.095   -16.664 1.00 35.55 ? 80  ASP A OD2 1 
ATOM   596 N N   . TYR A 1 81  ? -2.673  1.846   -11.475 1.00 18.50 ? 81  TYR A N   1 
ATOM   597 C CA  . TYR A 1 81  ? -2.867  2.225   -10.068 1.00 18.02 ? 81  TYR A CA  1 
ATOM   598 C C   . TYR A 1 81  ? -1.544  2.478   -9.354  1.00 17.52 ? 81  TYR A C   1 
ATOM   599 O O   . TYR A 1 81  ? -1.505  2.509   -8.092  1.00 16.50 ? 81  TYR A O   1 
ATOM   600 C CB  . TYR A 1 81  ? -3.765  1.228   -9.320  1.00 20.32 ? 81  TYR A CB  1 
ATOM   601 C CG  . TYR A 1 81  ? -5.226  1.460   -9.625  1.00 23.67 ? 81  TYR A CG  1 
ATOM   602 C CD1 . TYR A 1 81  ? -5.670  1.612   -10.935 1.00 27.59 ? 81  TYR A CD1 1 
ATOM   603 C CD2 . TYR A 1 81  ? -6.163  1.554   -8.595  1.00 24.04 ? 81  TYR A CD2 1 
ATOM   604 C CE1 . TYR A 1 81  ? -6.994  1.835   -11.222 1.00 29.53 ? 81  TYR A CE1 1 
ATOM   605 C CE2 . TYR A 1 81  ? -7.515  1.764   -8.872  1.00 26.78 ? 81  TYR A CE2 1 
ATOM   606 C CZ  . TYR A 1 81  ? -7.905  1.923   -10.207 1.00 27.59 ? 81  TYR A CZ  1 
ATOM   607 O OH  . TYR A 1 81  ? -9.214  2.133   -10.537 1.00 31.10 ? 81  TYR A OH  1 
ATOM   608 N N   . ALA A 1 82  ? -0.440  2.476   -10.093 1.00 19.20 ? 82  ALA A N   1 
ATOM   609 C CA  . ALA A 1 82  ? 0.820   2.812   -9.412  1.00 20.36 ? 82  ALA A CA  1 
ATOM   610 C C   . ALA A 1 82  ? 1.643   3.918   -10.111 1.00 21.82 ? 82  ALA A C   1 
ATOM   611 O O   . ALA A 1 82  ? 1.206   5.075   -10.105 1.00 24.01 ? 82  ALA A O   1 
ATOM   612 C CB  . ALA A 1 82  ? 1.662   1.502   -9.345  1.00 19.83 ? 82  ALA A CB  1 
ATOM   613 N N   . TYR A 1 83  ? 2.671   3.540   -10.888 1.00 22.25 ? 83  TYR A N   1 
ATOM   614 C CA  . TYR A 1 83  ? 3.483   4.488   -11.672 1.00 22.76 ? 83  TYR A CA  1 
ATOM   615 C C   . TYR A 1 83  ? 3.283   4.488   -13.175 1.00 24.60 ? 83  TYR A C   1 
ATOM   616 O O   . TYR A 1 83  ? 4.010   5.209   -13.900 1.00 26.57 ? 83  TYR A O   1 
ATOM   617 C CB  . TYR A 1 83  ? 4.968   4.415   -11.286 1.00 23.47 ? 83  TYR A CB  1 
ATOM   618 C CG  . TYR A 1 83  ? 5.204   4.715   -9.815  1.00 23.64 ? 83  TYR A CG  1 
ATOM   619 C CD1 . TYR A 1 83  ? 5.208   3.713   -8.880  1.00 23.02 ? 83  TYR A CD1 1 
ATOM   620 C CD2 . TYR A 1 83  ? 5.397   6.024   -9.372  1.00 27.74 ? 83  TYR A CD2 1 
ATOM   621 C CE1 . TYR A 1 83  ? 5.428   3.986   -7.542  1.00 23.92 ? 83  TYR A CE1 1 
ATOM   622 C CE2 . TYR A 1 83  ? 5.599   6.309   -8.042  1.00 28.02 ? 83  TYR A CE2 1 
ATOM   623 C CZ  . TYR A 1 83  ? 5.616   5.282   -7.133  1.00 26.73 ? 83  TYR A CZ  1 
ATOM   624 O OH  . TYR A 1 83  ? 5.815   5.547   -5.812  1.00 28.42 ? 83  TYR A OH  1 
ATOM   625 N N   . GLY A 1 84  ? 2.415   3.614   -13.676 1.00 25.97 ? 84  GLY A N   1 
ATOM   626 C CA  . GLY A 1 84  ? 2.100   3.661   -15.106 1.00 27.89 ? 84  GLY A CA  1 
ATOM   627 C C   . GLY A 1 84  ? 3.298   3.341   -16.004 1.00 28.07 ? 84  GLY A C   1 
ATOM   628 O O   . GLY A 1 84  ? 4.297   2.790   -15.557 1.00 27.88 ? 84  GLY A O   1 
ATOM   629 N N   . SER A 1 85  ? 3.220   3.712   -17.291 1.00 28.12 ? 85  SER A N   1 
ATOM   630 C CA  . SER A 1 85  ? 4.324   3.471   -18.228 1.00 27.85 ? 85  SER A CA  1 
ATOM   631 C C   . SER A 1 85  ? 5.555   4.320   -17.881 1.00 27.07 ? 85  SER A C   1 
ATOM   632 O O   . SER A 1 85  ? 6.649   3.984   -18.276 1.00 26.98 ? 85  SER A O   1 
ATOM   633 C CB  . SER A 1 85  ? 3.919   3.680   -19.705 1.00 28.20 ? 85  SER A CB  1 
ATOM   634 O OG  A SER A 1 85  ? 2.855   2.834   -20.125 0.44 28.92 ? 85  SER A OG  1 
ATOM   635 O OG  B SER A 1 85  ? 3.659   5.032   -19.945 0.56 28.67 ? 85  SER A OG  1 
ATOM   636 N N   . ARG A 1 86  ? 5.375   5.386   -17.113 1.00 25.81 ? 86  ARG A N   1 
ATOM   637 C CA  . ARG A 1 86  ? 6.481   6.275   -16.746 1.00 27.92 ? 86  ARG A CA  1 
ATOM   638 C C   . ARG A 1 86  ? 7.460   5.693   -15.709 1.00 26.47 ? 86  ARG A C   1 
ATOM   639 O O   . ARG A 1 86  ? 8.696   5.882   -15.737 1.00 26.67 ? 86  ARG A O   1 
ATOM   640 C CB  . ARG A 1 86  ? 5.896   7.547   -16.179 1.00 32.86 ? 86  ARG A CB  1 
ATOM   641 C CG  . ARG A 1 86  ? 6.894   8.645   -15.970 1.00 37.27 ? 86  ARG A CG  1 
ATOM   642 C CD  . ARG A 1 86  ? 6.582   9.779   -16.913 1.00 41.87 ? 86  ARG A CD  1 
ATOM   643 N NE  . ARG A 1 86  ? 5.152   10.087  -16.932 1.00 45.20 ? 86  ARG A NE  1 
ATOM   644 C CZ  . ARG A 1 86  ? 4.570   10.877  -17.833 1.00 47.88 ? 86  ARG A CZ  1 
ATOM   645 N NH1 . ARG A 1 86  ? 5.297   11.450  -18.784 1.00 48.15 ? 86  ARG A NH1 1 
ATOM   646 N NH2 . ARG A 1 86  ? 3.257   11.097  -17.777 1.00 49.66 ? 86  ARG A NH2 1 
ATOM   647 N N   . GLY A 1 87  ? 6.918   4.966   -14.749 1.00 27.32 ? 87  GLY A N   1 
ATOM   648 C CA  . GLY A 1 87  ? 7.786   4.414   -13.716 1.00 28.79 ? 87  GLY A CA  1 
ATOM   649 C C   . GLY A 1 87  ? 8.282   5.540   -12.827 1.00 27.94 ? 87  GLY A C   1 
ATOM   650 O O   . GLY A 1 87  ? 7.681   6.611   -12.772 1.00 29.44 ? 87  GLY A O   1 
ATOM   651 N N   . HIS A 1 88  ? 9.334   5.271   -12.069 1.00 30.25 ? 88  HIS A N   1 
ATOM   652 C CA  . HIS A 1 88  ? 9.980   6.251   -11.207 1.00 30.54 ? 88  HIS A CA  1 
ATOM   653 C C   . HIS A 1 88  ? 11.505  6.111   -11.269 1.00 29.96 ? 88  HIS A C   1 
ATOM   654 O O   . HIS A 1 88  ? 12.048  5.293   -10.547 1.00 31.87 ? 88  HIS A O   1 
ATOM   655 C CB  . HIS A 1 88  ? 9.489   6.190   -9.756  1.00 34.05 ? 88  HIS A CB  1 
ATOM   656 C CG  . HIS A 1 88  ? 10.018  7.307   -8.913  1.00 36.64 ? 88  HIS A CG  1 
ATOM   657 N ND1 . HIS A 1 88  ? 11.348  7.397   -8.555  1.00 38.88 ? 88  HIS A ND1 1 
ATOM   658 C CD2 . HIS A 1 88  ? 9.406   8.380   -8.357  1.00 38.95 ? 88  HIS A CD2 1 
ATOM   659 C CE1 . HIS A 1 88  ? 11.537  8.488   -7.833  1.00 40.21 ? 88  HIS A CE1 1 
ATOM   660 N NE2 . HIS A 1 88  ? 10.370  9.094   -7.684  1.00 41.42 ? 88  HIS A NE2 1 
ATOM   661 N N   . PRO A 1 89  ? 12.196  6.848   -12.159 1.00 27.29 ? 89  PRO A N   1 
ATOM   662 C CA  . PRO A 1 89  ? 13.613  6.520   -12.401 1.00 28.83 ? 89  PRO A CA  1 
ATOM   663 C C   . PRO A 1 89  ? 14.448  6.333   -11.142 1.00 33.66 ? 89  PRO A C   1 
ATOM   664 O O   . PRO A 1 89  ? 14.459  7.212   -10.273 1.00 36.69 ? 89  PRO A O   1 
ATOM   665 C CB  . PRO A 1 89  ? 14.130  7.779   -13.108 1.00 28.42 ? 89  PRO A CB  1 
ATOM   666 C CG  . PRO A 1 89  ? 12.929  8.259   -13.848 1.00 28.05 ? 89  PRO A CG  1 
ATOM   667 C CD  . PRO A 1 89  ? 11.776  8.044   -12.911 1.00 27.87 ? 89  PRO A CD  1 
ATOM   668 N N   . GLY A 1 90  ? 15.202  5.235   -11.109 1.00 33.02 ? 90  GLY A N   1 
ATOM   669 C CA  . GLY A 1 90  ? 16.103  4.908   -10.003 1.00 33.52 ? 90  GLY A CA  1 
ATOM   670 C C   . GLY A 1 90  ? 15.429  4.176   -8.853  1.00 34.21 ? 90  GLY A C   1 
ATOM   671 O O   . GLY A 1 90  ? 16.065  3.806   -7.848  1.00 34.63 ? 90  GLY A O   1 
ATOM   672 N N   . VAL A 1 91  ? 14.118  4.003   -8.986  1.00 32.90 ? 91  VAL A N   1 
ATOM   673 C CA  . VAL A 1 91  ? 13.302  3.283   -8.015  1.00 31.87 ? 91  VAL A CA  1 
ATOM   674 C C   . VAL A 1 91  ? 12.389  2.257   -8.691  1.00 30.74 ? 91  VAL A C   1 
ATOM   675 O O   . VAL A 1 91  ? 12.389  1.070   -8.309  1.00 31.69 ? 91  VAL A O   1 
ATOM   676 C CB  . VAL A 1 91  ? 12.533  4.209   -7.031  1.00 32.80 ? 91  VAL A CB  1 
ATOM   677 C CG1 . VAL A 1 91  ? 11.775  3.363   -5.997  1.00 32.73 ? 91  VAL A CG1 1 
ATOM   678 C CG2 . VAL A 1 91  ? 13.507  5.159   -6.338  1.00 34.19 ? 91  VAL A CG2 1 
ATOM   679 N N   . ILE A 1 92  ? 11.509  2.732   -9.583  1.00 30.09 ? 92  ILE A N   1 
ATOM   680 C CA  . ILE A 1 92  ? 10.522  1.842   -10.214 1.00 28.86 ? 92  ILE A CA  1 
ATOM   681 C C   . ILE A 1 92  ? 10.627  1.895   -11.750 1.00 30.01 ? 92  ILE A C   1 
ATOM   682 O O   . ILE A 1 92  ? 10.547  2.992   -12.330 1.00 30.50 ? 92  ILE A O   1 
ATOM   683 C CB  . ILE A 1 92  ? 9.084   2.364   -9.879  1.00 27.56 ? 92  ILE A CB  1 
ATOM   684 C CG1 . ILE A 1 92  ? 8.910   2.679   -8.380  1.00 27.41 ? 92  ILE A CG1 1 
ATOM   685 C CG2 . ILE A 1 92  ? 7.995   1.441   -10.459 1.00 26.78 ? 92  ILE A CG2 1 
ATOM   686 C CD1 . ILE A 1 92  ? 8.887   1.466   -7.496  1.00 28.35 ? 92  ILE A CD1 1 
ATOM   687 N N   . PRO A 1 93  ? 10.603  0.725   -12.425 1.00 29.25 ? 93  PRO A N   1 
ATOM   688 C CA  . PRO A 1 93  ? 10.634  0.638   -13.909 1.00 31.94 ? 93  PRO A CA  1 
ATOM   689 C C   . PRO A 1 93  ? 9.284   0.910   -14.548 1.00 31.51 ? 93  PRO A C   1 
ATOM   690 O O   . PRO A 1 93  ? 8.257   0.928   -13.890 1.00 32.31 ? 93  PRO A O   1 
ATOM   691 C CB  . PRO A 1 93  ? 11.098  -0.796  -14.184 1.00 32.76 ? 93  PRO A CB  1 
ATOM   692 C CG  . PRO A 1 93  ? 10.664  -1.565  -12.966 1.00 32.87 ? 93  PRO A CG  1 
ATOM   693 C CD  . PRO A 1 93  ? 10.652  -0.603  -11.774 1.00 31.46 ? 93  PRO A CD  1 
ATOM   694 N N   . PRO A 1 94  ? 9.271   1.172   -15.850 1.00 31.59 ? 94  PRO A N   1 
ATOM   695 C CA  . PRO A 1 94  ? 7.989   1.404   -16.544 1.00 32.02 ? 94  PRO A CA  1 
ATOM   696 C C   . PRO A 1 94  ? 6.992   0.219   -16.497 1.00 31.60 ? 94  PRO A C   1 
ATOM   697 O O   . PRO A 1 94  ? 7.419   -0.928  -16.472 1.00 34.03 ? 94  PRO A O   1 
ATOM   698 C CB  . PRO A 1 94  ? 8.436   1.711   -17.987 1.00 33.73 ? 94  PRO A CB  1 
ATOM   699 C CG  . PRO A 1 94  ? 9.830   2.224   -17.802 1.00 33.44 ? 94  PRO A CG  1 
ATOM   700 C CD  . PRO A 1 94  ? 10.437  1.408   -16.720 1.00 32.76 ? 94  PRO A CD  1 
ATOM   701 N N   . ASN A 1 95  ? 5.681   0.500   -16.469 1.00 28.27 ? 95  ASN A N   1 
ATOM   702 C CA  . ASN A 1 95  ? 4.647   -0.553  -16.561 1.00 27.80 ? 95  ASN A CA  1 
ATOM   703 C C   . ASN A 1 95  ? 4.768   -1.649  -15.498 1.00 28.42 ? 95  ASN A C   1 
ATOM   704 O O   . ASN A 1 95  ? 4.477   -2.817  -15.766 1.00 30.36 ? 95  ASN A O   1 
ATOM   705 C CB  . ASN A 1 95  ? 4.585   -1.201  -17.979 1.00 29.04 ? 95  ASN A CB  1 
ATOM   706 C CG  . ASN A 1 95  ? 3.694   -0.421  -18.964 1.00 29.68 ? 95  ASN A CG  1 
ATOM   707 O OD1 . ASN A 1 95  ? 2.980   0.484   -18.571 1.00 29.78 ? 95  ASN A OD1 1 
ATOM   708 N ND2 . ASN A 1 95  ? 3.740   -0.783  -20.258 1.00 30.36 ? 95  ASN A ND2 1 
ATOM   709 N N   . ALA A 1 96  ? 5.150   -1.255  -14.279 1.00 27.43 ? 96  ALA A N   1 
ATOM   710 C CA  . ALA A 1 96  ? 5.408   -2.231  -13.202 1.00 26.88 ? 96  ALA A CA  1 
ATOM   711 C C   . ALA A 1 96  ? 4.178   -2.477  -12.322 1.00 25.12 ? 96  ALA A C   1 
ATOM   712 O O   . ALA A 1 96  ? 3.580   -1.539  -11.779 1.00 25.75 ? 96  ALA A O   1 
ATOM   713 C CB  . ALA A 1 96  ? 6.562   -1.771  -12.333 1.00 27.65 ? 96  ALA A CB  1 
ATOM   714 N N   . THR A 1 97  ? 3.803   -3.742  -12.206 1.00 23.76 ? 97  THR A N   1 
ATOM   715 C CA  . THR A 1 97  ? 2.839   -4.133  -11.162 1.00 21.87 ? 97  THR A CA  1 
ATOM   716 C C   . THR A 1 97  ? 3.600   -4.163  -9.844  1.00 19.13 ? 97  THR A C   1 
ATOM   717 O O   . THR A 1 97  ? 4.671   -4.810  -9.740  1.00 20.43 ? 97  THR A O   1 
ATOM   718 C CB  . THR A 1 97  ? 2.252   -5.516  -11.453 1.00 22.04 ? 97  THR A CB  1 
ATOM   719 O OG1 . THR A 1 97  ? 1.505   -5.475  -12.675 1.00 25.27 ? 97  THR A OG1 1 
ATOM   720 C CG2 . THR A 1 97  ? 1.334   -5.985  -10.351 1.00 23.15 ? 97  THR A CG2 1 
ATOM   721 N N   . LEU A 1 98  ? 3.085   -3.464  -8.843  1.00 17.61 ? 98  LEU A N   1 
ATOM   722 C CA  . LEU A 1 98  ? 3.754   -3.395  -7.529  1.00 16.17 ? 98  LEU A CA  1 
ATOM   723 C C   . LEU A 1 98  ? 2.970   -4.187  -6.509  1.00 15.61 ? 98  LEU A C   1 
ATOM   724 O O   . LEU A 1 98  ? 1.762   -4.037  -6.412  1.00 16.70 ? 98  LEU A O   1 
ATOM   725 C CB  . LEU A 1 98  ? 3.858   -1.954  -7.031  1.00 15.18 ? 98  LEU A CB  1 
ATOM   726 C CG  . LEU A 1 98  ? 4.488   -0.991  -8.057  1.00 17.04 ? 98  LEU A CG  1 
ATOM   727 C CD1 . LEU A 1 98  ? 4.598   0.378   -7.415  1.00 20.19 ? 98  LEU A CD1 1 
ATOM   728 C CD2 . LEU A 1 98  ? 5.861   -1.502  -8.494  1.00 18.08 ? 98  LEU A CD2 1 
ATOM   729 N N   . THR A 1 99  ? 3.665   -4.976  -5.700  1.00 15.58 ? 99  THR A N   1 
ATOM   730 C CA  . THR A 1 99  ? 3.043   -5.699  -4.585  1.00 16.82 ? 99  THR A CA  1 
ATOM   731 C C   . THR A 1 99  ? 3.511   -5.148  -3.269  1.00 15.76 ? 99  THR A C   1 
ATOM   732 O O   . THR A 1 99  ? 4.699   -5.024  -3.024  1.00 17.03 ? 99  THR A O   1 
ATOM   733 C CB  . THR A 1 99  ? 3.384   -7.173  -4.701  1.00 22.05 ? 99  THR A CB  1 
ATOM   734 O OG1 . THR A 1 99  ? 2.871   -7.655  -5.952  1.00 24.15 ? 99  THR A OG1 1 
ATOM   735 C CG2 . THR A 1 99  ? 2.750   -7.953  -3.564  1.00 25.70 ? 99  THR A CG2 1 
ATOM   736 N N   . PHE A 1 100 ? 2.557   -4.821  -2.410  1.00 14.86 ? 100 PHE A N   1 
ATOM   737 C CA  . PHE A 1 100 ? 2.925   -4.343  -1.092  1.00 13.84 ? 100 PHE A CA  1 
ATOM   738 C C   . PHE A 1 100 ? 2.344   -5.236  -0.033  1.00 14.21 ? 100 PHE A C   1 
ATOM   739 O O   . PHE A 1 100 ? 1.163   -5.454  -0.018  1.00 17.61 ? 100 PHE A O   1 
ATOM   740 C CB  . PHE A 1 100 ? 2.349   -2.948  -0.865  1.00 14.30 ? 100 PHE A CB  1 
ATOM   741 C CG  . PHE A 1 100 ? 2.934   -1.864  -1.747  1.00 13.06 ? 100 PHE A CG  1 
ATOM   742 C CD1 . PHE A 1 100 ? 2.445   -1.641  -3.038  1.00 14.79 ? 100 PHE A CD1 1 
ATOM   743 C CD2 . PHE A 1 100 ? 3.993   -1.086  -1.287  1.00 14.38 ? 100 PHE A CD2 1 
ATOM   744 C CE1 . PHE A 1 100 ? 2.971   -0.633  -3.830  1.00 16.24 ? 100 PHE A CE1 1 
ATOM   745 C CE2 . PHE A 1 100 ? 4.526   -0.058  -2.055  1.00 15.09 ? 100 PHE A CE2 1 
ATOM   746 C CZ  . PHE A 1 100 ? 4.009   0.171   -3.346  1.00 16.45 ? 100 PHE A CZ  1 
ATOM   747 N N   . ASP A 1 101 ? 3.177   -5.683  0.892   1.00 12.33 ? 101 ASP A N   1 
ATOM   748 C CA  . ASP A 1 101 ? 2.722   -6.379  2.108   1.00 12.37 ? 101 ASP A CA  1 
ATOM   749 C C   . ASP A 1 101 ? 2.544   -5.278  3.101   1.00 10.40 ? 101 ASP A C   1 
ATOM   750 O O   . ASP A 1 101 ? 3.539   -4.639  3.535   1.00 11.53 ? 101 ASP A O   1 
ATOM   751 C CB  . ASP A 1 101 ? 3.849   -7.336  2.523   1.00 14.68 ? 101 ASP A CB  1 
ATOM   752 C CG  . ASP A 1 101 ? 3.615   -8.005  3.846   1.00 16.41 ? 101 ASP A CG  1 
ATOM   753 O OD1 . ASP A 1 101 ? 2.771   -7.561  4.638   1.00 15.10 ? 101 ASP A OD1 1 
ATOM   754 O OD2 . ASP A 1 101 ? 4.319   -9.022  4.110   1.00 21.03 ? 101 ASP A OD2 1 
ATOM   755 N N   . VAL A 1 102 ? 1.285   -5.003  3.443   1.00 10.01 ? 102 VAL A N   1 
ATOM   756 C CA  . VAL A 1 102 ? 0.941   -3.862  4.301   1.00 9.47  ? 102 VAL A CA  1 
ATOM   757 C C   . VAL A 1 102 ? 0.269   -4.340  5.567   1.00 9.44  ? 102 VAL A C   1 
ATOM   758 O O   . VAL A 1 102 ? -0.600  -5.209  5.538   1.00 11.22 ? 102 VAL A O   1 
ATOM   759 C CB  . VAL A 1 102 ? -0.052  -2.917  3.571   1.00 9.93  ? 102 VAL A CB  1 
ATOM   760 C CG1 . VAL A 1 102 ? -0.482  -1.728  4.471   1.00 10.49 ? 102 VAL A CG1 1 
ATOM   761 C CG2 . VAL A 1 102 ? 0.559   -2.434  2.258   1.00 11.41 ? 102 VAL A CG2 1 
ATOM   762 N N   . GLU A 1 103 ? 0.637   -3.763  6.703   1.00 9.36  ? 103 GLU A N   1 
ATOM   763 C CA  . GLU A 1 103 ? -0.122  -3.977  7.935   1.00 9.74  ? 103 GLU A CA  1 
ATOM   764 C C   . GLU A 1 103 ? -0.675  -2.644  8.388   1.00 8.69  ? 103 GLU A C   1 
ATOM   765 O O   . GLU A 1 103 ? 0.065   -1.662  8.491   1.00 9.07  ? 103 GLU A O   1 
ATOM   766 C CB  . GLU A 1 103 ? 0.776   -4.558  9.022   1.00 12.69 ? 103 GLU A CB  1 
ATOM   767 C CG  . GLU A 1 103 ? -0.021  -4.825  10.313  1.00 16.87 ? 103 GLU A CG  1 
ATOM   768 C CD  . GLU A 1 103 ? 0.784   -5.449  11.441  1.00 23.97 ? 103 GLU A CD  1 
ATOM   769 O OE1 . GLU A 1 103 ? 0.228   -5.557  12.537  1.00 25.20 ? 103 GLU A OE1 1 
ATOM   770 O OE2 . GLU A 1 103 ? 1.970   -5.811  11.252  1.00 27.50 ? 103 GLU A OE2 1 
ATOM   771 N N   . LEU A 1 104 ? -1.982  -2.573  8.622   1.00 8.95  ? 104 LEU A N   1 
ATOM   772 C CA  . LEU A 1 104 ? -2.614  -1.330  9.098   1.00 9.14  ? 104 LEU A CA  1 
ATOM   773 C C   . LEU A 1 104 ? -2.551  -1.324  10.608  1.00 9.24  ? 104 LEU A C   1 
ATOM   774 O O   . LEU A 1 104 ? -3.118  -2.186  11.276  1.00 10.88 ? 104 LEU A O   1 
ATOM   775 C CB  . LEU A 1 104 ? -4.061  -1.226  8.607   1.00 9.91  ? 104 LEU A CB  1 
ATOM   776 C CG  . LEU A 1 104 ? -4.811  -0.005  9.081   1.00 10.10 ? 104 LEU A CG  1 
ATOM   777 C CD1 . LEU A 1 104 ? -4.151  1.296   8.627   1.00 11.20 ? 104 LEU A CD1 1 
ATOM   778 C CD2 . LEU A 1 104 ? -6.273  -0.102  8.628   1.00 12.35 ? 104 LEU A CD2 1 
ATOM   779 N N   . LEU A 1 105 ? -1.792  -0.376  11.123  1.00 8.82  ? 105 LEU A N   1 
ATOM   780 C CA  . LEU A 1 105 ? -1.541  -0.287  12.551  1.00 9.37  ? 105 LEU A CA  1 
ATOM   781 C C   . LEU A 1 105 ? -2.577  0.517   13.280  1.00 10.62 ? 105 LEU A C   1 
ATOM   782 O O   . LEU A 1 105 ? -2.952  0.190   14.416  1.00 13.01 ? 105 LEU A O   1 
ATOM   783 C CB  . LEU A 1 105 ? -0.141  0.275   12.818  1.00 9.63  ? 105 LEU A CB  1 
ATOM   784 C CG  . LEU A 1 105 ? 1.017   -0.456  12.117  1.00 12.36 ? 105 LEU A CG  1 
ATOM   785 C CD1 . LEU A 1 105 ? 2.329   0.291   12.277  1.00 14.39 ? 105 LEU A CD1 1 
ATOM   786 C CD2 . LEU A 1 105 ? 1.158   -1.899  12.619  1.00 14.32 ? 105 LEU A CD2 1 
ATOM   787 N N   . ARG A 1 106 ? -2.961  1.658   12.682  1.00 10.84 ? 106 ARG A N   1 
ATOM   788 C CA  . ARG A 1 106 ? -3.807  2.613   13.401  1.00 12.54 ? 106 ARG A CA  1 
ATOM   789 C C   . ARG A 1 106 ? -4.481  3.527   12.389  1.00 11.71 ? 106 ARG A C   1 
ATOM   790 O O   . ARG A 1 106 ? -3.930  3.759   11.323  1.00 11.40 ? 106 ARG A O   1 
ATOM   791 C CB  . ARG A 1 106 ? -2.918  3.470   14.363  1.00 15.31 ? 106 ARG A CB  1 
ATOM   792 C CG  . ARG A 1 106 ? -3.625  4.598   15.116  1.00 19.14 ? 106 ARG A CG  1 
ATOM   793 C CD  . ARG A 1 106 ? -2.715  5.095   16.228  1.00 24.26 ? 106 ARG A CD  1 
ATOM   794 N NE  . ARG A 1 106 ? -1.426  5.595   15.746  1.00 29.38 ? 106 ARG A NE  1 
ATOM   795 C CZ  . ARG A 1 106 ? -0.263  4.930   15.805  1.00 34.33 ? 106 ARG A CZ  1 
ATOM   796 N NH1 . ARG A 1 106 ? -0.193  3.709   16.332  1.00 36.27 ? 106 ARG A NH1 1 
ATOM   797 N NH2 . ARG A 1 106 ? 0.844   5.498   15.332  1.00 37.02 ? 106 ARG A NH2 1 
ATOM   798 N N   . VAL A 1 107 ? -5.620  4.083   12.771  1.00 11.87 ? 107 VAL A N   1 
ATOM   799 C CA  . VAL A 1 107 ? -6.248  5.160   12.050  1.00 13.61 ? 107 VAL A CA  1 
ATOM   800 C C   . VAL A 1 107 ? -6.297  6.361   13.001  1.00 15.80 ? 107 VAL A C   1 
ATOM   801 O O   . VAL A 1 107 ? -6.543  6.203   14.210  1.00 15.81 ? 107 VAL A O   1 
ATOM   802 C CB  . VAL A 1 107 ? -7.671  4.779   11.633  1.00 15.95 ? 107 VAL A CB  1 
ATOM   803 C CG1 . VAL A 1 107 ? -8.420  5.964   11.048  1.00 21.80 ? 107 VAL A CG1 1 
ATOM   804 C CG2 . VAL A 1 107 ? -7.622  3.610   10.633  1.00 17.95 ? 107 VAL A CG2 1 
ATOM   805 N N   . GLU A 1 108 ? -6.029  7.545   12.466  1.00 18.14 ? 108 GLU A N   1 
ATOM   806 C CA  . GLU A 1 108 ? -6.016  8.776   13.264  1.00 23.25 ? 108 GLU A CA  1 
ATOM   807 C C   . GLU A 1 108 ? -6.826  9.870   12.575  1.00 28.77 ? 108 GLU A C   1 
ATOM   808 O O   . GLU A 1 108 ? -6.990  9.881   11.370  1.00 28.98 ? 108 GLU A O   1 
ATOM   809 C CB  . GLU A 1 108 ? -4.589  9.251   13.522  1.00 26.23 ? 108 GLU A CB  1 
ATOM   810 C CG  . GLU A 1 108 ? -3.678  8.214   14.093  1.00 27.05 ? 108 GLU A CG  1 
ATOM   811 C CD  . GLU A 1 108 ? -2.234  8.695   14.203  1.00 31.38 ? 108 GLU A CD  1 
ATOM   812 O OE1 . GLU A 1 108 ? -1.476  8.098   14.978  1.00 31.51 ? 108 GLU A OE1 1 
ATOM   813 O OE2 . GLU A 1 108 ? -1.861  9.662   13.522  1.00 34.98 ? 108 GLU A OE2 1 
ATOM   814 O OXT . GLU A 1 108 ? -7.349  10.790  13.183  1.00 34.22 ? 108 GLU A OXT 1 
HETATM 815 S S1  . MPO B 2 .   ? 8.654   7.552   1.073   1.00 36.27 ? 109 MPO A S1  1 
HETATM 816 O O1  . MPO B 2 .   ? 9.481   6.717   0.158   1.00 38.67 ? 109 MPO A O1  1 
HETATM 817 O O2  . MPO B 2 .   ? 8.648   7.512   2.555   1.00 39.33 ? 109 MPO A O2  1 
HETATM 818 O O4  . MPO B 2 .   ? 2.691   4.934   -2.914  1.00 18.64 ? 109 MPO A O4  1 
HETATM 819 N N1  . MPO B 2 .   ? 4.725   5.049   -1.008  1.00 19.15 ? 109 MPO A N1  1 
HETATM 820 C C1  . MPO B 2 .   ? 7.448   6.428   1.292   1.00 28.53 ? 109 MPO A C1  1 
HETATM 821 O O3  . MPO B 2 .   ? 7.975   8.884   0.802   1.00 35.57 ? 109 MPO A O3  1 
HETATM 822 C C2  . MPO B 2 .   ? 6.657   6.133   0.049   1.00 23.56 ? 109 MPO A C2  1 
HETATM 823 C C3  . MPO B 2 .   ? 5.384   5.387   0.217   1.00 20.67 ? 109 MPO A C3  1 
HETATM 824 C C4  . MPO B 2 .   ? 3.531   4.287   -0.775  1.00 18.70 ? 109 MPO A C4  1 
HETATM 825 C C5  . MPO B 2 .   ? 2.939   3.826   -2.060  1.00 17.85 ? 109 MPO A C5  1 
HETATM 826 C C6  . MPO B 2 .   ? 3.873   5.650   -3.183  1.00 20.73 ? 109 MPO A C6  1 
HETATM 827 C C7  . MPO B 2 .   ? 4.520   6.117   -1.924  1.00 19.75 ? 109 MPO A C7  1 
HETATM 828 S S   . SO4 C 3 .   ? -3.948  20.399  3.889   1.00 52.87 ? 110 SO4 A S   1 
HETATM 829 O O1  . SO4 C 3 .   ? -2.510  20.342  3.609   1.00 55.71 ? 110 SO4 A O1  1 
HETATM 830 O O2  . SO4 C 3 .   ? -4.331  19.240  4.713   1.00 53.41 ? 110 SO4 A O2  1 
HETATM 831 O O3  . SO4 C 3 .   ? -4.258  21.632  4.622   1.00 48.04 ? 110 SO4 A O3  1 
HETATM 832 O O4  . SO4 C 3 .   ? -4.657  20.337  2.602   1.00 53.68 ? 110 SO4 A O4  1 
HETATM 833 O O   . HOH D 4 .   ? -3.611  17.338  -0.546  1.00 63.36 ? 111 HOH A O   1 
HETATM 834 O O   . HOH D 4 .   ? -8.348  -14.931 1.719   1.00 37.94 ? 112 HOH A O   1 
HETATM 835 O O   . HOH D 4 .   ? 14.670  1.261   -4.311  1.00 35.15 ? 113 HOH A O   1 
HETATM 836 O O   . HOH D 4 .   ? -2.817  -2.482  15.687  1.00 44.62 ? 114 HOH A O   1 
HETATM 837 O O   . HOH D 4 .   ? 5.045   6.943   12.277  1.00 73.67 ? 115 HOH A O   1 
HETATM 838 O O   . HOH D 4 .   ? -9.901  5.819   -0.921  1.00 34.87 ? 116 HOH A O   1 
HETATM 839 O O   . HOH D 4 .   ? 8.702   7.949   -4.994  1.00 56.25 ? 117 HOH A O   1 
HETATM 840 O O   . HOH D 4 .   ? 2.405   -5.318  -15.303 1.00 28.50 ? 118 HOH A O   1 
HETATM 841 O O   . HOH D 4 .   ? 0.653   12.633  6.697   1.00 53.68 ? 119 HOH A O   1 
HETATM 842 O O   . HOH D 4 .   ? -9.823  -8.565  0.939   1.00 44.42 ? 120 HOH A O   1 
HETATM 843 O O   . HOH D 4 .   ? 11.655  8.833   13.518  1.00 37.04 ? 121 HOH A O   1 
HETATM 844 O O   . HOH D 4 .   ? 0.157   -8.280  -15.573 1.00 63.10 ? 122 HOH A O   1 
HETATM 845 O O   . HOH D 4 .   ? 1.168   -8.369  -13.752 1.00 47.49 ? 123 HOH A O   1 
HETATM 846 O O   . HOH D 4 .   ? -5.674  -7.122  -12.696 1.00 60.01 ? 124 HOH A O   1 
HETATM 847 O O   . HOH D 4 .   ? 15.726  7.039   -8.138  1.00 44.29 ? 125 HOH A O   1 
HETATM 848 O O   . HOH D 4 .   ? 8.626   11.446  14.144  1.00 67.21 ? 126 HOH A O   1 
HETATM 849 O O   . HOH D 4 .   ? 15.162  3.184   -14.233 1.00 55.87 ? 127 HOH A O   1 
HETATM 850 O O   . HOH D 4 .   ? 14.193  0.920   -15.253 1.00 52.13 ? 128 HOH A O   1 
HETATM 851 O O   . HOH D 4 .   ? 1.520   8.329   14.616  1.00 46.08 ? 129 HOH A O   1 
HETATM 852 O O   . HOH D 4 .   ? 10.856  -13.901 -9.005  1.00 49.35 ? 130 HOH A O   1 
HETATM 853 O O   . HOH D 4 .   ? -6.779  19.618  7.151   1.00 46.39 ? 131 HOH A O   1 
HETATM 854 O O   . HOH D 4 .   ? -3.049  9.892   -0.017  1.00 15.33 ? 132 HOH A O   1 
HETATM 855 O O   . HOH D 4 .   ? 5.130   -6.289  -13.490 1.00 28.81 ? 133 HOH A O   1 
HETATM 856 O O   . HOH D 4 .   ? 5.791   1.837   -13.386 1.00 20.17 ? 134 HOH A O   1 
HETATM 857 O O   . HOH D 4 .   ? -10.032 -8.607  8.128   1.00 37.12 ? 135 HOH A O   1 
HETATM 858 O O   . HOH D 4 .   ? 18.734  4.671   -7.100  1.00 24.59 ? 136 HOH A O   1 
HETATM 859 O O   . HOH D 4 .   ? 8.419   4.948   7.356   1.00 24.51 ? 137 HOH A O   1 
HETATM 860 O O   . HOH D 4 .   ? -16.399 -10.845 8.154   1.00 19.38 ? 138 HOH A O   1 
HETATM 861 O O   . HOH D 4 .   ? 4.190   1.110   -11.237 1.00 18.71 ? 139 HOH A O   1 
HETATM 862 O O   . HOH D 4 .   ? 5.813   -7.237  -1.231  1.00 24.40 ? 140 HOH A O   1 
HETATM 863 O O   . HOH D 4 .   ? 6.281   10.408  -8.005  1.00 49.35 ? 141 HOH A O   1 
HETATM 864 O O   . HOH D 4 .   ? -11.583 1.946   -1.566  1.00 23.42 ? 142 HOH A O   1 
HETATM 865 O O   . HOH D 4 .   ? 5.417   8.762   7.926   1.00 23.31 ? 143 HOH A O   1 
HETATM 866 O O   . HOH D 4 .   ? -1.170  5.927   -8.859  1.00 18.89 ? 144 HOH A O   1 
HETATM 867 O O   . HOH D 4 .   ? 6.989   -8.757  3.095   1.00 32.52 ? 145 HOH A O   1 
HETATM 868 O O   . HOH D 4 .   ? 6.655   3.019   -1.900  1.00 20.44 ? 146 HOH A O   1 
HETATM 869 O O   . HOH D 4 .   ? -8.284  -12.367 0.876   1.00 29.82 ? 147 HOH A O   1 
HETATM 870 O O   . HOH D 4 .   ? -14.717 -9.782  12.879  1.00 35.41 ? 148 HOH A O   1 
HETATM 871 O O   . HOH D 4 .   ? -7.108  9.189   -4.645  1.00 40.76 ? 149 HOH A O   1 
HETATM 872 O O   . HOH D 4 .   ? -4.370  14.668  7.706   1.00 31.65 ? 150 HOH A O   1 
HETATM 873 O O   . HOH D 4 .   ? 1.669   -14.065 -0.568  1.00 31.88 ? 151 HOH A O   1 
HETATM 874 O O   . HOH D 4 .   ? 10.722  7.175   -17.140 1.00 34.97 ? 152 HOH A O   1 
HETATM 875 O O   . HOH D 4 .   ? -17.922 -4.275  11.994  1.00 26.95 ? 153 HOH A O   1 
HETATM 876 O O   . HOH D 4 .   ? -3.501  8.263   -5.094  1.00 28.07 ? 154 HOH A O   1 
HETATM 877 O O   . HOH D 4 .   ? -9.438  -1.976  17.491  1.00 34.25 ? 155 HOH A O   1 
HETATM 878 O O   . HOH D 4 .   ? 14.186  -0.565  -7.030  1.00 29.07 ? 156 HOH A O   1 
HETATM 879 O O   . HOH D 4 .   ? 7.164   -8.749  0.390   1.00 34.01 ? 157 HOH A O   1 
HETATM 880 O O   . HOH D 4 .   ? -14.378 2.495   10.570  1.00 25.74 ? 158 HOH A O   1 
HETATM 881 O O   . HOH D 4 .   ? 5.525   8.213   -5.006  1.00 39.51 ? 159 HOH A O   1 
HETATM 882 O O   . HOH D 4 .   ? 4.034   -4.202  11.611  1.00 36.46 ? 160 HOH A O   1 
HETATM 883 O O   . HOH D 4 .   ? -8.843  -12.636 -1.808  1.00 24.25 ? 161 HOH A O   1 
HETATM 884 O O   . HOH D 4 .   ? -12.660 5.294   10.709  1.00 27.89 ? 162 HOH A O   1 
HETATM 885 O O   . HOH D 4 .   ? -1.576  -3.956  13.632  1.00 41.56 ? 163 HOH A O   1 
HETATM 886 O O   . HOH D 4 .   ? 3.028   3.446   15.976  1.00 42.52 ? 164 HOH A O   1 
HETATM 887 O O   . HOH D 4 .   ? -8.318  15.852  3.888   1.00 26.48 ? 165 HOH A O   1 
HETATM 888 O O   . HOH D 4 .   ? -4.179  -5.730  -9.431  1.00 26.71 ? 166 HOH A O   1 
HETATM 889 O O   . HOH D 4 .   ? 8.201   -3.616  -15.425 1.00 41.43 ? 167 HOH A O   1 
HETATM 890 O O   . HOH D 4 .   ? 2.323   10.841  3.668   1.00 34.36 ? 168 HOH A O   1 
HETATM 891 O O   . HOH D 4 .   ? -13.850 -8.486  6.072   1.00 30.98 ? 169 HOH A O   1 
HETATM 892 O O   . HOH D 4 .   ? 1.655   -10.885 10.665  1.00 38.73 ? 170 HOH A O   1 
HETATM 893 O O   . HOH D 4 .   ? 6.257   -9.080  -6.014  1.00 38.00 ? 171 HOH A O   1 
HETATM 894 O O   . HOH D 4 .   ? -6.541  -14.097 9.947   1.00 33.36 ? 172 HOH A O   1 
HETATM 895 O O   . HOH D 4 .   ? -9.194  -1.693  -8.239  1.00 33.12 ? 173 HOH A O   1 
HETATM 896 O O   . HOH D 4 .   ? -9.279  -10.092 -2.743  1.00 29.92 ? 174 HOH A O   1 
HETATM 897 O O   . HOH D 4 .   ? -0.373  2.593   -17.085 1.00 34.83 ? 175 HOH A O   1 
HETATM 898 O O   . HOH D 4 .   ? 15.630  -1.149  -1.585  1.00 88.72 ? 176 HOH A O   1 
HETATM 899 O O   . HOH D 4 .   ? -14.008 6.731   2.599   1.00 31.33 ? 177 HOH A O   1 
HETATM 900 O O   . HOH D 4 .   ? 4.546   10.520  6.004   1.00 39.40 ? 178 HOH A O   1 
HETATM 901 O O   . HOH D 4 .   ? -5.560  -1.452  -14.213 1.00 38.74 ? 179 HOH A O   1 
HETATM 902 O O   . HOH D 4 .   ? -1.179  0.824   16.799  1.00 34.31 ? 180 HOH A O   1 
HETATM 903 O O   . HOH D 4 .   ? -10.463 -0.393  -5.900  1.00 32.30 ? 181 HOH A O   1 
HETATM 904 O O   . HOH D 4 .   ? 4.132   5.422   15.190  1.00 51.76 ? 182 HOH A O   1 
HETATM 905 O O   . HOH D 4 .   ? 7.590   3.990   -4.200  1.00 32.13 ? 183 HOH A O   1 
HETATM 906 O O   . HOH D 4 .   ? -2.231  15.709  9.561   1.00 81.99 ? 184 HOH A O   1 
HETATM 907 O O   . HOH D 4 .   ? -3.304  6.320   -10.811 1.00 39.69 ? 185 HOH A O   1 
HETATM 908 O O   . HOH D 4 .   ? -9.817  -6.960  3.230   1.00 43.64 ? 186 HOH A O   1 
HETATM 909 O O   . HOH D 4 .   ? 11.241  4.747   -14.449 1.00 32.15 ? 187 HOH A O   1 
HETATM 910 O O   . HOH D 4 .   ? -7.485  -13.967 -3.543  1.00 21.58 ? 188 HOH A O   1 
HETATM 911 O O   . HOH D 4 .   ? -7.889  -7.962  15.212  1.00 63.45 ? 189 HOH A O   1 
HETATM 912 O O   . HOH D 4 .   ? 5.643   6.288   -20.888 1.00 33.26 ? 190 HOH A O   1 
HETATM 913 O O   . HOH D 4 .   ? 9.587   5.517   -3.249  1.00 44.20 ? 191 HOH A O   1 
HETATM 914 O O   . HOH D 4 .   ? 3.451   -6.669  9.460   1.00 25.29 ? 192 HOH A O   1 
HETATM 915 O O   . HOH D 4 .   ? -12.563 4.912   -4.917  1.00 47.15 ? 193 HOH A O   1 
HETATM 916 O O   . HOH D 4 .   ? -12.862 -6.179  5.676   1.00 30.22 ? 194 HOH A O   1 
HETATM 917 O O   . HOH D 4 .   ? 8.767   -4.505  -12.943 1.00 41.29 ? 195 HOH A O   1 
HETATM 918 O O   . HOH D 4 .   ? 9.691   -11.199 -2.557  1.00 42.53 ? 196 HOH A O   1 
HETATM 919 O O   . HOH D 4 .   ? 13.760  -0.862  0.952   1.00 28.30 ? 197 HOH A O   1 
HETATM 920 O O   . HOH D 4 .   ? -3.142  12.323  13.501  1.00 44.71 ? 198 HOH A O   1 
HETATM 921 O O   . HOH D 4 .   ? 1.945   8.073   -9.611  1.00 46.96 ? 199 HOH A O   1 
HETATM 922 O O   . HOH D 4 .   ? -10.089 -3.099  -5.161  1.00 22.22 ? 200 HOH A O   1 
HETATM 923 O O   . HOH D 4 .   ? -9.575  -5.989  -3.310  1.00 24.34 ? 201 HOH A O   1 
HETATM 924 O O   . HOH D 4 .   ? 7.988   -12.138 -12.866 1.00 38.69 ? 202 HOH A O   1 
HETATM 925 O O   . HOH D 4 .   ? -15.460 9.257   11.751  1.00 41.53 ? 203 HOH A O   1 
HETATM 926 O O   . HOH D 4 .   ? 0.522   6.508   -12.912 1.00 45.75 ? 204 HOH A O   1 
HETATM 927 O O   . HOH D 4 .   ? 8.477   8.975   5.070   1.00 50.39 ? 205 HOH A O   1 
HETATM 928 O O   . HOH D 4 .   ? -0.461  15.318  -2.501  1.00 42.16 ? 206 HOH A O   1 
HETATM 929 O O   . HOH D 4 .   ? -4.654  -5.911  -14.129 1.00 46.61 ? 207 HOH A O   1 
HETATM 930 O O   . HOH D 4 .   ? -6.801  13.688  9.249   1.00 42.38 ? 208 HOH A O   1 
HETATM 931 O O   . HOH D 4 .   ? -12.805 11.453  9.563   1.00 41.03 ? 209 HOH A O   1 
HETATM 932 O O   . HOH D 4 .   ? 10.170  9.826   -15.470 1.00 52.32 ? 210 HOH A O   1 
HETATM 933 O O   . HOH D 4 .   ? 2.630   8.971   -5.161  1.00 40.94 ? 211 HOH A O   1 
HETATM 934 O O   . HOH D 4 .   ? 5.244   -11.069 -2.669  1.00 44.63 ? 212 HOH A O   1 
HETATM 935 O O   . HOH D 4 .   ? -10.488 13.064  9.624   1.00 35.93 ? 213 HOH A O   1 
HETATM 936 O O   . HOH D 4 .   ? -12.253 -5.030  -7.042  1.00 46.33 ? 214 HOH A O   1 
HETATM 937 O O   . HOH D 4 .   ? 10.509  -6.324  -12.456 1.00 41.71 ? 215 HOH A O   1 
HETATM 938 O O   . HOH D 4 .   ? -11.391 -0.589  -9.729  1.00 55.30 ? 216 HOH A O   1 
HETATM 939 O O   . HOH D 4 .   ? -10.305 -7.218  18.002  1.00 45.85 ? 217 HOH A O   1 
HETATM 940 O O   . HOH D 4 .   ? -9.400  -8.390  -4.646  1.00 35.32 ? 218 HOH A O   1 
HETATM 941 O O   . HOH D 4 .   ? 12.104  -10.516 -2.245  1.00 39.41 ? 219 HOH A O   1 
HETATM 942 O O   . HOH D 4 .   ? 7.696   6.025   14.933  1.00 48.21 ? 220 HOH A O   1 
HETATM 943 O O   . HOH D 4 .   ? -1.155  -5.950  -13.360 1.00 39.68 ? 221 HOH A O   1 
HETATM 944 O O   . HOH D 4 .   ? 6.082   -6.878  10.468  1.00 44.14 ? 222 HOH A O   1 
HETATM 945 O O   . HOH D 4 .   ? -15.752 3.250   7.858   1.00 50.78 ? 223 HOH A O   1 
HETATM 946 O O   . HOH D 4 .   ? -7.678  -9.062  -12.597 1.00 43.22 ? 224 HOH A O   1 
HETATM 947 O O   . HOH D 4 .   ? 7.387   -10.970 -1.049  1.00 41.14 ? 225 HOH A O   1 
HETATM 948 O O   . HOH D 4 .   ? -11.869 6.846   -11.584 1.00 57.06 ? 226 HOH A O   1 
HETATM 949 O O   . HOH D 4 .   ? -10.026 -1.497  -11.558 1.00 48.73 ? 227 HOH A O   1 
HETATM 950 O O   . HOH D 4 .   ? 3.708   -9.474  -0.731  1.00 43.50 ? 228 HOH A O   1 
HETATM 951 O O   . HOH D 4 .   ? 3.276   -12.696 12.257  1.00 53.59 ? 229 HOH A O   1 
HETATM 952 O O   . HOH D 4 .   ? -11.725 -10.090 12.887  1.00 50.66 ? 230 HOH A O   1 
HETATM 953 O O   . HOH D 4 .   ? 3.378   12.048  13.082  1.00 61.01 ? 231 HOH A O   1 
HETATM 954 O O   . HOH D 4 .   ? 14.562  -11.619 -6.509  1.00 48.17 ? 232 HOH A O   1 
HETATM 955 O O   . HOH D 4 .   ? 6.986   -5.039  -11.260 1.00 28.58 ? 233 HOH A O   1 
HETATM 956 O O   . HOH D 4 .   ? -12.748 -7.718  16.031  1.00 32.32 ? 234 HOH A O   1 
HETATM 957 O O   . HOH D 4 .   ? -10.757 -6.082  7.172   1.00 22.17 ? 235 HOH A O   1 
HETATM 958 O O   . HOH D 4 .   ? -7.021  -5.275  15.479  1.00 28.68 ? 236 HOH A O   1 
HETATM 959 O O   . HOH D 4 .   ? -5.776  5.449   -12.398 1.00 41.27 ? 237 HOH A O   1 
HETATM 960 O O   . HOH D 4 .   ? -14.144 11.314  6.976   1.00 80.09 ? 238 HOH A O   1 
HETATM 961 O O   . HOH D 4 .   ? -0.915  13.335  5.368   1.00 36.78 ? 239 HOH A O   1 
HETATM 962 O O   . HOH D 4 .   ? 5.200   8.178   -12.464 1.00 37.88 ? 240 HOH A O   1 
HETATM 963 O O   . HOH D 4 .   ? 8.012   7.499   7.657   1.00 34.89 ? 241 HOH A O   1 
# 
loop_
_atom_site_anisotrop.id 
_atom_site_anisotrop.type_symbol 
_atom_site_anisotrop.pdbx_label_atom_id 
_atom_site_anisotrop.pdbx_label_alt_id 
_atom_site_anisotrop.pdbx_label_comp_id 
_atom_site_anisotrop.pdbx_label_asym_id 
_atom_site_anisotrop.pdbx_label_seq_id 
_atom_site_anisotrop.pdbx_PDB_ins_code 
_atom_site_anisotrop.U[1][1] 
_atom_site_anisotrop.U[2][2] 
_atom_site_anisotrop.U[3][3] 
_atom_site_anisotrop.U[1][2] 
_atom_site_anisotrop.U[1][3] 
_atom_site_anisotrop.U[2][3] 
_atom_site_anisotrop.pdbx_auth_seq_id 
_atom_site_anisotrop.pdbx_auth_comp_id 
_atom_site_anisotrop.pdbx_auth_asym_id 
_atom_site_anisotrop.pdbx_auth_atom_id 
1   N N   . MET A 1   ? 0.7011 0.7848 0.3249 -0.0072 -0.0840 0.0746  1   MET A N   
2   C CA  . MET A 1   ? 0.6904 0.7527 0.3493 -0.0020 -0.0872 0.0802  1   MET A CA  
3   C C   . MET A 1   ? 0.6152 0.6759 0.3111 0.0260  -0.1171 0.0812  1   MET A C   
4   O O   . MET A 1   ? 0.6269 0.6952 0.3292 0.0214  -0.1131 0.0797  1   MET A O   
5   C CB  . MET A 1   ? 0.7191 0.8020 0.3787 -0.0148 -0.0863 0.0946  1   MET A CB  
6   C CG  . MET A 1   ? 0.7165 0.8495 0.4188 -0.0245 -0.1036 0.1173  1   MET A CG  
7   S SD  . MET A 1   ? 0.6997 0.8971 0.4548 -0.0298 -0.1271 0.1400  1   MET A SD  
8   C CE  . MET A 1   ? 0.6743 0.9152 0.4468 -0.0313 -0.1527 0.1514  1   MET A CE  
9   N N   . GLY A 2   ? 0.5221 0.5857 0.2817 0.0515  -0.1296 0.0906  2   GLY A N   
10  C CA  . GLY A 2   ? 0.4199 0.4793 0.2730 0.0537  -0.0897 0.0604  2   GLY A CA  
11  C C   . GLY A 2   ? 0.3375 0.4230 0.2176 0.0455  -0.0521 0.0248  2   GLY A C   
12  O O   . GLY A 2   ? 0.3297 0.4114 0.2197 0.0679  -0.0122 0.0316  2   GLY A O   
13  N N   . VAL A 3   ? 0.2848 0.3509 0.1720 0.0298  -0.0431 -0.0153 3   VAL A N   
14  C CA  . VAL A 3   ? 0.3100 0.2586 0.1440 -0.0080 -0.0231 -0.0596 3   VAL A CA  
15  C C   . VAL A 3   ? 0.3107 0.2753 0.1279 -0.0263 -0.0247 -0.0500 3   VAL A C   
16  O O   . VAL A 3   ? 0.3452 0.2742 0.1682 -0.0239 0.0028  -0.0516 3   VAL A O   
17  C CB  . VAL A 3   ? 0.2365 0.2902 0.2157 -0.0091 -0.0369 -0.0254 3   VAL A CB  
18  C CG1 . VAL A 3   ? 0.2157 0.2894 0.2565 -0.0313 -0.0039 -0.0397 3   VAL A CG1 
19  C CG2 . VAL A 3   ? 0.2265 0.3238 0.2057 -0.0387 -0.0581 -0.0196 3   VAL A CG2 
20  N N   . GLN A 4   ? 0.3068 0.2613 0.1077 -0.0464 -0.0550 -0.0268 4   GLN A N   
21  C CA  . GLN A 4   ? 0.3670 0.2404 0.1307 -0.0653 -0.0300 -0.0528 4   GLN A CA  
22  C C   . GLN A 4   ? 0.3137 0.2207 0.1262 -0.0512 -0.0489 -0.0447 4   GLN A C   
23  O O   . GLN A 4   ? 0.3237 0.2049 0.1329 -0.0199 -0.0374 -0.0463 4   GLN A O   
24  C CB  . GLN A 4   ? 0.4295 0.2758 0.1422 -0.0686 -0.0038 -0.0632 4   GLN A CB  
25  C CG  . GLN A 4   ? 0.4825 0.2885 0.1717 -0.0598 0.0222  -0.0632 4   GLN A CG  
26  C CD  . GLN A 4   ? 0.5322 0.2703 0.2300 -0.0542 0.0420  -0.0524 4   GLN A CD  
27  O OE1 . GLN A 4   ? 0.5617 0.3157 0.2836 -0.0823 0.0370  -0.0221 4   GLN A OE1 
28  N NE2 . GLN A 4   ? 0.5537 0.2628 0.2435 -0.0394 0.0681  -0.0572 4   GLN A NE2 
29  N N   . VAL A 5   ? 0.3089 0.2130 0.1384 -0.0476 -0.0401 -0.0382 5   VAL A N   
30  C CA  . VAL A 5   ? 0.2242 0.2131 0.1594 -0.0475 -0.0500 -0.0242 5   VAL A CA  
31  C C   . VAL A 5   ? 0.2626 0.1825 0.1928 -0.0528 -0.0488 -0.0370 5   VAL A C   
32  O O   . VAL A 5   ? 0.2535 0.2336 0.2660 -0.0848 -0.0645 -0.0013 5   VAL A O   
33  C CB  . VAL A 5   ? 0.2104 0.2016 0.1530 -0.0320 -0.0537 -0.0103 5   VAL A CB  
34  C CG1 . VAL A 5   ? 0.2201 0.2205 0.1464 -0.0394 -0.0638 -0.0227 5   VAL A CG1 
35  C CG2 . VAL A 5   ? 0.2188 0.2386 0.1923 -0.0546 -0.0341 0.0163  5   VAL A CG2 
36  N N   . VAL A 6   ? 0.2869 0.1614 0.1588 -0.0365 -0.0476 -0.0438 6   VAL A N   
37  C CA  . VAL A 6   ? 0.3312 0.1433 0.1765 -0.0401 -0.0312 -0.0586 6   VAL A CA  
38  C C   . VAL A 6   ? 0.3350 0.1613 0.1851 -0.0690 -0.0097 -0.0672 6   VAL A C   
39  O O   . VAL A 6   ? 0.3197 0.1577 0.1903 -0.0841 -0.0294 -0.0503 6   VAL A O   
40  C CB  . VAL A 6   ? 0.3445 0.1880 0.2032 -0.0377 -0.0413 -0.0402 6   VAL A CB  
41  C CG1 . VAL A 6   ? 0.3791 0.1825 0.2168 -0.0561 -0.0211 -0.0574 6   VAL A CG1 
42  C CG2 . VAL A 6   ? 0.3949 0.2147 0.1936 -0.0439 -0.0081 -0.0715 6   VAL A CG2 
43  N N   . THR A 7   ? 0.3324 0.1931 0.2134 -0.1088 -0.0579 -0.0382 7   THR A N   
44  C CA  . THR A 7   ? 0.3419 0.2263 0.2070 -0.1169 -0.0748 -0.0319 7   THR A CA  
45  C C   . THR A 7   ? 0.4199 0.2008 0.2308 -0.1156 -0.0791 -0.0246 7   THR A C   
46  O O   . THR A 7   ? 0.4846 0.1974 0.2601 -0.1045 -0.0828 -0.0340 7   THR A O   
47  C CB  . THR A 7   ? 0.3860 0.3081 0.2066 -0.1483 -0.0719 -0.0357 7   THR A CB  
48  O OG1 . THR A 7   ? 0.3999 0.2885 0.2492 -0.1592 -0.0590 -0.0501 7   THR A OG1 
49  C CG2 . THR A 7   ? 0.4016 0.3581 0.1961 -0.1619 -0.0581 -0.0410 7   THR A CG2 
50  N N   . LEU A 8   ? 0.4130 0.1637 0.1947 -0.0885 -0.0965 -0.0005 8   LEU A N   
51  C CA  . LEU A 8   ? 0.4224 0.1776 0.1843 -0.0991 -0.0869 -0.0030 8   LEU A CA  
52  C C   . LEU A 8   ? 0.4824 0.1805 0.2033 -0.1050 -0.0482 0.0093  8   LEU A C   
53  O O   . LEU A 8   ? 0.5814 0.1881 0.2387 -0.1036 -0.0477 0.0309  8   LEU A O   
54  C CB  . LEU A 8   ? 0.3879 0.2039 0.2043 -0.0901 -0.0731 -0.0145 8   LEU A CB  
55  C CG  . LEU A 8   ? 0.4513 0.2492 0.1991 -0.1013 -0.0423 -0.0580 8   LEU A CG  
56  C CD1 . LEU A 8   ? 0.4187 0.2884 0.1777 -0.1055 -0.0391 -0.0657 8   LEU A CD1 
57  C CD2 . LEU A 8   ? 0.4686 0.2544 0.2095 -0.0981 -0.0267 -0.0809 8   LEU A CD2 
58  N N   . ALA A 9   ? 0.4768 0.1954 0.1798 -0.1416 -0.0247 -0.0003 9   ALA A N   
59  C CA  . ALA A 9   ? 0.4684 0.2272 0.1750 -0.1676 -0.0016 -0.0081 9   ALA A CA  
60  C C   . ALA A 9   ? 0.4325 0.2381 0.2150 -0.1750 0.0302  -0.0114 9   ALA A C   
61  O O   . ALA A 9   ? 0.4257 0.2231 0.2017 -0.1637 0.0092  0.0107  9   ALA A O   
62  C CB  . ALA A 9   ? 0.4844 0.2800 0.1726 -0.1754 -0.0168 0.0156  9   ALA A CB  
63  N N   . ALA A 10  ? 0.4131 0.2609 0.2671 -0.1787 0.0678  -0.0118 10  ALA A N   
64  C CA  . ALA A 10  ? 0.4057 0.3190 0.2972 -0.2037 0.0566  0.0036  10  ALA A CA  
65  C C   . ALA A 10  ? 0.3431 0.3386 0.2880 -0.1975 0.0459  0.0026  10  ALA A C   
66  O O   . ALA A 10  ? 0.3382 0.3537 0.2781 -0.1822 0.0182  0.0245  10  ALA A O   
67  C CB  . ALA A 10  ? 0.3938 0.3437 0.3275 -0.2133 0.0533  -0.0020 10  ALA A CB  
68  N N   . GLY A 11  ? 0.3023 0.3510 0.2767 -0.1840 0.0599  -0.0095 11  GLY A N   
69  C CA  . GLY A 11  ? 0.3034 0.3597 0.2463 -0.1834 0.0730  -0.0316 11  GLY A CA  
70  C C   . GLY A 11  ? 0.2913 0.3902 0.2347 -0.1889 0.0545  -0.0225 11  GLY A C   
71  O O   . GLY A 11  ? 0.3409 0.4380 0.2798 -0.1989 0.0796  0.0047  11  GLY A O   
72  N N   . ASP A 12  ? 0.2232 0.4141 0.1684 -0.1640 0.0248  -0.0352 12  ASP A N   
73  C CA  . ASP A 12  ? 0.2216 0.4938 0.1703 -0.1643 0.0124  -0.0120 12  ASP A CA  
74  C C   . ASP A 12  ? 0.2195 0.5149 0.1649 -0.1626 0.0022  0.0047  12  ASP A C   
75  O O   . ASP A 12  ? 0.2430 0.5499 0.1936 -0.1630 0.0209  0.0166  12  ASP A O   
76  C CB  . ASP A 12  ? 0.2112 0.5187 0.1562 -0.1449 -0.0109 -0.0019 12  ASP A CB  
77  C CG  . ASP A 12  ? 0.2283 0.5218 0.1613 -0.1502 -0.0061 -0.0264 12  ASP A CG  
78  O OD1 . ASP A 12  ? 0.3103 0.5193 0.1661 -0.1749 -0.0059 -0.0357 12  ASP A OD1 
79  O OD2 . ASP A 12  ? 0.1921 0.5473 0.1611 -0.1294 -0.0020 -0.0127 12  ASP A OD2 
80  N N   . GLU A 13  ? 0.2227 0.4888 0.1433 -0.1667 0.0074  -0.0154 13  GLU A N   
81  C CA  . GLU A 13  ? 0.2189 0.4704 0.1756 -0.1552 -0.0105 -0.0204 13  GLU A CA  
82  C C   . GLU A 13  ? 0.2204 0.4447 0.1652 -0.1392 -0.0265 -0.0168 13  GLU A C   
83  O O   . GLU A 13  ? 0.2411 0.4819 0.1870 -0.1581 -0.0350 -0.0021 13  GLU A O   
84  C CB  . GLU A 13  ? 0.2274 0.5054 0.1992 -0.1577 -0.0106 -0.0175 13  GLU A CB  
85  C CG  . GLU A 13  ? 0.3137 0.5180 0.2299 -0.1392 0.0078  -0.0109 13  GLU A CG  
86  C CD  . GLU A 13  ? 0.3623 0.5447 0.2548 -0.1150 0.0155  0.0135  13  GLU A CD  
87  O OE1 . GLU A 13  ? 0.3617 0.5349 0.3035 -0.1375 -0.0209 0.0394  13  GLU A OE1 
88  O OE2 . GLU A 13  ? 0.4515 0.5702 0.2874 -0.1024 0.0716  0.0083  13  GLU A OE2 
89  N N   . ALA A 14  ? 0.2136 0.4671 0.1354 -0.1108 -0.0056 -0.0310 14  ALA A N   
90  C CA  . ALA A 14  ? 0.1959 0.5368 0.1538 -0.0765 0.0287  -0.0284 14  ALA A CA  
91  C C   . ALA A 14  ? 0.2139 0.5602 0.1560 -0.0718 0.0138  -0.0279 14  ALA A C   
92  O O   . ALA A 14  ? 0.2315 0.6087 0.1843 -0.0691 0.0139  -0.0128 14  ALA A O   
93  C CB  . ALA A 14  ? 0.2247 0.5568 0.1637 -0.0677 0.0400  -0.0105 14  ALA A CB  
94  N N   . THR A 15  ? 0.1683 0.5295 0.1478 -0.0743 0.0168  -0.0525 15  THR A N   
95  C CA  . THR A 15  ? 0.1841 0.4708 0.1359 -0.0464 0.0180  -0.0639 15  THR A CA  
96  C C   . THR A 15  ? 0.1754 0.4524 0.1252 -0.0318 0.0080  -0.0544 15  THR A C   
97  O O   . THR A 15  ? 0.1516 0.4335 0.1211 -0.0212 -0.0043 -0.0528 15  THR A O   
98  C CB  . THR A 15  ? 0.2053 0.4818 0.1442 -0.0740 0.0074  -0.0720 15  THR A CB  
99  O OG1 . THR A 15  ? 0.2364 0.5327 0.1589 -0.1033 0.0131  -0.0730 15  THR A OG1 
100 C CG2 . THR A 15  ? 0.2430 0.4737 0.1726 -0.0714 -0.0017 -0.0816 15  THR A CG2 
101 N N   . TYR A 16  ? 0.1768 0.4116 0.1222 -0.0014 0.0043  -0.0459 16  TYR A N   
102 C CA  . TYR A 16  ? 0.1536 0.3829 0.1489 -0.0225 0.0023  -0.0526 16  TYR A CA  
103 C C   . TYR A 16  ? 0.1707 0.3421 0.1859 0.0137  0.0136  -0.0588 16  TYR A C   
104 O O   . TYR A 16  ? 0.2299 0.3665 0.2354 0.0164  0.0601  -0.0642 16  TYR A O   
105 C CB  . TYR A 16  ? 0.1661 0.3956 0.1682 -0.0541 -0.0081 -0.0448 16  TYR A CB  
106 C CG  . TYR A 16  ? 0.1654 0.4359 0.1485 -0.0893 -0.0097 -0.0491 16  TYR A CG  
107 C CD1 . TYR A 16  ? 0.1878 0.4064 0.1589 -0.1001 -0.0250 -0.0457 16  TYR A CD1 
108 C CD2 . TYR A 16  ? 0.1874 0.4692 0.1614 -0.1094 -0.0128 -0.0427 16  TYR A CD2 
109 C CE1 . TYR A 16  ? 0.2098 0.4317 0.1707 -0.1198 -0.0292 -0.0369 16  TYR A CE1 
110 C CE2 . TYR A 16  ? 0.2156 0.4622 0.1756 -0.1210 -0.0346 -0.0275 16  TYR A CE2 
111 C CZ  . TYR A 16  ? 0.2287 0.4337 0.1673 -0.1221 -0.0338 -0.0366 16  TYR A CZ  
112 O OH  . TYR A 16  ? 0.2975 0.4751 0.1928 -0.1577 -0.0505 -0.0263 16  TYR A OH  
113 N N   . PRO A 17  ? 0.1540 0.3164 0.1588 -0.0016 -0.0213 -0.0664 17  PRO A N   
114 C CA  . PRO A 17  ? 0.1886 0.3178 0.1918 0.0181  -0.0356 -0.0445 17  PRO A CA  
115 C C   . PRO A 17  ? 0.2730 0.3591 0.1435 0.0333  -0.0528 -0.0429 17  PRO A C   
116 O O   . PRO A 17  ? 0.3155 0.4017 0.1431 0.0571  -0.0381 -0.0307 17  PRO A O   
117 C CB  . PRO A 17  ? 0.2147 0.2944 0.2183 0.0029  -0.0012 -0.0509 17  PRO A CB  
118 C CG  . PRO A 17  ? 0.1950 0.2357 0.1922 -0.0155 -0.0216 -0.0792 17  PRO A CG  
119 C CD  . PRO A 17  ? 0.1278 0.2918 0.1548 0.0127  -0.0296 -0.0615 17  PRO A CD  
120 N N   . LYS A 18  ? 0.2319 0.3860 0.1896 0.0541  -0.0596 -0.0077 18  LYS A N   
121 C CA  . LYS A 18  ? 0.2353 0.4077 0.2272 0.0597  -0.0237 -0.0051 18  LYS A CA  
122 C C   . LYS A 18  ? 0.2292 0.3517 0.2249 0.1113  -0.0306 -0.0015 18  LYS A C   
123 O O   . LYS A 18  ? 0.2286 0.3277 0.2088 0.1272  -0.0226 -0.0179 18  LYS A O   
124 C CB  . LYS A 18  ? 0.1923 0.4737 0.2873 0.0609  0.0140  0.0173  18  LYS A CB  
125 C CG  . LYS A 18  ? 0.2452 0.5321 0.3568 0.0362  0.0704  0.0218  18  LYS A CG  
126 C CD  . LYS A 18  ? 0.3373 0.5740 0.3949 0.0037  0.1222  0.0081  18  LYS A CD  
127 C CE  . LYS A 18  ? 0.3343 0.5999 0.4117 -0.0073 0.1508  -0.0125 18  LYS A CE  
128 N NZ  . LYS A 18  ? 0.2722 0.5611 0.3912 0.0458  0.1646  -0.0437 18  LYS A NZ  
129 N N   . ALA A 19  ? 0.2721 0.3578 0.2220 0.1165  -0.0487 0.0137  19  ALA A N   
130 C CA  . ALA A 19  ? 0.3085 0.3662 0.1986 0.1217  -0.0532 0.0130  19  ALA A CA  
131 C C   . ALA A 19  ? 0.2923 0.3410 0.2025 0.1423  -0.0400 0.0095  19  ALA A C   
132 O O   . ALA A 19  ? 0.2650 0.3115 0.2379 0.1493  -0.0236 -0.0083 19  ALA A O   
133 C CB  . ALA A 19  ? 0.3240 0.4131 0.1990 0.0972  -0.0810 0.0238  19  ALA A CB  
134 N N   . GLY A 20  ? 0.2834 0.3223 0.1559 0.1531  -0.0197 -0.0048 20  GLY A N   
135 C CA  . GLY A 20  ? 0.3014 0.3031 0.1770 0.1248  -0.0331 0.0011  20  GLY A CA  
136 C C   . GLY A 20  ? 0.2775 0.2721 0.1846 0.1293  -0.0132 -0.0111 20  GLY A C   
137 O O   . GLY A 20  ? 0.3149 0.2813 0.2022 0.0894  -0.0340 0.0000  20  GLY A O   
138 N N   . GLN A 21  ? 0.2443 0.2609 0.1732 0.1302  -0.0299 -0.0143 21  GLN A N   
139 C CA  . GLN A 21  ? 0.2364 0.2499 0.1681 0.0916  -0.0379 -0.0281 21  GLN A CA  
140 C C   . GLN A 21  ? 0.2330 0.2411 0.1486 0.0810  -0.0453 -0.0256 21  GLN A C   
141 O O   . GLN A 21  ? 0.2744 0.2836 0.1228 0.1056  -0.0382 -0.0216 21  GLN A O   
142 C CB  . GLN A 21  ? 0.2181 0.2838 0.2081 0.0637  -0.0072 -0.0445 21  GLN A CB  
143 C CG  . GLN A 21  ? 0.2531 0.2969 0.2486 0.0634  0.0125  -0.0399 21  GLN A CG  
144 C CD  . GLN A 21  ? 0.2950 0.3715 0.2719 0.0403  0.0466  -0.0315 21  GLN A CD  
145 O OE1 . GLN A 21  ? 0.2933 0.3362 0.2415 0.0086  0.0306  -0.0603 21  GLN A OE1 
146 N NE2 . GLN A 21  ? 0.3494 0.4368 0.3008 0.0294  0.0538  -0.0110 21  GLN A NE2 
147 N N   . VAL A 22  ? 0.2249 0.1883 0.1260 0.0446  -0.0491 -0.0453 22  VAL A N   
148 C CA  . VAL A 22  ? 0.2261 0.1723 0.1444 0.0364  -0.0483 -0.0271 22  VAL A CA  
149 C C   . VAL A 22  ? 0.2321 0.1678 0.1266 0.0282  -0.0348 -0.0148 22  VAL A C   
150 O O   . VAL A 22  ? 0.3134 0.1940 0.1135 0.0024  -0.0035 -0.0176 22  VAL A O   
151 C CB  . VAL A 22  ? 0.2443 0.1845 0.1804 0.0129  -0.0746 -0.0182 22  VAL A CB  
152 C CG1 . VAL A 22  ? 0.2406 0.2190 0.2244 -0.0001 -0.0625 -0.0293 22  VAL A CG1 
153 C CG2 . VAL A 22  ? 0.3511 0.1344 0.1969 -0.0159 -0.0854 -0.0243 22  VAL A CG2 
154 N N   . ALA A 23  ? 0.1542 0.1575 0.1533 0.0141  -0.0595 -0.0110 23  ALA A N   
155 C CA  . ALA A 23  ? 0.1446 0.1574 0.1370 0.0111  -0.0693 0.0035  23  ALA A CA  
156 C C   . ALA A 23  ? 0.1472 0.1569 0.1477 -0.0264 -0.0539 -0.0037 23  ALA A C   
157 O O   . ALA A 23  ? 0.1598 0.1741 0.1599 -0.0304 -0.0499 0.0240  23  ALA A O   
158 C CB  . ALA A 23  ? 0.1804 0.1510 0.1236 -0.0248 -0.0715 -0.0252 23  ALA A CB  
159 N N   . VAL A 24  ? 0.1478 0.1234 0.1086 0.0000  -0.0455 -0.0229 24  VAL A N   
160 C CA  . VAL A 24  ? 0.1411 0.1096 0.0939 0.0014  -0.0483 -0.0358 24  VAL A CA  
161 C C   . VAL A 24  ? 0.1272 0.1035 0.1091 -0.0106 -0.0273 -0.0380 24  VAL A C   
162 O O   . VAL A 24  ? 0.1354 0.1062 0.1178 -0.0343 -0.0328 -0.0093 24  VAL A O   
163 C CB  . VAL A 24  ? 0.1718 0.1256 0.1128 -0.0178 -0.0512 -0.0466 24  VAL A CB  
164 C CG1 . VAL A 24  ? 0.1659 0.1643 0.1186 -0.0196 -0.0660 -0.0276 24  VAL A CG1 
165 C CG2 . VAL A 24  ? 0.2365 0.1327 0.1281 -0.0109 -0.0254 -0.0476 24  VAL A CG2 
166 N N   . VAL A 25  ? 0.1093 0.1017 0.1177 -0.0242 -0.0438 -0.0209 25  VAL A N   
167 C CA  . VAL A 25  ? 0.1219 0.1096 0.0957 -0.0164 -0.0453 -0.0180 25  VAL A CA  
168 C C   . VAL A 25  ? 0.1142 0.1014 0.0961 -0.0282 -0.0318 -0.0242 25  VAL A C   
169 O O   . VAL A 25  ? 0.1182 0.1179 0.1746 -0.0399 -0.0404 -0.0112 25  VAL A O   
170 C CB  . VAL A 25  ? 0.1124 0.1364 0.1025 -0.0332 -0.0362 -0.0037 25  VAL A CB  
171 C CG1 . VAL A 25  ? 0.1149 0.1382 0.0940 -0.0307 -0.0400 -0.0144 25  VAL A CG1 
172 C CG2 . VAL A 25  ? 0.1371 0.1519 0.1090 -0.0614 -0.0129 -0.0150 25  VAL A CG2 
173 N N   . HIS A 26  ? 0.1243 0.1016 0.0890 -0.0306 -0.0367 -0.0207 26  HIS A N   
174 C CA  . HIS A 26  ? 0.1112 0.1151 0.0747 0.0002  -0.0317 -0.0060 26  HIS A CA  
175 C C   . HIS A 26  ? 0.1076 0.1252 0.0995 -0.0088 -0.0269 0.0128  26  HIS A C   
176 O O   . HIS A 26  ? 0.1104 0.1383 0.1004 -0.0308 -0.0245 -0.0076 26  HIS A O   
177 C CB  . HIS A 26  ? 0.1181 0.1372 0.0999 -0.0231 -0.0466 0.0040  26  HIS A CB  
178 C CG  . HIS A 26  ? 0.1101 0.1467 0.1007 -0.0283 -0.0570 0.0000  26  HIS A CG  
179 N ND1 . HIS A 26  ? 0.1289 0.1512 0.1165 -0.0331 -0.0403 -0.0066 26  HIS A ND1 
180 C CD2 . HIS A 26  ? 0.1468 0.1483 0.1162 -0.0159 -0.0704 0.0067  26  HIS A CD2 
181 C CE1 . HIS A 26  ? 0.1142 0.1833 0.1377 -0.0244 -0.0427 0.0046  26  HIS A CE1 
182 N NE2 . HIS A 26  ? 0.1233 0.1625 0.1490 -0.0362 -0.0576 0.0001  26  HIS A NE2 
183 N N   . TYR A 27  ? 0.1135 0.1470 0.0938 -0.0130 -0.0017 0.0115  27  TYR A N   
184 C CA  . TYR A 27  ? 0.1266 0.1407 0.1004 0.0060  -0.0066 0.0183  27  TYR A CA  
185 C C   . TYR A 27  ? 0.1112 0.1419 0.1260 0.0126  0.0052  0.0393  27  TYR A C   
186 O O   . TYR A 27  ? 0.1104 0.1703 0.1400 -0.0004 0.0037  0.0446  27  TYR A O   
187 C CB  . TYR A 27  ? 0.1143 0.1580 0.1295 -0.0078 -0.0110 0.0396  27  TYR A CB  
188 C CG  . TYR A 27  ? 0.1149 0.1583 0.1341 -0.0074 -0.0339 0.0317  27  TYR A CG  
189 C CD1 . TYR A 27  ? 0.1273 0.1665 0.1300 -0.0103 -0.0107 0.0359  27  TYR A CD1 
190 C CD2 . TYR A 27  ? 0.1370 0.1382 0.1511 -0.0197 -0.0490 0.0289  27  TYR A CD2 
191 C CE1 . TYR A 27  ? 0.1326 0.1765 0.1698 -0.0373 -0.0030 0.0436  27  TYR A CE1 
192 C CE2 . TYR A 27  ? 0.1270 0.1747 0.1636 -0.0178 -0.0246 0.0634  27  TYR A CE2 
193 C CZ  . TYR A 27  ? 0.1436 0.1666 0.1708 -0.0328 -0.0168 0.0545  27  TYR A CZ  
194 O OH  . TYR A 27  ? 0.1712 0.1882 0.2075 -0.0379 -0.0052 0.0705  27  TYR A OH  
195 N N   . THR A 28  ? 0.1605 0.1515 0.1004 0.0287  0.0143  0.0180  28  THR A N   
196 C CA  . THR A 28  ? 0.1577 0.2017 0.1052 0.0568  0.0165  0.0506  28  THR A CA  
197 C C   . THR A 28  ? 0.1856 0.1909 0.1253 0.0615  0.0134  0.0437  28  THR A C   
198 O O   . THR A 28  ? 0.1958 0.2268 0.1113 0.0331  0.0214  0.0319  28  THR A O   
199 C CB  . THR A 28  ? 0.2071 0.2219 0.1233 0.0884  0.0342  0.0568  28  THR A CB  
200 O OG1 . THR A 28  ? 0.2091 0.2644 0.1071 0.0802  0.0260  0.0578  28  THR A OG1 
201 C CG2 . THR A 28  ? 0.2043 0.2721 0.1600 0.0974  0.0618  0.0604  28  THR A CG2 
202 N N   . GLY A 29  ? 0.1976 0.2008 0.0920 0.0631  0.0241  0.0385  29  GLY A N   
203 C CA  . GLY A 29  ? 0.2062 0.2401 0.0885 0.0722  0.0375  0.0305  29  GLY A CA  
204 C C   . GLY A 29  ? 0.1940 0.2571 0.1110 0.1102  0.0472  0.0493  29  GLY A C   
205 O O   . GLY A 29  ? 0.2199 0.2746 0.1355 0.0957  0.0541  0.0734  29  GLY A O   
206 N N   . THR A 30  ? 0.2511 0.2657 0.1005 0.1047  0.0311  0.0337  30  THR A N   
207 C CA  . THR A 30  ? 0.3116 0.2411 0.1218 0.1380  0.0505  0.0247  30  THR A CA  
208 C C   . THR A 30  ? 0.2918 0.2915 0.1353 0.1521  0.0588  0.0445  30  THR A C   
209 O O   . THR A 30  ? 0.2987 0.3114 0.1474 0.1402  0.0728  0.0563  30  THR A O   
210 C CB  . THR A 30  ? 0.3304 0.2844 0.1359 0.1281  0.0548  0.0393  30  THR A CB  
211 O OG1 . THR A 30  ? 0.3364 0.2972 0.1574 0.1122  0.0536  0.0498  30  THR A OG1 
212 C CG2 . THR A 30  ? 0.3561 0.2821 0.1334 0.1252  0.0526  0.0316  30  THR A CG2 
213 N N   . LEU A 31  ? 0.2916 0.3842 0.1463 0.1494  0.0510  0.0631  31  LEU A N   
214 C CA  . LEU A 31  ? 0.3404 0.4468 0.1630 0.1515  0.0614  0.0601  31  LEU A CA  
215 C C   . LEU A 31  ? 0.3995 0.4404 0.1613 0.1640  0.0563  0.0291  31  LEU A C   
216 O O   . LEU A 31  ? 0.4498 0.4185 0.1646 0.1742  0.0542  0.0356  31  LEU A O   
217 C CB  . LEU A 31  ? 0.3083 0.4663 0.1811 0.1560  0.0735  0.0779  31  LEU A CB  
218 C CG  . LEU A 31  ? 0.2973 0.4484 0.1913 0.1798  0.0767  0.0954  31  LEU A CG  
219 C CD1 . LEU A 31  ? 0.3430 0.4597 0.2050 0.1684  0.0827  0.1159  31  LEU A CD1 
220 C CD2 . LEU A 31  ? 0.2785 0.4606 0.2222 0.1761  0.0536  0.1270  31  LEU A CD2 
221 N N   . ALA A 32  ? 0.4503 0.4856 0.1687 0.1537  0.0551  0.0091  32  ALA A N   
222 C CA  . ALA A 32  ? 0.5093 0.5234 0.1735 0.1553  0.0363  0.0019  32  ALA A CA  
223 C C   . ALA A 32  ? 0.5333 0.5315 0.2182 0.1674  0.0423  -0.0041 32  ALA A C   
224 O O   . ALA A 32  ? 0.5766 0.5630 0.2518 0.1175  0.0215  0.0062  32  ALA A O   
225 C CB  . ALA A 32  ? 0.5333 0.5301 0.1693 0.1323  0.0274  -0.0097 32  ALA A CB  
226 N N   . ASP A 33  ? 0.5458 0.5314 0.2348 0.2112  0.0723  -0.0143 33  ASP A N   
227 C CA  . ASP A 33  ? 0.5454 0.5490 0.2628 0.2364  0.0614  0.0125  33  ASP A CA  
228 C C   . ASP A 33  ? 0.5358 0.5232 0.2810 0.2579  0.0659  0.0177  33  ASP A C   
229 O O   . ASP A 33  ? 0.5606 0.5226 0.3282 0.2571  0.0889  0.0002  33  ASP A O   
230 C CB  . ASP A 33  ? 0.5583 0.5880 0.2388 0.2508  0.0748  0.0054  33  ASP A CB  
231 C CG  . ASP A 33  ? 0.5424 0.6460 0.2334 0.2572  0.0680  0.0252  33  ASP A CG  
232 O OD1 . ASP A 33  ? 0.5818 0.6996 0.2495 0.2287  0.0890  0.0265  33  ASP A OD1 
233 O OD2 . ASP A 33  ? 0.5050 0.6044 0.2222 0.2811  0.0453  0.0199  33  ASP A OD2 
234 N N   . GLY A 34  ? 0.5465 0.4795 0.2522 0.2540  0.0761  0.0079  34  GLY A N   
235 C CA  . GLY A 34  ? 0.5095 0.4448 0.2564 0.2574  0.0642  0.0379  34  GLY A CA  
236 C C   . GLY A 34  ? 0.4680 0.4406 0.2290 0.2473  0.0559  0.0538  34  GLY A C   
237 O O   . GLY A 34  ? 0.4749 0.4310 0.2249 0.2528  0.0451  0.0744  34  GLY A O   
238 N N   . LYS A 35  ? 0.4245 0.4374 0.1866 0.2420  0.0591  0.0488  35  LYS A N   
239 C CA  . LYS A 35  ? 0.3379 0.4780 0.1850 0.2304  0.0558  0.0749  35  LYS A CA  
240 C C   . LYS A 35  ? 0.3062 0.4268 0.1697 0.2074  0.0541  0.0725  35  LYS A C   
241 O O   . LYS A 35  ? 0.3064 0.4289 0.1764 0.2061  0.0605  0.0781  35  LYS A O   
242 C CB  . LYS A 35  ? 0.3609 0.5218 0.2400 0.1885  0.1056  0.0535  35  LYS A CB  
243 C CG  . LYS A 35  ? 0.5156 0.5924 0.2910 0.1333  0.1294  0.0770  35  LYS A CG  
244 C CD  . LYS A 35  ? 0.5652 0.6311 0.3385 0.0963  0.1469  0.0780  35  LYS A CD  
245 C CE  . LYS A 35  ? 0.5934 0.6614 0.3783 0.0754  0.1388  0.0945  35  LYS A CE  
246 N NZ  . LYS A 35  ? 0.6487 0.6631 0.3785 0.0665  0.1497  0.0881  35  LYS A NZ  
247 N N   . VAL A 36  ? 0.3058 0.3958 0.1698 0.1851  0.0678  0.0753  36  VAL A N   
248 C CA  . VAL A 36  ? 0.2718 0.3531 0.1600 0.1580  0.0481  0.0790  36  VAL A CA  
249 C C   . VAL A 36  ? 0.2217 0.3918 0.2257 0.1200  0.0756  0.0936  36  VAL A C   
250 O O   . VAL A 36  ? 0.1968 0.4294 0.2830 0.1065  0.0508  0.1153  36  VAL A O   
251 C CB  . VAL A 36  ? 0.2483 0.3606 0.1657 0.1262  0.0064  0.0802  36  VAL A CB  
252 C CG1 . VAL A 36  ? 0.2575 0.3188 0.1749 0.1221  0.0566  0.0278  36  VAL A CG1 
253 C CG2 . VAL A 36  ? 0.3085 0.4022 0.1657 0.0946  -0.0089 0.0884  36  VAL A CG2 
254 N N   . PHE A 37  ? 0.2056 0.3340 0.2184 0.1197  0.0763  0.1064  37  PHE A N   
255 C CA  . PHE A 37  ? 0.1962 0.3251 0.2377 0.0811  0.0591  0.1218  37  PHE A CA  
256 C C   . PHE A 37  ? 0.1558 0.3141 0.2209 0.0368  0.0438  0.1082  37  PHE A C   
257 O O   . PHE A 37  ? 0.1881 0.3553 0.2347 0.0059  0.0470  0.1091  37  PHE A O   
258 C CB  . PHE A 37  ? 0.2045 0.3387 0.2186 0.0807  0.0589  0.1167  37  PHE A CB  
259 C CG  . PHE A 37  ? 0.2407 0.3167 0.1965 0.0865  0.0530  0.1195  37  PHE A CG  
260 C CD1 . PHE A 37  ? 0.2381 0.3051 0.1725 0.1005  0.0438  0.1114  37  PHE A CD1 
261 C CD2 . PHE A 37  ? 0.2395 0.2854 0.1755 0.1013  0.0445  0.1066  37  PHE A CD2 
262 C CE1 . PHE A 37  ? 0.2408 0.2929 0.1795 0.1026  0.0315  0.1098  37  PHE A CE1 
263 C CE2 . PHE A 37  ? 0.2347 0.2725 0.1800 0.1081  0.0409  0.0980  37  PHE A CE2 
264 C CZ  . PHE A 37  ? 0.2577 0.2697 0.1848 0.1074  0.0348  0.1054  37  PHE A CZ  
265 N N   . ASP A 38  ? 0.1552 0.2866 0.2238 0.0398  0.0453  0.1092  38  ASP A N   
266 C CA  . ASP A 38  ? 0.1592 0.2485 0.2487 0.0090  0.0406  0.1059  38  ASP A CA  
267 C C   . ASP A 38  ? 0.1394 0.2455 0.2463 0.0184  0.0427  0.1117  38  ASP A C   
268 O O   . ASP A 38  ? 0.2504 0.2135 0.2136 -0.0037 0.1095  0.0458  38  ASP A O   
269 C CB  . ASP A 38  ? 0.1610 0.2185 0.2625 0.0038  0.0203  0.1150  38  ASP A CB  
270 C CG  . ASP A 38  ? 0.1909 0.2553 0.2739 -0.0288 0.0175  0.1204  38  ASP A CG  
271 O OD1 . ASP A 38  ? 0.1897 0.2131 0.3143 -0.0471 0.0254  0.0973  38  ASP A OD1 
272 O OD2 . ASP A 38  ? 0.1728 0.2596 0.2313 -0.0057 0.0177  0.1093  38  ASP A OD2 
273 N N   . SER A 39  ? 0.1381 0.2790 0.2560 0.0093  0.0293  0.1332  39  SER A N   
274 C CA  . SER A 39  ? 0.1617 0.2829 0.2298 0.0281  0.0306  0.1276  39  SER A CA  
275 C C   . SER A 39  ? 0.1090 0.3322 0.2007 -0.0328 -0.0216 0.1099  39  SER A C   
276 O O   . SER A 39  ? 0.1283 0.3637 0.2412 -0.0486 0.0001  0.1018  39  SER A O   
277 C CB  . SER A 39  ? 0.1950 0.2946 0.2187 0.0447  0.0395  0.1282  39  SER A CB  
278 O OG  . SER A 39  ? 0.1707 0.3103 0.1959 0.0433  0.0245  0.1272  39  SER A OG  
279 N N   . SER A 40  ? 0.1377 0.2740 0.1654 -0.0351 -0.0043 0.0765  40  SER A N   
280 C CA  . SER A 40  ? 0.1270 0.2518 0.1774 -0.0519 -0.0546 0.0739  40  SER A CA  
281 C C   . SER A 40  ? 0.1187 0.2416 0.2081 -0.0373 -0.0644 0.0882  40  SER A C   
282 O O   . SER A 40  ? 0.1550 0.2851 0.2267 -0.0672 -0.0821 0.1019  40  SER A O   
283 C CB  . SER A 40  ? 0.1144 0.2137 0.1655 -0.0719 -0.0358 0.0257  40  SER A CB  
284 O OG  . SER A 40  ? 0.1339 0.1948 0.1371 -0.0587 -0.0442 0.0154  40  SER A OG  
285 N N   . ARG A 41  ? 0.1481 0.2529 0.1908 -0.0155 -0.0251 0.0734  41  ARG A N   
286 C CA  . ARG A 41  ? 0.1593 0.2717 0.2062 0.0008  -0.0268 0.0802  41  ARG A CA  
287 C C   . ARG A 41  ? 0.1648 0.3419 0.2001 0.0253  -0.0108 0.0875  41  ARG A C   
288 O O   . ARG A 41  ? 0.1878 0.3594 0.1892 0.0155  -0.0424 0.0914  41  ARG A O   
289 C CB  . ARG A 41  ? 0.1520 0.2282 0.2208 -0.0070 -0.0134 0.0543  41  ARG A CB  
290 C CG  . ARG A 41  ? 0.1715 0.1892 0.2122 -0.0037 0.0207  0.0205  41  ARG A CG  
291 C CD  . ARG A 41  ? 0.1639 0.1937 0.1983 -0.0048 -0.0324 0.0476  41  ARG A CD  
292 N NE  . ARG A 41  ? 0.1504 0.2188 0.1994 0.0050  -0.0267 0.0494  41  ARG A NE  
293 C CZ  . ARG A 41  ? 0.1478 0.2397 0.1644 0.0117  0.0039  0.0430  41  ARG A CZ  
294 N NH1 . ARG A 41  ? 0.2122 0.2033 0.1559 0.0266  0.0545  0.0386  41  ARG A NH1 
295 N NH2 . ARG A 41  ? 0.1708 0.2490 0.1310 -0.0135 0.0191  0.0046  41  ARG A NH2 
296 N N   . THR A 42  ? 0.1529 0.3910 0.2175 0.0248  -0.0094 0.0899  42  THR A N   
297 C CA  . THR A 42  ? 0.1529 0.4522 0.2543 0.0081  -0.0294 0.0936  42  THR A CA  
298 C C   . THR A 42  ? 0.1710 0.4637 0.2623 -0.0372 -0.0736 0.0997  42  THR A C   
299 O O   . THR A 42  ? 0.1778 0.5142 0.2828 -0.0217 -0.0521 0.0850  42  THR A O   
300 C CB  . THR A 42  ? 0.1621 0.4917 0.2873 0.0134  0.0059  0.0763  42  THR A CB  
301 O OG1 . THR A 42  ? 0.1946 0.4152 0.2963 0.0738  -0.0064 0.0851  42  THR A OG1 
302 C CG2 . THR A 42  ? 0.1754 0.5431 0.3045 -0.0009 0.0316  0.0672  42  THR A CG2 
303 N N   . ARG A 43  ? 0.1861 0.4001 0.2554 -0.0561 -0.0763 0.0976  43  ARG A N   
304 C CA  . ARG A 43  ? 0.2392 0.4126 0.2526 -0.0908 -0.1024 0.1139  43  ARG A CA  
305 C C   . ARG A 43  ? 0.2033 0.3979 0.2185 -0.0712 -0.0927 0.0847  43  ARG A C   
306 O O   . ARG A 43  ? 0.2563 0.4790 0.2298 -0.1363 -0.0916 0.0621  43  ARG A O   
307 C CB  . ARG A 43  ? 0.3905 0.3200 0.3185 -0.1282 -0.0574 0.1222  43  ARG A CB  
308 C CG  . ARG A 43  ? 0.3645 0.4116 0.3523 -0.1594 -0.0692 0.1529  43  ARG A CG  
309 C CD  . ARG A 43  ? 0.3030 0.4427 0.3266 -0.1479 -0.0977 0.1864  43  ARG A CD  
310 N NE  . ARG A 43  ? 0.2424 0.4291 0.3043 -0.1470 -0.0766 0.1740  43  ARG A NE  
311 C CZ  . ARG A 43  ? 0.2426 0.3787 0.3143 -0.1379 -0.0487 0.1533  43  ARG A CZ  
312 N NH1 . ARG A 43  ? 0.2335 0.3619 0.2886 -0.0879 -0.0258 0.1596  43  ARG A NH1 
313 N NH2 . ARG A 43  ? 0.2205 0.3217 0.3169 -0.1311 -0.0521 0.1211  43  ARG A NH2 
314 N N   . GLY A 44  ? 0.1630 0.3702 0.1994 -0.0335 -0.0658 0.0636  44  GLY A N   
315 C CA  . GLY A 44  ? 0.1679 0.3338 0.2035 -0.0256 -0.0614 0.0746  44  GLY A CA  
316 C C   . GLY A 44  ? 0.1557 0.2823 0.1910 -0.0272 -0.0736 0.0703  44  GLY A C   
317 O O   . GLY A 44  ? 0.2329 0.3012 0.1763 -0.0392 -0.0569 0.0717  44  GLY A O   
318 N N   . LYS A 45  ? 0.1347 0.2751 0.2207 -0.0448 -0.0800 0.0547  45  LYS A N   
319 C CA  . LYS A 45  ? 0.1794 0.2469 0.2297 -0.0616 -0.1074 0.0292  45  LYS A CA  
320 C C   . LYS A 45  ? 0.1849 0.2098 0.1872 -0.0524 -0.1035 0.0273  45  LYS A C   
321 O O   . LYS A 45  ? 0.1923 0.2309 0.1827 -0.0708 -0.0978 0.0339  45  LYS A O   
322 C CB  . LYS A 45  ? 0.2306 0.2635 0.3093 -0.0886 -0.1302 0.0208  45  LYS A CB  
323 C CG  . LYS A 45  ? 0.3440 0.2598 0.3528 -0.1196 -0.1615 0.0230  45  LYS A CG  
324 C CD  . LYS A 45  ? 0.4569 0.2521 0.4289 -0.1309 -0.1604 0.0307  45  LYS A CD  
325 C CE  . LYS A 45  ? 0.5464 0.2910 0.4860 -0.1312 -0.1150 0.0376  45  LYS A CE  
326 N NZ  . LYS A 45  ? 0.6170 0.3155 0.5098 -0.1155 -0.0924 0.0469  45  LYS A NZ  
327 N N   . PRO A 46  ? 0.2007 0.1868 0.1664 -0.0162 -0.1025 0.0397  46  PRO A N   
328 C CA  . PRO A 46  ? 0.1759 0.1705 0.2175 -0.0178 -0.0923 0.0470  46  PRO A CA  
329 C C   . PRO A 46  ? 0.1797 0.1247 0.2024 -0.0491 -0.0980 0.0156  46  PRO A C   
330 O O   . PRO A 46  ? 0.2348 0.1516 0.2277 -0.0792 -0.1085 0.0319  46  PRO A O   
331 C CB  . PRO A 46  ? 0.2363 0.1917 0.2659 -0.0042 -0.0282 0.0636  46  PRO A CB  
332 C CG  . PRO A 46  ? 0.2668 0.2646 0.2471 -0.0418 -0.0008 0.0246  46  PRO A CG  
333 C CD  . PRO A 46  ? 0.2294 0.2233 0.2054 -0.0318 -0.0458 0.0232  46  PRO A CD  
334 N N   . PHE A 47  ? 0.1441 0.1470 0.1747 -0.0328 -0.0771 -0.0015 47  PHE A N   
335 C CA  . PHE A 47  ? 0.1798 0.1439 0.1626 -0.0367 -0.0674 0.0006  47  PHE A CA  
336 C C   . PHE A 47  ? 0.1533 0.1216 0.1587 -0.0342 -0.0698 -0.0190 47  PHE A C   
337 O O   . PHE A 47  ? 0.1484 0.1344 0.2102 -0.0547 -0.0587 -0.0039 47  PHE A O   
338 C CB  . PHE A 47  ? 0.1564 0.1733 0.1902 -0.0300 -0.0355 0.0025  47  PHE A CB  
339 C CG  . PHE A 47  ? 0.1753 0.1847 0.2094 -0.0313 -0.0288 0.0334  47  PHE A CG  
340 C CD1 . PHE A 47  ? 0.1528 0.2098 0.2189 -0.0129 -0.0284 0.0472  47  PHE A CD1 
341 C CD2 . PHE A 47  ? 0.2093 0.2538 0.2247 -0.0767 -0.0382 0.0594  47  PHE A CD2 
342 C CE1 . PHE A 47  ? 0.1931 0.2190 0.2278 -0.0206 0.0000  0.0517  47  PHE A CE1 
343 C CE2 . PHE A 47  ? 0.2705 0.2646 0.2378 -0.0796 -0.0208 0.0577  47  PHE A CE2 
344 C CZ  . PHE A 47  ? 0.2601 0.2414 0.2292 -0.0445 -0.0069 0.0543  47  PHE A CZ  
345 N N   . ARG A 48  ? 0.1613 0.1333 0.1833 -0.0353 -0.0666 -0.0160 48  ARG A N   
346 C CA  . ARG A 48  ? 0.1685 0.1497 0.1867 0.0100  -0.0607 -0.0168 48  ARG A CA  
347 C C   . ARG A 48  ? 0.1811 0.1136 0.2195 -0.0267 -0.0647 0.0096  48  ARG A C   
348 O O   . ARG A 48  ? 0.1825 0.1536 0.2650 -0.0443 -0.0596 0.0299  48  ARG A O   
349 C CB  . ARG A 48  ? 0.2483 0.2483 0.2330 0.0154  -0.0384 -0.0170 48  ARG A CB  
350 C CG  . ARG A 48  ? 0.3552 0.3073 0.2810 -0.0165 0.0126  -0.0713 48  ARG A CG  
351 C CD  . ARG A 48  ? 0.4154 0.3920 0.3320 -0.0511 0.0422  -0.1059 48  ARG A CD  
352 N NE  . ARG A 48  ? 0.4604 0.4628 0.4037 -0.1034 0.0269  -0.0976 48  ARG A NE  
353 C CZ  . ARG A 48  ? 0.4826 0.5103 0.4426 -0.1382 0.0256  -0.0909 48  ARG A CZ  
354 N NH1 . ARG A 48  ? 0.4833 0.5412 0.4688 -0.1655 0.0438  -0.1017 48  ARG A NH1 
355 N NH2 . ARG A 48  ? 0.4757 0.5125 0.4489 -0.1505 0.0198  -0.1006 48  ARG A NH2 
356 N N   . PHE A 49  ? 0.1846 0.1145 0.1857 -0.0188 -0.0679 0.0136  49  PHE A N   
357 C CA  . PHE A 49  ? 0.1823 0.1287 0.2066 -0.0119 -0.0465 0.0091  49  PHE A CA  
358 C C   . PHE A 49  ? 0.2092 0.1245 0.1840 0.0052  -0.0365 -0.0088 49  PHE A C   
359 O O   . PHE A 49  ? 0.2012 0.1610 0.1643 0.0040  -0.0344 -0.0032 49  PHE A O   
360 C CB  . PHE A 49  ? 0.1957 0.1160 0.1966 -0.0190 -0.0451 -0.0005 49  PHE A CB  
361 C CG  . PHE A 49  ? 0.1549 0.1391 0.1729 0.0096  -0.0414 0.0083  49  PHE A CG  
362 C CD1 . PHE A 49  ? 0.1596 0.1780 0.1842 0.0052  -0.0238 0.0037  49  PHE A CD1 
363 C CD2 . PHE A 49  ? 0.1735 0.1472 0.1739 0.0013  -0.0234 0.0065  49  PHE A CD2 
364 C CE1 . PHE A 49  ? 0.1774 0.1461 0.1668 0.0101  -0.0165 -0.0202 49  PHE A CE1 
365 C CE2 . PHE A 49  ? 0.1764 0.1544 0.1489 -0.0171 -0.0237 -0.0231 49  PHE A CE2 
366 C CZ  . PHE A 49  ? 0.1768 0.1662 0.1482 0.0024  -0.0048 -0.0255 49  PHE A CZ  
367 N N   . THR A 50  ? 0.2467 0.1458 0.1796 0.0470  -0.0524 -0.0002 50  THR A N   
368 C CA  . THR A 50  ? 0.2468 0.1564 0.1794 0.0456  -0.0552 -0.0209 50  THR A CA  
369 C C   . THR A 50  ? 0.2335 0.1822 0.1631 0.0490  -0.0510 -0.0126 50  THR A C   
370 O O   . THR A 50  ? 0.2694 0.2116 0.1434 0.0554  -0.0303 0.0013  50  THR A O   
371 C CB  . THR A 50  ? 0.2776 0.1684 0.2350 0.0683  -0.0375 -0.0232 50  THR A CB  
372 O OG1 . THR A 50  ? 0.2995 0.1901 0.2494 0.0337  -0.0396 -0.0295 50  THR A OG1 
373 C CG2 . THR A 50  ? 0.2711 0.1985 0.2612 0.0631  -0.0425 -0.0086 50  THR A CG2 
374 N N   . VAL A 51  ? 0.1969 0.1944 0.1778 0.0576  -0.0498 -0.0130 51  VAL A N   
375 C CA  . VAL A 51  ? 0.2228 0.2252 0.1699 0.0649  -0.0491 -0.0128 51  VAL A CA  
376 C C   . VAL A 51  ? 0.2255 0.2470 0.1572 0.1070  -0.0212 -0.0479 51  VAL A C   
377 O O   . VAL A 51  ? 0.2453 0.2946 0.1651 0.1276  -0.0053 -0.0339 51  VAL A O   
378 C CB  . VAL A 51  ? 0.2306 0.2277 0.1521 0.0502  -0.0151 -0.0399 51  VAL A CB  
379 C CG1 . VAL A 51  ? 0.2161 0.2944 0.1502 0.0128  -0.0114 -0.0523 51  VAL A CG1 
380 C CG2 . VAL A 51  ? 0.2618 0.2522 0.1561 0.0520  -0.0114 0.0046  51  VAL A CG2 
381 N N   . GLY A 52  ? 0.2324 0.2747 0.1494 0.1178  -0.0490 -0.0349 52  GLY A N   
382 C CA  . GLY A 52  ? 0.2486 0.3399 0.1833 0.1433  -0.0528 0.0070  52  GLY A CA  
383 C C   . GLY A 52  ? 0.3125 0.3105 0.2062 0.1779  -0.0263 0.0173  52  GLY A C   
384 O O   . GLY A 52  ? 0.3279 0.3767 0.2344 0.1857  -0.0249 0.0532  52  GLY A O   
385 N N   . ARG A 53  ? 0.3736 0.2798 0.2503 0.1573  -0.0108 0.0156  53  ARG A N   
386 C CA  . ARG A 53  ? 0.4377 0.2528 0.2758 0.1507  -0.0200 0.0367  53  ARG A CA  
387 C C   . ARG A 53  ? 0.4444 0.2260 0.2881 0.1205  -0.0146 0.0521  53  ARG A C   
388 O O   . ARG A 53  ? 0.4964 0.2518 0.3435 0.0832  0.0047  0.0725  53  ARG A O   
389 C CB  . ARG A 53  ? 0.4917 0.2763 0.3147 0.1420  -0.0102 0.0152  53  ARG A CB  
390 C CG  . ARG A 53  ? 0.5464 0.3005 0.3816 0.1347  -0.0137 0.0191  53  ARG A CG  
391 C CD  . ARG A 53  ? 0.6016 0.3547 0.4665 0.0975  0.0068  0.0163  53  ARG A CD  
392 N NE  . ARG A 53  ? 0.6126 0.4437 0.5277 0.0613  0.0204  0.0219  53  ARG A NE  
393 C CZ  . ARG A 53  ? 0.6412 0.4795 0.5664 0.0306  0.0241  0.0187  53  ARG A CZ  
394 N NH1 . ARG A 53  ? 0.6889 0.5045 0.5931 0.0005  0.0291  0.0233  53  ARG A NH1 
395 N NH2 . ARG A 53  ? 0.6772 0.5309 0.5789 -0.0078 0.0211  0.0229  53  ARG A NH2 
396 N N   . GLY A 54  ? 0.3577 0.2505 0.2562 0.1126  -0.0376 0.0692  54  GLY A N   
397 C CA  . GLY A 54  ? 0.3598 0.2686 0.2595 0.0459  -0.0457 0.0756  54  GLY A CA  
398 C C   . GLY A 54  ? 0.3560 0.2383 0.2573 0.0140  -0.0347 0.0654  54  GLY A C   
399 O O   . GLY A 54  ? 0.4185 0.2355 0.2750 -0.0122 -0.0112 0.0657  54  GLY A O   
400 N N   . GLU A 55  ? 0.3409 0.1903 0.2480 0.0096  -0.0321 0.0426  55  GLU A N   
401 C CA  . GLU A 55  ? 0.3270 0.2226 0.2751 -0.0460 -0.0438 0.0331  55  GLU A CA  
402 C C   . GLU A 55  ? 0.2243 0.2469 0.2747 -0.0421 -0.0563 0.0321  55  GLU A C   
403 O O   . GLU A 55  ? 0.2449 0.3012 0.3331 -0.0690 -0.0386 0.0121  55  GLU A O   
404 C CB  . GLU A 55  ? 0.4007 0.1818 0.2888 -0.0571 -0.0327 0.0043  55  GLU A CB  
405 C CG  . GLU A 55  ? 0.4734 0.1944 0.3071 -0.0515 -0.0348 0.0098  55  GLU A CG  
406 C CD  . GLU A 55  ? 0.5164 0.2188 0.3255 -0.0463 -0.0393 0.0308  55  GLU A CD  
407 O OE1 . GLU A 55  ? 0.4464 0.1970 0.3318 -0.0352 -0.0529 0.0509  55  GLU A OE1 
408 O OE2 . GLU A 55  ? 0.5855 0.2421 0.3504 -0.0519 -0.0413 0.0366  55  GLU A OE2 
409 N N   . VAL A 56  ? 0.2452 0.1712 0.2055 -0.0388 -0.0600 0.0211  56  VAL A N   
410 C CA  . VAL A 56  ? 0.2411 0.1882 0.1979 -0.0186 -0.0299 0.0335  56  VAL A CA  
411 C C   . VAL A 56  ? 0.2135 0.1818 0.1922 -0.0030 -0.0175 0.0412  56  VAL A C   
412 O O   . VAL A 56  ? 0.1986 0.2004 0.2227 0.0063  -0.0240 0.0604  56  VAL A O   
413 C CB  . VAL A 56  ? 0.1765 0.1932 0.1969 -0.0059 -0.0534 0.0463  56  VAL A CB  
414 C CG1 . VAL A 56  ? 0.1844 0.2310 0.2303 -0.0157 -0.0416 0.0386  56  VAL A CG1 
415 C CG2 . VAL A 56  ? 0.1509 0.2299 0.2100 0.0061  0.0001  0.0499  56  VAL A CG2 
416 N N   . ILE A 57  ? 0.1637 0.1994 0.1840 -0.0031 -0.0214 0.0634  57  ILE A N   
417 C CA  . ILE A 57  ? 0.1434 0.2307 0.1890 0.0163  -0.0088 0.0707  57  ILE A CA  
418 C C   . ILE A 57  ? 0.1317 0.1907 0.1836 0.0358  -0.0035 0.0477  57  ILE A C   
419 O O   . ILE A 57  ? 0.1613 0.1675 0.1712 0.0114  0.0023  0.0354  57  ILE A O   
420 C CB  . ILE A 57  ? 0.1254 0.2433 0.1922 0.0176  0.0092  0.0716  57  ILE A CB  
421 C CG1 . ILE A 57  ? 0.1456 0.2119 0.1705 0.0368  -0.0010 0.0496  57  ILE A CG1 
422 C CG2 . ILE A 57  ? 0.1631 0.2695 0.2116 -0.0142 -0.0098 0.0870  57  ILE A CG2 
423 C CD1 . ILE A 57  ? 0.1456 0.2618 0.2354 0.0351  0.0046  0.0896  57  ILE A CD1 
424 N N   . ARG A 58  ? 0.1315 0.2319 0.2047 0.0192  -0.0363 0.0594  58  ARG A N   
425 C CA  . ARG A 58  ? 0.1390 0.2458 0.1946 0.0249  -0.0330 0.0496  58  ARG A CA  
426 C C   . ARG A 58  ? 0.1537 0.2113 0.1554 0.0172  -0.0219 0.0272  58  ARG A C   
427 O O   . ARG A 58  ? 0.1389 0.2336 0.1360 0.0178  -0.0151 0.0221  58  ARG A O   
428 C CB  . ARG A 58  ? 0.1589 0.3063 0.2022 0.0218  -0.0588 0.0602  58  ARG A CB  
429 C CG  . ARG A 58  ? 0.1946 0.3380 0.2246 0.0346  -0.0721 0.0608  58  ARG A CG  
430 C CD  . ARG A 58  ? 0.2220 0.4232 0.2677 0.0155  -0.1090 0.0897  58  ARG A CD  
431 N NE  . ARG A 58  ? 0.2924 0.4687 0.3279 -0.0093 -0.1321 0.1099  58  ARG A NE  
432 C CZ  . ARG A 58  ? 0.3110 0.5208 0.3655 -0.0104 -0.1202 0.1176  58  ARG A CZ  
433 N NH1 . ARG A 58  ? 0.3903 0.5368 0.3735 -0.0340 -0.0974 0.1019  58  ARG A NH1 
434 N NH2 . ARG A 58  ? 0.3453 0.5326 0.3843 -0.0183 -0.0771 0.0925  58  ARG A NH2 
435 N N   . GLY A 59  ? 0.1531 0.2101 0.1194 0.0175  -0.0055 0.0269  59  GLY A N   
436 C CA  . GLY A 59  ? 0.1944 0.1867 0.1176 -0.0057 -0.0040 0.0137  59  GLY A CA  
437 C C   . GLY A 59  ? 0.1689 0.1722 0.1186 0.0049  -0.0041 -0.0052 59  GLY A C   
438 O O   . GLY A 59  ? 0.1711 0.1850 0.1010 -0.0029 -0.0139 -0.0103 59  GLY A O   
439 N N   . TRP A 60  ? 0.1420 0.1828 0.1058 0.0004  -0.0155 -0.0126 60  TRP A N   
440 C CA  . TRP A 60  ? 0.1267 0.1756 0.1375 -0.0023 -0.0107 -0.0160 60  TRP A CA  
441 C C   . TRP A 60  ? 0.1058 0.1940 0.1497 -0.0059 -0.0163 -0.0079 60  TRP A C   
442 O O   . TRP A 60  ? 0.1248 0.1874 0.1307 -0.0084 -0.0059 -0.0125 60  TRP A O   
443 C CB  . TRP A 60  ? 0.1228 0.1793 0.1584 0.0091  -0.0280 0.0241  60  TRP A CB  
444 C CG  . TRP A 60  ? 0.1613 0.1780 0.1352 0.0178  -0.0077 0.0196  60  TRP A CG  
445 C CD1 . TRP A 60  ? 0.1378 0.1963 0.1282 0.0096  -0.0256 0.0181  60  TRP A CD1 
446 C CD2 . TRP A 60  ? 0.1620 0.1801 0.1102 0.0336  -0.0051 0.0185  60  TRP A CD2 
447 N NE1 . TRP A 60  ? 0.1439 0.1922 0.1191 0.0184  -0.0276 0.0129  60  TRP A NE1 
448 C CE2 . TRP A 60  ? 0.1424 0.1956 0.1046 0.0276  -0.0196 0.0093  60  TRP A CE2 
449 C CE3 . TRP A 60  ? 0.1625 0.1971 0.1154 0.0065  -0.0274 0.0185  60  TRP A CE3 
450 C CZ2 . TRP A 60  ? 0.1629 0.2278 0.1269 0.0242  -0.0285 0.0319  60  TRP A CZ2 
451 C CZ3 . TRP A 60  ? 0.1477 0.2128 0.1422 0.0149  -0.0482 0.0445  60  TRP A CZ3 
452 C CH2 . TRP A 60  ? 0.1644 0.2231 0.1159 0.0279  -0.0177 0.0159  60  TRP A CH2 
453 N N   . ASP A 61  ? 0.1339 0.1710 0.1627 0.0248  -0.0210 -0.0036 61  ASP A N   
454 C CA  . ASP A 61  ? 0.1508 0.2213 0.1655 0.0196  -0.0352 -0.0068 61  ASP A CA  
455 C C   . ASP A 61  ? 0.1298 0.2801 0.1700 0.0146  -0.0140 -0.0183 61  ASP A C   
456 O O   . ASP A 61  ? 0.1557 0.3197 0.1833 -0.0033 0.0051  -0.0315 61  ASP A O   
457 C CB  . ASP A 61  ? 0.1993 0.1926 0.1802 0.0381  -0.0529 0.0089  61  ASP A CB  
458 C CG  . ASP A 61  ? 0.1910 0.1962 0.1717 0.0612  -0.0101 -0.0124 61  ASP A CG  
459 O OD1 . ASP A 61  ? 0.1698 0.1988 0.1789 0.0505  -0.0013 -0.0221 61  ASP A OD1 
460 O OD2 . ASP A 61  ? 0.2578 0.2011 0.2189 0.0422  -0.0276 0.0195  61  ASP A OD2 
461 N N   . GLU A 62  ? 0.1410 0.2352 0.1539 0.0243  -0.0173 -0.0148 62  GLU A N   
462 C CA  . GLU A 62  ? 0.1641 0.2759 0.1292 -0.0065 -0.0412 -0.0118 62  GLU A CA  
463 C C   . GLU A 62  ? 0.1618 0.2745 0.1195 0.0042  -0.0087 -0.0134 62  GLU A C   
464 O O   . GLU A 62  ? 0.1696 0.3264 0.1929 -0.0131 0.0300  0.0118  62  GLU A O   
465 C CB  . GLU A 62  ? 0.1953 0.2693 0.1579 -0.0076 -0.0394 -0.0026 62  GLU A CB  
466 C CG  . GLU A 62  ? 0.2555 0.3337 0.2201 -0.0193 -0.0417 0.0337  62  GLU A CG  
467 C CD  . GLU A 62  ? 0.3032 0.4226 0.2506 -0.0437 -0.0582 0.0724  62  GLU A CD  
468 O OE1 . GLU A 62  ? 0.3202 0.4551 0.2180 -0.0596 -0.0629 0.0518  62  GLU A OE1 
469 O OE2 . GLU A 62  ? 0.2969 0.4770 0.3037 -0.0369 -0.0957 0.1284  62  GLU A OE2 
470 N N   . GLY A 63  ? 0.1386 0.2135 0.1334 -0.0079 -0.0216 -0.0239 63  GLY A N   
471 C CA  . GLY A 63  ? 0.1763 0.1935 0.1175 -0.0338 -0.0184 -0.0367 63  GLY A CA  
472 C C   . GLY A 63  ? 0.1407 0.1714 0.0933 -0.0375 -0.0287 -0.0472 63  GLY A C   
473 O O   . GLY A 63  ? 0.1688 0.1945 0.1110 -0.0630 -0.0033 -0.0436 63  GLY A O   
474 N N   . VAL A 64  ? 0.1289 0.1840 0.0885 -0.0295 -0.0279 -0.0462 64  VAL A N   
475 C CA  . VAL A 64  ? 0.1264 0.1825 0.0887 -0.0279 -0.0216 -0.0483 64  VAL A CA  
476 C C   . VAL A 64  ? 0.1180 0.2180 0.0995 -0.0285 -0.0392 -0.0315 64  VAL A C   
477 O O   . VAL A 64  ? 0.1507 0.2128 0.0936 -0.0483 -0.0334 -0.0340 64  VAL A O   
478 C CB  . VAL A 64  ? 0.1039 0.1915 0.1070 -0.0416 -0.0296 -0.0267 64  VAL A CB  
479 C CG1 . VAL A 64  ? 0.1776 0.2356 0.0882 -0.0561 -0.0086 -0.0459 64  VAL A CG1 
480 C CG2 . VAL A 64  ? 0.1403 0.1631 0.1362 -0.0247 -0.0018 -0.0153 64  VAL A CG2 
481 N N   . ALA A 65  ? 0.1143 0.2350 0.1152 -0.0178 -0.0253 -0.0599 65  ALA A N   
482 C CA  . ALA A 65  ? 0.1331 0.3032 0.0992 -0.0073 -0.0166 -0.0552 65  ALA A CA  
483 C C   . ALA A 65  ? 0.1330 0.3530 0.1136 -0.0469 0.0036  -0.0655 65  ALA A C   
484 O O   . ALA A 65  ? 0.1511 0.3932 0.1182 -0.0506 -0.0066 -0.0514 65  ALA A O   
485 C CB  . ALA A 65  ? 0.1486 0.3548 0.1217 0.0251  -0.0364 -0.0283 65  ALA A CB  
486 N N   . GLN A 66  ? 0.1532 0.3129 0.1042 -0.0454 -0.0113 -0.0534 66  GLN A N   
487 C CA  . GLN A 66  ? 0.1630 0.3380 0.1217 -0.0709 -0.0084 -0.0596 66  GLN A CA  
488 C C   . GLN A 66  ? 0.1978 0.2968 0.1219 -0.0907 -0.0135 -0.0525 66  GLN A C   
489 O O   . GLN A 66  ? 0.2277 0.3465 0.1540 -0.1386 -0.0275 -0.0212 66  GLN A O   
490 C CB  . GLN A 66  ? 0.1548 0.3415 0.1281 -0.0516 -0.0270 -0.0518 66  GLN A CB  
491 C CG  . GLN A 66  ? 0.1501 0.3611 0.1354 -0.0463 -0.0164 -0.0717 66  GLN A CG  
492 C CD  . GLN A 66  ? 0.1397 0.3576 0.1530 -0.0612 -0.0121 -0.0746 66  GLN A CD  
493 O OE1 . GLN A 66  ? 0.2366 0.3735 0.1388 -0.0658 -0.0406 -0.0578 66  GLN A OE1 
494 N NE2 . GLN A 66  ? 0.1641 0.3992 0.1487 -0.0550 -0.0026 -0.0765 66  GLN A NE2 
495 N N   . MET A 67  ? 0.1475 0.2698 0.1011 -0.0509 -0.0057 -0.0589 67  MET A N   
496 C CA  . MET A 67  ? 0.1600 0.2563 0.1044 -0.0747 -0.0103 -0.0466 67  MET A CA  
497 C C   . MET A 67  ? 0.1641 0.2594 0.1033 -0.0813 -0.0114 -0.0400 67  MET A C   
498 O O   . MET A 67  ? 0.1797 0.3034 0.1008 -0.0920 0.0153  -0.0463 67  MET A O   
499 C CB  . MET A 67  ? 0.1309 0.2287 0.1003 -0.0694 0.0042  -0.0540 67  MET A CB  
500 C CG  . MET A 67  ? 0.1614 0.2085 0.1246 -0.0854 0.0070  -0.0505 67  MET A CG  
501 S SD  . MET A 67  ? 0.1695 0.1669 0.1236 -0.0532 0.0104  -0.0297 67  MET A SD  
502 C CE  . MET A 67  ? 0.2015 0.1844 0.0853 -0.0388 -0.0198 -0.0037 67  MET A CE  
503 N N   . SER A 68  ? 0.1777 0.2966 0.1025 -0.0907 -0.0077 -0.0342 68  SER A N   
504 C CA  . SER A 68  ? 0.1633 0.3065 0.0989 -0.0902 -0.0004 -0.0333 68  SER A CA  
505 C C   . SER A 68  ? 0.1707 0.2622 0.1107 -0.0948 0.0078  -0.0535 68  SER A C   
506 O O   . SER A 68  ? 0.1758 0.2479 0.1087 -0.0952 0.0032  -0.0383 68  SER A O   
507 C CB  . SER A 68  ? 0.1970 0.3567 0.1207 -0.1366 0.0055  -0.0282 68  SER A CB  
508 O OG  . SER A 68  ? 0.2458 0.3670 0.1409 -0.1722 0.0264  -0.0341 68  SER A OG  
509 N N   . VAL A 69  ? 0.1569 0.2848 0.0986 -0.0672 -0.0084 -0.0436 69  VAL A N   
510 C CA  . VAL A 69  ? 0.1697 0.2698 0.1092 -0.0694 -0.0144 -0.0519 69  VAL A CA  
511 C C   . VAL A 69  ? 0.1852 0.2812 0.0982 -0.0872 0.0009  -0.0416 69  VAL A C   
512 O O   . VAL A 69  ? 0.1807 0.3097 0.1238 -0.1020 0.0036  -0.0120 69  VAL A O   
513 C CB  . VAL A 69  ? 0.1889 0.3339 0.1218 -0.0514 -0.0136 -0.0705 69  VAL A CB  
514 C CG1 . VAL A 69  ? 0.2077 0.3773 0.1504 -0.0645 -0.0431 -0.0596 69  VAL A CG1 
515 C CG2 . VAL A 69  ? 0.2551 0.3121 0.1618 -0.0496 0.0309  -0.0838 69  VAL A CG2 
516 N N   . GLY A 70  ? 0.1686 0.2574 0.0885 -0.0746 -0.0035 -0.0339 70  GLY A N   
517 C CA  . GLY A 70  ? 0.1790 0.2686 0.1124 -0.0604 -0.0171 -0.0161 70  GLY A CA  
518 C C   . GLY A 70  ? 0.1838 0.2834 0.1123 -0.0781 -0.0128 -0.0142 70  GLY A C   
519 O O   . GLY A 70  ? 0.2525 0.2541 0.1409 -0.0521 -0.0257 0.0008  70  GLY A O   
520 N N   . GLN A 71  ? 0.1810 0.2156 0.1077 -0.1045 0.0045  -0.0361 71  GLN A N   
521 C CA  . GLN A 71  ? 0.1936 0.1943 0.1366 -0.1074 0.0108  -0.0332 71  GLN A CA  
522 C C   . GLN A 71  ? 0.1889 0.1510 0.1174 -0.0914 0.0126  -0.0360 71  GLN A C   
523 O O   . GLN A 71  ? 0.1760 0.1629 0.1192 -0.0953 -0.0088 -0.0192 71  GLN A O   
524 C CB  . GLN A 71  ? 0.2201 0.1981 0.1423 -0.1033 -0.0071 -0.0469 71  GLN A CB  
525 C CG  . GLN A 71  ? 0.2461 0.2045 0.1480 -0.0914 -0.0096 -0.0638 71  GLN A CG  
526 C CD  . GLN A 71  ? 0.2400 0.2252 0.1599 -0.0900 -0.0126 -0.0751 71  GLN A CD  
527 O OE1 . GLN A 71  ? 0.2389 0.2299 0.1835 -0.0887 -0.0397 -0.0723 71  GLN A OE1 
528 N NE2 . GLN A 71  ? 0.2639 0.2530 0.1794 -0.1046 -0.0249 -0.0745 71  GLN A NE2 
529 N N   . ARG A 72  ? 0.2053 0.1541 0.1242 -0.0680 0.0054  -0.0196 72  ARG A N   
530 C CA  . ARG A 72  ? 0.1982 0.1401 0.1140 -0.0640 -0.0061 -0.0133 72  ARG A CA  
531 C C   . ARG A 72  ? 0.1938 0.1367 0.1181 -0.0828 -0.0144 -0.0243 72  ARG A C   
532 O O   . ARG A 72  ? 0.2670 0.1389 0.1278 -0.0955 -0.0075 -0.0189 72  ARG A O   
533 C CB  . ARG A 72  ? 0.2101 0.1681 0.1548 -0.0529 0.0030  -0.0010 72  ARG A CB  
534 C CG  . ARG A 72  ? 0.2345 0.1764 0.1352 -0.0016 0.0090  0.0034  72  ARG A CG  
535 C CD  . ARG A 72  ? 0.2608 0.2620 0.1659 0.0214  0.0259  0.0332  72  ARG A CD  
536 N NE  . ARG A 72  ? 0.2868 0.3289 0.1734 0.0478  0.0346  0.0566  72  ARG A NE  
537 C CZ  . ARG A 72  ? 0.3129 0.4199 0.2100 0.0381  0.0376  0.0928  72  ARG A CZ  
538 N NH1 . ARG A 72  ? 0.3571 0.4457 0.2092 0.0360  0.0447  0.0955  72  ARG A NH1 
539 N NH2 . ARG A 72  ? 0.2905 0.4606 0.2493 0.0427  0.0438  0.1243  72  ARG A NH2 
540 N N   . ALA A 73  ? 0.1927 0.1258 0.1070 -0.0408 -0.0037 -0.0214 73  ALA A N   
541 C CA  . ALA A 73  ? 0.2156 0.1463 0.0887 -0.0546 -0.0330 -0.0240 73  ALA A CA  
542 C C   . ALA A 73  ? 0.2243 0.1739 0.0995 -0.0443 -0.0182 -0.0535 73  ALA A C   
543 O O   . ALA A 73  ? 0.2261 0.2124 0.1042 -0.0680 -0.0046 -0.0555 73  ALA A O   
544 C CB  . ALA A 73  ? 0.2045 0.1576 0.1019 -0.0618 -0.0501 -0.0150 73  ALA A CB  
545 N N   . LYS A 74  ? 0.2443 0.1801 0.1020 -0.0237 -0.0098 -0.0646 74  LYS A N   
546 C CA  . LYS A 74  ? 0.2827 0.2211 0.1090 0.0047  0.0095  -0.0751 74  LYS A CA  
547 C C   . LYS A 74  ? 0.2105 0.2340 0.1310 -0.0017 -0.0183 -0.0420 74  LYS A C   
548 O O   . LYS A 74  ? 0.2505 0.2507 0.1500 -0.0274 -0.0420 -0.0190 74  LYS A O   
549 C CB  . LYS A 74  ? 0.4181 0.2907 0.1770 -0.0103 0.0258  -0.0659 74  LYS A CB  
550 C CG  . LYS A 74  ? 0.4477 0.3188 0.2331 -0.0244 0.0309  -0.0646 74  LYS A CG  
551 C CD  . LYS A 74  ? 0.4430 0.3461 0.2564 -0.0639 -0.0047 -0.0773 74  LYS A CD  
552 C CE  . LYS A 74  ? 0.4256 0.3157 0.2453 -0.1002 -0.0579 -0.1040 74  LYS A CE  
553 N NZ  . LYS A 74  ? 0.4584 0.2963 0.2400 -0.0835 -0.0474 -0.1174 74  LYS A NZ  
554 N N   . LEU A 75  ? 0.2203 0.2427 0.0975 0.0083  0.0004  -0.0512 75  LEU A N   
555 C CA  . LEU A 75  ? 0.2313 0.2302 0.0884 -0.0060 -0.0071 -0.0634 75  LEU A CA  
556 C C   . LEU A 75  ? 0.2139 0.2395 0.1019 0.0146  0.0063  -0.0403 75  LEU A C   
557 O O   . LEU A 75  ? 0.2268 0.2842 0.1274 -0.0001 0.0231  -0.0322 75  LEU A O   
558 C CB  . LEU A 75  ? 0.1937 0.2573 0.1253 -0.0216 0.0001  -0.0714 75  LEU A CB  
559 C CG  . LEU A 75  ? 0.2708 0.2477 0.1527 -0.0182 0.0120  -0.0569 75  LEU A CG  
560 C CD1 . LEU A 75  ? 0.3175 0.2855 0.1855 -0.0348 0.0344  -0.0415 75  LEU A CD1 
561 C CD2 . LEU A 75  ? 0.2765 0.2124 0.1970 -0.0118 0.0394  -0.0504 75  LEU A CD2 
562 N N   . VAL A 76  ? 0.2708 0.2122 0.0801 0.0010  -0.0068 -0.0420 76  VAL A N   
563 C CA  . VAL A 76  ? 0.3448 0.1874 0.0905 0.0351  -0.0040 -0.0154 76  VAL A CA  
564 C C   . VAL A 76  ? 0.3286 0.1928 0.0909 0.0427  0.0101  -0.0210 76  VAL A C   
565 O O   . VAL A 76  ? 0.2979 0.2421 0.1456 0.0093  -0.0135 0.0108  76  VAL A O   
566 C CB  . VAL A 76  ? 0.4315 0.2076 0.1112 0.0253  0.0214  -0.0075 76  VAL A CB  
567 C CG1 . VAL A 76  ? 0.4814 0.2338 0.1344 0.0157  0.0556  -0.0162 76  VAL A CG1 
568 C CG2 . VAL A 76  ? 0.4780 0.2420 0.1223 0.0228  0.0234  -0.0056 76  VAL A CG2 
569 N N   . CYS A 77  ? 0.3037 0.1991 0.1045 0.0346  0.0044  -0.0052 77  CYS A N   
570 C CA  . CYS A 77  ? 0.2678 0.2405 0.1019 0.0381  0.0199  0.0081  77  CYS A CA  
571 C C   . CYS A 77  ? 0.2530 0.2635 0.1051 0.0908  0.0316  0.0217  77  CYS A C   
572 O O   . CYS A 77  ? 0.2760 0.2851 0.1180 0.1006  0.0440  0.0352  77  CYS A O   
573 C CB  . CYS A 77  ? 0.2149 0.2381 0.1035 0.0376  0.0282  -0.0012 77  CYS A CB  
574 S SG  . CYS A 77  ? 0.2179 0.2144 0.1174 0.0131  0.0055  -0.0093 77  CYS A SG  
575 N N   . SER A 78  ? 0.2955 0.3305 0.1088 0.0857  0.0066  0.0406  78  SER A N   
576 C CA  . SER A 78  ? 0.3287 0.3618 0.1226 0.0924  -0.0018 0.0491  78  SER A CA  
577 C C   . SER A 78  ? 0.2844 0.3835 0.1338 0.1175  0.0395  0.0590  78  SER A C   
578 O O   . SER A 78  ? 0.2442 0.3908 0.1479 0.1261  0.0515  0.0771  78  SER A O   
579 C CB  . SER A 78  ? 0.3704 0.3697 0.1184 0.0785  -0.0162 0.0145  78  SER A CB  
580 O OG  . SER A 78  ? 0.4141 0.3641 0.1448 0.0521  -0.0342 0.0141  78  SER A OG  
581 N N   . PRO A 79  ? 0.2904 0.4393 0.1626 0.1324  0.0628  0.0732  79  PRO A N   
582 C CA  . PRO A 79  ? 0.2787 0.4470 0.1729 0.1256  0.0516  0.1034  79  PRO A CA  
583 C C   . PRO A 79  ? 0.3059 0.4617 0.1721 0.0878  0.0599  0.0995  79  PRO A C   
584 O O   . PRO A 79  ? 0.2596 0.4776 0.1876 0.0844  0.0643  0.1115  79  PRO A O   
585 C CB  . PRO A 79  ? 0.3696 0.4706 0.1828 0.1092  0.0708  0.1003  79  PRO A CB  
586 C CG  . PRO A 79  ? 0.3924 0.5013 0.1862 0.1037  0.0809  0.0893  79  PRO A CG  
587 C CD  . PRO A 79  ? 0.3432 0.4681 0.1692 0.1116  0.0794  0.0517  79  PRO A CD  
588 N N   . ASP A 80  ? 0.2933 0.4134 0.1539 0.0948  0.0253  0.0943  80  ASP A N   
589 C CA  . ASP A 80  ? 0.3078 0.4109 0.1671 0.0922  0.0430  0.0782  80  ASP A CA  
590 C C   . ASP A 80  ? 0.2611 0.3721 0.1752 0.0696  0.0326  0.0773  80  ASP A C   
591 O O   . ASP A 80  ? 0.2926 0.3394 0.1916 0.0568  0.0248  0.0768  80  ASP A O   
592 C CB  . ASP A 80  ? 0.3422 0.4924 0.1943 0.0969  0.0107  0.1105  80  ASP A CB  
593 C CG  . ASP A 80  ? 0.4494 0.5964 0.2456 0.0308  0.0346  0.0962  80  ASP A CG  
594 O OD1 . ASP A 80  ? 0.5224 0.6345 0.2378 -0.0039 0.0323  0.0805  80  ASP A OD1 
595 O OD2 . ASP A 80  ? 0.4751 0.6250 0.2506 0.0357  0.0344  0.1074  80  ASP A OD2 
596 N N   . TYR A 81  ? 0.2014 0.3517 0.1500 0.0635  0.0186  0.0788  81  TYR A N   
597 C CA  . TYR A 81  ? 0.1695 0.3318 0.1836 0.0551  0.0289  0.0778  81  TYR A CA  
598 C C   . TYR A 81  ? 0.1792 0.2992 0.1874 0.0490  0.0196  0.0899  81  TYR A C   
599 O O   . TYR A 81  ? 0.1879 0.2498 0.1893 0.0300  0.0284  0.0571  81  TYR A O   
600 C CB  . TYR A 81  ? 0.1998 0.3865 0.1858 0.0371  0.0327  0.0717  81  TYR A CB  
601 C CG  . TYR A 81  ? 0.2262 0.4479 0.2251 0.0189  0.0024  0.0928  81  TYR A CG  
602 C CD1 . TYR A 81  ? 0.2243 0.5397 0.2844 -0.0175 -0.0204 0.1204  81  TYR A CD1 
603 C CD2 . TYR A 81  ? 0.1856 0.4361 0.2916 0.0324  0.0335  0.0684  81  TYR A CD2 
604 C CE1 . TYR A 81  ? 0.2576 0.5451 0.3192 -0.0211 -0.0243 0.1219  81  TYR A CE1 
605 C CE2 . TYR A 81  ? 0.2317 0.4664 0.3195 0.0195  0.0140  0.0762  81  TYR A CE2 
606 C CZ  . TYR A 81  ? 0.1986 0.5084 0.3413 0.0267  -0.0145 0.1138  81  TYR A CZ  
607 O OH  . TYR A 81  ? 0.2322 0.5548 0.3948 -0.0167 -0.0299 0.1299  81  TYR A OH  
608 N N   . ALA A 82  ? 0.1569 0.3294 0.2433 0.0420  0.0455  0.1230  82  ALA A N   
609 C CA  . ALA A 82  ? 0.1873 0.3359 0.2504 0.0397  0.0639  0.1536  82  ALA A CA  
610 C C   . ALA A 82  ? 0.1947 0.3396 0.2948 0.0621  0.0851  0.1702  82  ALA A C   
611 O O   . ALA A 82  ? 0.2086 0.3632 0.3405 0.0652  0.0822  0.2001  82  ALA A O   
612 C CB  . ALA A 82  ? 0.2009 0.3278 0.2248 0.0420  0.0838  0.1250  82  ALA A CB  
613 N N   . TYR A 83  ? 0.2028 0.3663 0.2762 0.0560  0.0638  0.1791  83  TYR A N   
614 C CA  . TYR A 83  ? 0.1838 0.3959 0.2851 0.0552  0.0542  0.1905  83  TYR A CA  
615 C C   . TYR A 83  ? 0.2263 0.4119 0.2966 0.0674  0.0547  0.2000  83  TYR A C   
616 O O   . TYR A 83  ? 0.2632 0.4197 0.3267 0.0572  0.0659  0.2127  83  TYR A O   
617 C CB  . TYR A 83  ? 0.1742 0.4057 0.3119 0.0452  0.0423  0.1963  83  TYR A CB  
618 C CG  . TYR A 83  ? 0.1893 0.3697 0.3394 0.0300  0.0183  0.1889  83  TYR A CG  
619 C CD1 . TYR A 83  ? 0.1902 0.3485 0.3357 0.0147  -0.0053 0.1908  83  TYR A CD1 
620 C CD2 . TYR A 83  ? 0.2835 0.3995 0.3709 0.0091  0.0348  0.1893  83  TYR A CD2 
621 C CE1 . TYR A 83  ? 0.1909 0.3523 0.3657 0.0072  0.0066  0.1749  83  TYR A CE1 
622 C CE2 . TYR A 83  ? 0.2870 0.3975 0.3801 0.0045  0.0080  0.1941  83  TYR A CE2 
623 C CZ  . TYR A 83  ? 0.2405 0.3806 0.3944 0.0023  0.0069  0.1916  83  TYR A CZ  
624 O OH  . TYR A 83  ? 0.2533 0.3978 0.4288 -0.0140 0.0049  0.1919  83  TYR A OH  
625 N N   . GLY A 84  ? 0.2472 0.4676 0.2718 0.0474  0.0517  0.1924  84  GLY A N   
626 C CA  . GLY A 84  ? 0.2674 0.5324 0.2599 0.0309  0.0294  0.1923  84  GLY A CA  
627 C C   . GLY A 84  ? 0.2517 0.5572 0.2575 0.0158  0.0249  0.1898  84  GLY A C   
628 O O   . GLY A 84  ? 0.2542 0.5501 0.2551 0.0490  0.0373  0.1872  84  GLY A O   
629 N N   . SER A 85  ? 0.2712 0.5473 0.2498 -0.0081 0.0233  0.1817  85  SER A N   
630 C CA  . SER A 85  ? 0.2969 0.5172 0.2439 -0.0238 0.0205  0.1770  85  SER A CA  
631 C C   . SER A 85  ? 0.2817 0.4937 0.2531 -0.0090 0.0521  0.1512  85  SER A C   
632 O O   . SER A 85  ? 0.2784 0.4775 0.2695 -0.0042 0.0622  0.1255  85  SER A O   
633 C CB  . SER A 85  ? 0.3140 0.4757 0.2816 -0.0320 0.0033  0.1875  85  SER A CB  
634 O OG  A SER A 85  ? 0.3427 0.4381 0.3182 -0.0294 0.0258  0.1900  85  SER A OG  
635 O OG  B SER A 85  ? 0.3554 0.4271 0.3067 -0.0188 0.0049  0.1875  85  SER A OG  
636 N N   . ARG A 86  ? 0.3061 0.4604 0.2139 0.0452  0.0425  0.1545  86  ARG A N   
637 C CA  . ARG A 86  ? 0.3533 0.4789 0.2288 0.0669  0.0530  0.1625  86  ARG A CA  
638 C C   . ARG A 86  ? 0.2883 0.4838 0.2335 0.0801  0.0625  0.1635  86  ARG A C   
639 O O   . ARG A 86  ? 0.3326 0.4395 0.2413 0.0790  0.0952  0.1530  86  ARG A O   
640 C CB  . ARG A 86  ? 0.4195 0.5301 0.2990 0.0551  0.0522  0.1827  86  ARG A CB  
641 C CG  . ARG A 86  ? 0.4731 0.5757 0.3674 0.0227  0.0752  0.1706  86  ARG A CG  
642 C CD  . ARG A 86  ? 0.5485 0.6307 0.4118 -0.0047 0.0859  0.1669  86  ARG A CD  
643 N NE  . ARG A 86  ? 0.6151 0.6455 0.4569 -0.0093 0.1153  0.1510  86  ARG A NE  
644 C CZ  . ARG A 86  ? 0.6611 0.6618 0.4963 -0.0300 0.1477  0.1237  86  ARG A CZ  
645 N NH1 . ARG A 86  ? 0.6846 0.6550 0.4898 -0.0407 0.1707  0.1014  86  ARG A NH1 
646 N NH2 . ARG A 86  ? 0.6620 0.6944 0.5303 -0.0473 0.1435  0.1284  86  ARG A NH2 
647 N N   . GLY A 87  ? 0.2594 0.5314 0.2474 0.0625  0.0446  0.1797  87  GLY A N   
648 C CA  . GLY A 87  ? 0.2713 0.5643 0.2585 0.0580  0.0312  0.1908  87  GLY A CA  
649 C C   . GLY A 87  ? 0.2477 0.5621 0.2520 0.0710  0.0283  0.1848  87  GLY A C   
650 O O   . GLY A 87  ? 0.2944 0.5904 0.2339 0.0815  0.0466  0.1627  87  GLY A O   
651 N N   . HIS A 88  ? 0.2957 0.5812 0.2726 0.0310  0.0258  0.2027  88  HIS A N   
652 C CA  . HIS A 88  ? 0.2842 0.5756 0.3005 0.0262  0.0385  0.2109  88  HIS A CA  
653 C C   . HIS A 88  ? 0.2744 0.5255 0.3383 0.0047  0.0073  0.2203  88  HIS A C   
654 O O   . HIS A 88  ? 0.2715 0.5296 0.4098 0.0028  0.0145  0.2661  88  HIS A O   
655 C CB  . HIS A 88  ? 0.3593 0.6034 0.3310 0.0239  0.0746  0.1757  88  HIS A CB  
656 C CG  . HIS A 88  ? 0.4053 0.5998 0.3870 0.0306  0.1089  0.1517  88  HIS A CG  
657 N ND1 . HIS A 88  ? 0.4807 0.5972 0.3992 0.0327  0.1310  0.1394  88  HIS A ND1 
658 C CD2 . HIS A 88  ? 0.4393 0.6026 0.4379 0.0223  0.1036  0.1640  88  HIS A CD2 
659 C CE1 . HIS A 88  ? 0.4856 0.6076 0.4346 0.0354  0.1266  0.1555  88  HIS A CE1 
660 N NE2 . HIS A 88  ? 0.5150 0.6007 0.4581 0.0244  0.1296  0.1535  88  HIS A NE2 
661 N N   . PRO A 89  ? 0.2963 0.4138 0.3270 -0.0176 -0.0185 0.1763  89  PRO A N   
662 C CA  . PRO A 89  ? 0.3041 0.4420 0.3492 -0.0434 -0.0137 0.1784  89  PRO A CA  
663 C C   . PRO A 89  ? 0.3423 0.5398 0.3966 -0.0573 0.0159  0.1843  89  PRO A C   
664 O O   . PRO A 89  ? 0.3672 0.6018 0.4250 -0.0602 0.0187  0.1776  89  PRO A O   
665 C CB  . PRO A 89  ? 0.3602 0.3694 0.3503 -0.0542 -0.0070 0.1623  89  PRO A CB  
666 C CG  . PRO A 89  ? 0.3705 0.3472 0.3483 -0.0339 0.0112  0.1516  89  PRO A CG  
667 C CD  . PRO A 89  ? 0.3680 0.3532 0.3376 -0.0294 0.0055  0.1496  89  PRO A CD  
668 N N   . GLY A 90  ? 0.3092 0.5271 0.4182 -0.0451 0.0063  0.2213  90  GLY A N   
669 C CA  . GLY A 90  ? 0.2717 0.5547 0.4471 -0.0539 -0.0005 0.2357  90  GLY A CA  
670 C C   . GLY A 90  ? 0.2775 0.5544 0.4679 -0.0552 -0.0072 0.2459  90  GLY A C   
671 O O   . GLY A 90  ? 0.2827 0.5746 0.4583 -0.0829 -0.0227 0.2411  90  GLY A O   
672 N N   . VAL A 91  ? 0.2360 0.5383 0.4757 -0.0290 0.0046  0.2528  91  VAL A N   
673 C CA  . VAL A 91  ? 0.2581 0.5129 0.4401 -0.0035 0.0144  0.2550  91  VAL A CA  
674 C C   . VAL A 91  ? 0.2331 0.5164 0.4186 0.0134  0.0045  0.2677  91  VAL A C   
675 O O   . VAL A 91  ? 0.2272 0.4941 0.4830 0.0174  0.0005  0.2693  91  VAL A O   
676 C CB  . VAL A 91  ? 0.2861 0.5027 0.4576 -0.0297 0.0054  0.2427  91  VAL A CB  
677 C CG1 . VAL A 91  ? 0.2877 0.5224 0.4333 -0.0355 -0.0156 0.2611  91  VAL A CG1 
678 C CG2 . VAL A 91  ? 0.3185 0.5164 0.4641 -0.0438 0.0051  0.2310  91  VAL A CG2 
679 N N   . ILE A 92  ? 0.2171 0.5462 0.3801 0.0298  0.0441  0.2477  92  ILE A N   
680 C CA  . ILE A 92  ? 0.2161 0.5565 0.3240 0.0552  0.0400  0.2344  92  ILE A CA  
681 C C   . ILE A 92  ? 0.2636 0.5567 0.3197 0.1026  0.0859  0.2175  92  ILE A C   
682 O O   . ILE A 92  ? 0.2693 0.5704 0.3193 0.1315  0.0839  0.2230  92  ILE A O   
683 C CB  . ILE A 92  ? 0.2192 0.5374 0.2904 0.0525  0.0541  0.2027  92  ILE A CB  
684 C CG1 . ILE A 92  ? 0.2412 0.5115 0.2888 0.0482  0.0585  0.2010  92  ILE A CG1 
685 C CG2 . ILE A 92  ? 0.1996 0.5501 0.2681 0.0520  0.0423  0.1910  92  ILE A CG2 
686 C CD1 . ILE A 92  ? 0.2764 0.5158 0.2848 0.0122  0.0673  0.1870  92  ILE A CD1 
687 N N   . PRO A 93  ? 0.2861 0.5274 0.2979 0.1427  0.0923  0.2028  93  PRO A N   
688 C CA  . PRO A 93  ? 0.3366 0.5688 0.3081 0.1329  0.0925  0.2115  93  PRO A CA  
689 C C   . PRO A 93  ? 0.3355 0.5728 0.2891 0.1631  0.0912  0.1953  93  PRO A C   
690 O O   . PRO A 93  ? 0.3158 0.6092 0.3026 0.1805  0.0971  0.2040  93  PRO A O   
691 C CB  . PRO A 93  ? 0.3852 0.5538 0.3057 0.1151  0.1132  0.1983  93  PRO A CB  
692 C CG  . PRO A 93  ? 0.3917 0.5584 0.2989 0.1042  0.1021  0.1992  93  PRO A CG  
693 C CD  . PRO A 93  ? 0.3474 0.5504 0.2977 0.1140  0.0809  0.2072  93  PRO A CD  
694 N N   . PRO A 94  ? 0.3430 0.5629 0.2942 0.1805  0.1092  0.1911  94  PRO A N   
695 C CA  . PRO A 94  ? 0.3757 0.5684 0.2725 0.1623  0.0955  0.1775  94  PRO A CA  
696 C C   . PRO A 94  ? 0.3760 0.5588 0.2659 0.1703  0.1213  0.1434  94  PRO A C   
697 O O   . PRO A 94  ? 0.3964 0.5877 0.3091 0.1639  0.1377  0.1795  94  PRO A O   
698 C CB  . PRO A 94  ? 0.4093 0.5879 0.2842 0.1325  0.1198  0.1723  94  PRO A CB  
699 C CG  . PRO A 94  ? 0.4236 0.5560 0.2911 0.1497  0.1328  0.1710  94  PRO A CG  
700 C CD  . PRO A 94  ? 0.4029 0.5531 0.2888 0.1562  0.1256  0.1747  94  PRO A CD  
701 N N   . ASN A 95  ? 0.3480 0.5192 0.2068 0.1792  0.0848  0.0941  95  ASN A N   
702 C CA  . ASN A 95  ? 0.3934 0.4882 0.1746 0.1674  0.0550  0.0677  95  ASN A CA  
703 C C   . ASN A 95  ? 0.3813 0.5171 0.1815 0.1472  0.0689  0.0700  95  ASN A C   
704 O O   . ASN A 95  ? 0.4084 0.5536 0.1918 0.1386  0.0717  0.0810  95  ASN A O   
705 C CB  . ASN A 95  ? 0.4755 0.4656 0.1624 0.1440  0.0385  0.0415  95  ASN A CB  
706 C CG  . ASN A 95  ? 0.5246 0.4440 0.1592 0.1298  0.0357  0.0120  95  ASN A CG  
707 O OD1 . ASN A 95  ? 0.5433 0.4269 0.1614 0.1440  0.0105  -0.0108 95  ASN A OD1 
708 N ND2 . ASN A 95  ? 0.5415 0.4420 0.1701 0.0942  0.0344  0.0217  95  ASN A ND2 
709 N N   . ALA A 96  ? 0.3066 0.5520 0.1836 0.1425  0.0521  0.0868  96  ALA A N   
710 C CA  . ALA A 96  ? 0.3027 0.5367 0.1818 0.1346  0.0481  0.0953  96  ALA A CA  
711 C C   . ALA A 96  ? 0.3084 0.4803 0.1655 0.1346  0.0564  0.0712  96  ALA A C   
712 O O   . ALA A 96  ? 0.2897 0.5004 0.1881 0.1512  0.0645  0.0999  96  ALA A O   
713 C CB  . ALA A 96  ? 0.2649 0.5752 0.2106 0.1439  0.0411  0.1307  96  ALA A CB  
714 N N   . THR A 97  ? 0.2955 0.4522 0.1553 0.1431  0.0495  0.0619  97  THR A N   
715 C CA  . THR A 97  ? 0.3018 0.4010 0.1283 0.1165  0.0268  0.0424  97  THR A CA  
716 C C   . THR A 97  ? 0.2867 0.3270 0.1132 0.1166  0.0295  0.0294  97  THR A C   
717 O O   . THR A 97  ? 0.3072 0.3496 0.1193 0.1226  0.0316  0.0148  97  THR A O   
718 C CB  . THR A 97  ? 0.2756 0.4366 0.1254 0.1078  0.0171  0.0202  97  THR A CB  
719 O OG1 . THR A 97  ? 0.3452 0.4520 0.1631 0.0808  0.0116  0.0021  97  THR A OG1 
720 C CG2 . THR A 97  ? 0.2548 0.4488 0.1761 0.0896  0.0538  0.0124  97  THR A CG2 
721 N N   . LEU A 98  ? 0.2589 0.3056 0.1046 0.0821  0.0337  0.0402  98  LEU A N   
722 C CA  . LEU A 98  ? 0.2596 0.2429 0.1120 0.0477  0.0439  0.0215  98  LEU A CA  
723 C C   . LEU A 98  ? 0.2472 0.2333 0.1126 0.0482  0.0337  0.0167  98  LEU A C   
724 O O   . LEU A 98  ? 0.2289 0.2795 0.1261 0.0293  0.0113  0.0247  98  LEU A O   
725 C CB  . LEU A 98  ? 0.2383 0.2277 0.1107 0.0724  0.0486  0.0378  98  LEU A CB  
726 C CG  . LEU A 98  ? 0.2487 0.2597 0.1389 0.0926  0.0610  0.0720  98  LEU A CG  
727 C CD1 . LEU A 98  ? 0.2895 0.2800 0.1975 0.0689  0.0349  0.0938  98  LEU A CD1 
728 C CD2 . LEU A 98  ? 0.2365 0.2927 0.1576 0.0736  0.0809  0.0832  98  LEU A CD2 
729 N N   . THR A 99  ? 0.2691 0.2182 0.1046 0.0477  0.0425  0.0123  99  THR A N   
730 C CA  . THR A 99  ? 0.3453 0.1964 0.0972 0.0219  0.0443  -0.0036 99  THR A CA  
731 C C   . THR A 99  ? 0.2476 0.2438 0.1073 0.0322  0.0200  0.0261  99  THR A C   
732 O O   . THR A 99  ? 0.2457 0.2865 0.1147 0.0537  0.0354  0.0161  99  THR A O   
733 C CB  . THR A 99  ? 0.4860 0.2225 0.1294 -0.0252 0.0454  0.0019  99  THR A CB  
734 O OG1 . THR A 99  ? 0.5382 0.2217 0.1575 -0.0238 0.0623  -0.0328 99  THR A OG1 
735 C CG2 . THR A 99  ? 0.5625 0.2403 0.1736 -0.0491 0.0729  0.0287  99  THR A CG2 
736 N N   . PHE A 100 ? 0.2348 0.2563 0.0736 0.0179  0.0329  -0.0036 100 PHE A N   
737 C CA  . PHE A 100 ? 0.2078 0.2528 0.0653 0.0110  0.0055  0.0027  100 PHE A CA  
738 C C   . PHE A 100 ? 0.2104 0.2563 0.0733 -0.0102 0.0214  -0.0158 100 PHE A C   
739 O O   . PHE A 100 ? 0.2113 0.3433 0.1144 -0.0597 -0.0095 0.0196  100 PHE A O   
740 C CB  . PHE A 100 ? 0.1812 0.2506 0.1114 0.0019  0.0126  -0.0028 100 PHE A CB  
741 C CG  . PHE A 100 ? 0.1428 0.2457 0.1079 0.0439  0.0065  0.0049  100 PHE A CG  
742 C CD1 . PHE A 100 ? 0.1988 0.2504 0.1127 0.0666  0.0244  -0.0019 100 PHE A CD1 
743 C CD2 . PHE A 100 ? 0.1512 0.2419 0.1534 0.0256  0.0209  0.0097  100 PHE A CD2 
744 C CE1 . PHE A 100 ? 0.2071 0.2376 0.1725 0.0742  0.0277  0.0186  100 PHE A CE1 
745 C CE2 . PHE A 100 ? 0.1682 0.2300 0.1751 0.0500  0.0247  0.0261  100 PHE A CE2 
746 C CZ  . PHE A 100 ? 0.2133 0.2341 0.1775 0.0462  0.0381  0.0179  100 PHE A CZ  
747 N N   . ASP A 101 ? 0.2100 0.1730 0.0856 0.0120  0.0086  -0.0043 101 ASP A N   
748 C CA  . ASP A 101 ? 0.2366 0.1420 0.0913 0.0240  0.0428  -0.0244 101 ASP A CA  
749 C C   . ASP A 101 ? 0.1632 0.1359 0.0959 -0.0079 0.0246  -0.0196 101 ASP A C   
750 O O   . ASP A 101 ? 0.1616 0.1336 0.1431 -0.0158 0.0135  -0.0036 101 ASP A O   
751 C CB  . ASP A 101 ? 0.2943 0.1211 0.1425 0.0384  0.0247  0.0023  101 ASP A CB  
752 C CG  . ASP A 101 ? 0.2862 0.1505 0.1866 0.0448  0.0247  0.0182  101 ASP A CG  
753 O OD1 . ASP A 101 ? 0.2560 0.1675 0.1503 0.0022  0.0232  -0.0071 101 ASP A OD1 
754 O OD2 . ASP A 101 ? 0.3634 0.2077 0.2280 0.0596  0.0695  0.0291  101 ASP A OD2 
755 N N   . VAL A 102 ? 0.1856 0.1292 0.0656 -0.0214 0.0190  -0.0345 102 VAL A N   
756 C CA  . VAL A 102 ? 0.1688 0.1374 0.0536 -0.0145 -0.0081 -0.0285 102 VAL A CA  
757 C C   . VAL A 102 ? 0.1607 0.1221 0.0760 -0.0308 0.0119  -0.0290 102 VAL A C   
758 O O   . VAL A 102 ? 0.1781 0.1215 0.1267 -0.0422 0.0128  -0.0341 102 VAL A O   
759 C CB  . VAL A 102 ? 0.1549 0.1445 0.0780 -0.0176 -0.0177 -0.0238 102 VAL A CB  
760 C CG1 . VAL A 102 ? 0.1718 0.1350 0.0917 -0.0222 -0.0115 -0.0282 102 VAL A CG1 
761 C CG2 . VAL A 102 ? 0.1603 0.1718 0.1014 -0.0378 -0.0069 -0.0010 102 VAL A CG2 
762 N N   . GLU A 103 ? 0.1610 0.1184 0.0762 -0.0092 0.0096  -0.0184 103 GLU A N   
763 C CA  . GLU A 103 ? 0.1718 0.1037 0.0946 -0.0077 0.0148  -0.0206 103 GLU A CA  
764 C C   . GLU A 103 ? 0.1539 0.0966 0.0797 -0.0250 -0.0127 -0.0196 103 GLU A C   
765 O O   . GLU A 103 ? 0.1426 0.0972 0.1050 -0.0363 -0.0041 -0.0246 103 GLU A O   
766 C CB  . GLU A 103 ? 0.2023 0.1736 0.1062 0.0158  0.0165  0.0234  103 GLU A CB  
767 C CG  . GLU A 103 ? 0.2720 0.2183 0.1506 0.0297  0.0519  0.0419  103 GLU A CG  
768 C CD  . GLU A 103 ? 0.3532 0.3524 0.2051 0.0535  0.0792  0.0752  103 GLU A CD  
769 O OE1 . GLU A 103 ? 0.3691 0.3878 0.2007 0.0771  0.0871  0.0907  103 GLU A OE1 
770 O OE2 . GLU A 103 ? 0.4163 0.4158 0.2126 0.0696  0.0553  0.0992  103 GLU A OE2 
771 N N   . LEU A 104 ? 0.1154 0.1275 0.0972 -0.0227 -0.0028 -0.0279 104 LEU A N   
772 C CA  . LEU A 104 ? 0.1123 0.1342 0.1007 -0.0183 -0.0204 -0.0239 104 LEU A CA  
773 C C   . LEU A 104 ? 0.1320 0.1247 0.0945 -0.0414 -0.0317 -0.0361 104 LEU A C   
774 O O   . LEU A 104 ? 0.1467 0.1584 0.1084 -0.0529 -0.0123 -0.0112 104 LEU A O   
775 C CB  . LEU A 104 ? 0.1257 0.1402 0.1105 -0.0238 -0.0184 -0.0397 104 LEU A CB  
776 C CG  . LEU A 104 ? 0.1156 0.1473 0.1208 -0.0062 -0.0219 -0.0304 104 LEU A CG  
777 C CD1 . LEU A 104 ? 0.1518 0.1492 0.1244 -0.0244 -0.0270 -0.0325 104 LEU A CD1 
778 C CD2 . LEU A 104 ? 0.1107 0.2260 0.1326 -0.0128 -0.0220 -0.0097 104 LEU A CD2 
779 N N   . LEU A 105 ? 0.1327 0.1185 0.0838 -0.0157 -0.0405 -0.0386 105 LEU A N   
780 C CA  . LEU A 105 ? 0.1457 0.1274 0.0831 -0.0227 -0.0340 -0.0436 105 LEU A CA  
781 C C   . LEU A 105 ? 0.1452 0.1600 0.0982 -0.0221 -0.0103 -0.0397 105 LEU A C   
782 O O   . LEU A 105 ? 0.2020 0.2045 0.0879 -0.0129 -0.0060 -0.0180 105 LEU A O   
783 C CB  . LEU A 105 ? 0.1118 0.1532 0.1008 -0.0245 -0.0435 -0.0390 105 LEU A CB  
784 C CG  . LEU A 105 ? 0.1476 0.1528 0.1694 -0.0243 -0.0424 -0.0232 105 LEU A CG  
785 C CD1 . LEU A 105 ? 0.1496 0.2171 0.1802 -0.0512 -0.0332 -0.0227 105 LEU A CD1 
786 C CD2 . LEU A 105 ? 0.1846 0.1799 0.1795 -0.0091 -0.0517 -0.0133 105 LEU A CD2 
787 N N   . ARG A 106 ? 0.1439 0.1520 0.1162 -0.0018 -0.0163 -0.0550 106 ARG A N   
788 C CA  . ARG A 106 ? 0.1952 0.1881 0.0931 0.0017  -0.0418 -0.0558 106 ARG A CA  
789 C C   . ARG A 106 ? 0.1602 0.1673 0.1176 -0.0032 -0.0275 -0.0714 106 ARG A C   
790 O O   . ARG A 106 ? 0.1525 0.1755 0.1051 -0.0110 -0.0224 -0.0544 106 ARG A O   
791 C CB  . ARG A 106 ? 0.2495 0.2214 0.1110 0.0221  -0.0527 -0.0624 106 ARG A CB  
792 C CG  . ARG A 106 ? 0.2993 0.2458 0.1820 -0.0057 -0.0540 -0.0666 106 ARG A CG  
793 C CD  . ARG A 106 ? 0.3368 0.3566 0.2283 -0.0826 -0.0588 -0.0669 106 ARG A CD  
794 N NE  . ARG A 106 ? 0.4483 0.4439 0.2239 -0.1207 -0.0363 -0.0839 106 ARG A NE  
795 C CZ  . ARG A 106 ? 0.5017 0.5462 0.2564 -0.1552 -0.0684 -0.0439 106 ARG A CZ  
796 N NH1 . ARG A 106 ? 0.5435 0.5644 0.2705 -0.1535 -0.0849 -0.0322 106 ARG A NH1 
797 N NH2 . ARG A 106 ? 0.5190 0.6102 0.2772 -0.1539 -0.0516 -0.0307 106 ARG A NH2 
798 N N   . VAL A 107 ? 0.1616 0.1701 0.1194 0.0195  -0.0461 -0.0646 107 VAL A N   
799 C CA  . VAL A 107 ? 0.1761 0.2033 0.1378 0.0401  -0.0339 -0.0606 107 VAL A CA  
800 C C   . VAL A 107 ? 0.2571 0.2063 0.1368 0.0371  0.0107  -0.0880 107 VAL A C   
801 O O   . VAL A 107 ? 0.2650 0.2187 0.1172 0.0208  0.0049  -0.0800 107 VAL A O   
802 C CB  . VAL A 107 ? 0.2030 0.2522 0.1510 0.0339  -0.0641 -0.0515 107 VAL A CB  
803 C CG1 . VAL A 107 ? 0.3134 0.3183 0.1967 0.0032  -0.0346 -0.0278 107 VAL A CG1 
804 C CG2 . VAL A 107 ? 0.2368 0.2580 0.1871 0.0003  -0.0733 -0.0604 107 VAL A CG2 
805 N N   . GLU A 108 ? 0.3432 0.1887 0.1574 0.0364  -0.0168 -0.0815 108 GLU A N   
806 C CA  . GLU A 108 ? 0.4678 0.2297 0.1859 0.0142  0.0049  -0.0875 108 GLU A CA  
807 C C   . GLU A 108 ? 0.5969 0.2899 0.2065 0.0269  0.0286  -0.0821 108 GLU A C   
808 O O   . GLU A 108 ? 0.5782 0.3302 0.1927 0.0196  0.0100  -0.0631 108 GLU A O   
809 C CB  . GLU A 108 ? 0.4798 0.2812 0.2355 -0.0622 0.0021  -0.0832 108 GLU A CB  
810 C CG  . GLU A 108 ? 0.4512 0.3339 0.2427 -0.1322 -0.0185 -0.1003 108 GLU A CG  
811 C CD  . GLU A 108 ? 0.4729 0.4168 0.3026 -0.1909 -0.0220 -0.0687 108 GLU A CD  
812 O OE1 . GLU A 108 ? 0.4130 0.4437 0.3404 -0.2044 -0.0319 -0.0539 108 GLU A OE1 
813 O OE2 . GLU A 108 ? 0.5378 0.4823 0.3093 -0.2414 -0.0302 -0.0517 108 GLU A OE2 
814 O OXT . GLU A 108 ? 0.6509 0.3598 0.2895 0.0221  0.0292  -0.0364 108 GLU A OXT 
815 S S1  . MPO B .   ? 0.4712 0.3914 0.5156 -0.1246 -0.1329 0.0794  109 MPO A S1  
816 O O1  . MPO B .   ? 0.4982 0.4336 0.5374 -0.1321 -0.0998 0.0809  109 MPO A O1  
817 O O2  . MPO B .   ? 0.5331 0.4460 0.5152 -0.1281 -0.1246 0.1017  109 MPO A O2  
818 O O4  . MPO B .   ? 0.1609 0.2794 0.2679 -0.0255 -0.0398 0.1042  109 MPO A O4  
819 N N1  . MPO B .   ? 0.1930 0.2403 0.2943 -0.0368 -0.0597 0.0805  109 MPO A N1  
820 C C1  . MPO B .   ? 0.3187 0.3011 0.4640 -0.1110 -0.1327 0.0692  109 MPO A C1  
821 O O3  . MPO B .   ? 0.4469 0.3613 0.5434 -0.0688 -0.1748 0.1076  109 MPO A O3  
822 C C2  . MPO B .   ? 0.2233 0.2730 0.3987 -0.0599 -0.0944 0.0688  109 MPO A C2  
823 C C3  . MPO B .   ? 0.1500 0.2952 0.3402 -0.0556 -0.0860 0.0768  109 MPO A C3  
824 C C4  . MPO B .   ? 0.1639 0.2563 0.2900 -0.0583 -0.0341 0.0704  109 MPO A C4  
825 C C5  . MPO B .   ? 0.1890 0.2154 0.2739 -0.0175 -0.0423 0.0883  109 MPO A C5  
826 C C6  . MPO B .   ? 0.2148 0.2853 0.2874 -0.0730 -0.0282 0.0829  109 MPO A C6  
827 C C7  . MPO B .   ? 0.2239 0.2609 0.2655 -0.0616 -0.0530 0.0870  109 MPO A C7  
828 S S   . SO4 C .   ? 0.6046 0.4073 0.9971 0.0211  0.1106  -0.0128 110 SO4 A S   
829 O O1  . SO4 C .   ? 0.6379 0.4868 0.9921 0.0003  0.1106  0.0005  110 SO4 A O1  
830 O O2  . SO4 C .   ? 0.6440 0.3875 0.9981 0.0112  0.1109  -0.0199 110 SO4 A O2  
831 O O3  . SO4 C .   ? 0.5849 0.2823 0.9580 0.0706  0.1419  -0.0691 110 SO4 A O3  
832 O O4  . SO4 C .   ? 0.6148 0.4265 0.9982 0.0184  0.0998  0.0030  110 SO4 A O4  
# 
loop_
_pdbx_poly_seq_scheme.asym_id 
_pdbx_poly_seq_scheme.entity_id 
_pdbx_poly_seq_scheme.seq_id 
_pdbx_poly_seq_scheme.mon_id 
_pdbx_poly_seq_scheme.ndb_seq_num 
_pdbx_poly_seq_scheme.pdb_seq_num 
_pdbx_poly_seq_scheme.auth_seq_num 
_pdbx_poly_seq_scheme.pdb_mon_id 
_pdbx_poly_seq_scheme.auth_mon_id 
_pdbx_poly_seq_scheme.pdb_strand_id 
_pdbx_poly_seq_scheme.pdb_ins_code 
_pdbx_poly_seq_scheme.hetero 
A 1 1   MET 1   1   1   MET MET A . n 
A 1 2   GLY 2   2   2   GLY GLY A . n 
A 1 3   VAL 3   3   3   VAL VAL A . n 
A 1 4   GLN 4   4   4   GLN GLN A . n 
A 1 5   VAL 5   5   5   VAL VAL A . n 
A 1 6   VAL 6   6   6   VAL VAL A . n 
A 1 7   THR 7   7   7   THR THR A . n 
A 1 8   LEU 8   8   8   LEU LEU A . n 
A 1 9   ALA 9   9   9   ALA ALA A . n 
A 1 10  ALA 10  10  10  ALA ALA A . n 
A 1 11  GLY 11  11  11  GLY GLY A . n 
A 1 12  ASP 12  12  12  ASP ASP A . n 
A 1 13  GLU 13  13  13  GLU GLU A . n 
A 1 14  ALA 14  14  14  ALA ALA A . n 
A 1 15  THR 15  15  15  THR THR A . n 
A 1 16  TYR 16  16  16  TYR TYR A . n 
A 1 17  PRO 17  17  17  PRO PRO A . n 
A 1 18  LYS 18  18  18  LYS LYS A . n 
A 1 19  ALA 19  19  19  ALA ALA A . n 
A 1 20  GLY 20  20  20  GLY GLY A . n 
A 1 21  GLN 21  21  21  GLN GLN A . n 
A 1 22  VAL 22  22  22  VAL VAL A . n 
A 1 23  ALA 23  23  23  ALA ALA A . n 
A 1 24  VAL 24  24  24  VAL VAL A . n 
A 1 25  VAL 25  25  25  VAL VAL A . n 
A 1 26  HIS 26  26  26  HIS HIS A . n 
A 1 27  TYR 27  27  27  TYR TYR A . n 
A 1 28  THR 28  28  28  THR THR A . n 
A 1 29  GLY 29  29  29  GLY GLY A . n 
A 1 30  THR 30  30  30  THR THR A . n 
A 1 31  LEU 31  31  31  LEU LEU A . n 
A 1 32  ALA 32  32  32  ALA ALA A . n 
A 1 33  ASP 33  33  33  ASP ASP A . n 
A 1 34  GLY 34  34  34  GLY GLY A . n 
A 1 35  LYS 35  35  35  LYS LYS A . n 
A 1 36  VAL 36  36  36  VAL VAL A . n 
A 1 37  PHE 37  37  37  PHE PHE A . n 
A 1 38  ASP 38  38  38  ASP ASP A . n 
A 1 39  SER 39  39  39  SER SER A . n 
A 1 40  SER 40  40  40  SER SER A . n 
A 1 41  ARG 41  41  41  ARG ARG A . n 
A 1 42  THR 42  42  42  THR THR A . n 
A 1 43  ARG 43  43  43  ARG ARG A . n 
A 1 44  GLY 44  44  44  GLY GLY A . n 
A 1 45  LYS 45  45  45  LYS LYS A . n 
A 1 46  PRO 46  46  46  PRO PRO A . n 
A 1 47  PHE 47  47  47  PHE PHE A . n 
A 1 48  ARG 48  48  48  ARG ARG A . n 
A 1 49  PHE 49  49  49  PHE PHE A . n 
A 1 50  THR 50  50  50  THR THR A . n 
A 1 51  VAL 51  51  51  VAL VAL A . n 
A 1 52  GLY 52  52  52  GLY GLY A . n 
A 1 53  ARG 53  53  53  ARG ARG A . n 
A 1 54  GLY 54  54  54  GLY GLY A . n 
A 1 55  GLU 55  55  55  GLU GLU A . n 
A 1 56  VAL 56  56  56  VAL VAL A . n 
A 1 57  ILE 57  57  57  ILE ILE A . n 
A 1 58  ARG 58  58  58  ARG ARG A . n 
A 1 59  GLY 59  59  59  GLY GLY A . n 
A 1 60  TRP 60  60  60  TRP TRP A . n 
A 1 61  ASP 61  61  61  ASP ASP A . n 
A 1 62  GLU 62  62  62  GLU GLU A . n 
A 1 63  GLY 63  63  63  GLY GLY A . n 
A 1 64  VAL 64  64  64  VAL VAL A . n 
A 1 65  ALA 65  65  65  ALA ALA A . n 
A 1 66  GLN 66  66  66  GLN GLN A . n 
A 1 67  MET 67  67  67  MET MET A . n 
A 1 68  SER 68  68  68  SER SER A . n 
A 1 69  VAL 69  69  69  VAL VAL A . n 
A 1 70  GLY 70  70  70  GLY GLY A . n 
A 1 71  GLN 71  71  71  GLN GLN A . n 
A 1 72  ARG 72  72  72  ARG ARG A . n 
A 1 73  ALA 73  73  73  ALA ALA A . n 
A 1 74  LYS 74  74  74  LYS LYS A . n 
A 1 75  LEU 75  75  75  LEU LEU A . n 
A 1 76  VAL 76  76  76  VAL VAL A . n 
A 1 77  CYS 77  77  77  CYS CYS A . n 
A 1 78  SER 78  78  78  SER SER A . n 
A 1 79  PRO 79  79  79  PRO PRO A . n 
A 1 80  ASP 80  80  80  ASP ASP A . n 
A 1 81  TYR 81  81  81  TYR TYR A . n 
A 1 82  ALA 82  82  82  ALA ALA A . n 
A 1 83  TYR 83  83  83  TYR TYR A . n 
A 1 84  GLY 84  84  84  GLY GLY A . n 
A 1 85  SER 85  85  85  SER SER A . n 
A 1 86  ARG 86  86  86  ARG ARG A . n 
A 1 87  GLY 87  87  87  GLY GLY A . n 
A 1 88  HIS 88  88  88  HIS HIS A . n 
A 1 89  PRO 89  89  89  PRO PRO A . n 
A 1 90  GLY 90  90  90  GLY GLY A . n 
A 1 91  VAL 91  91  91  VAL VAL A . n 
A 1 92  ILE 92  92  92  ILE ILE A . n 
A 1 93  PRO 93  93  93  PRO PRO A . n 
A 1 94  PRO 94  94  94  PRO PRO A . n 
A 1 95  ASN 95  95  95  ASN ASN A . n 
A 1 96  ALA 96  96  96  ALA ALA A . n 
A 1 97  THR 97  97  97  THR THR A . n 
A 1 98  LEU 98  98  98  LEU LEU A . n 
A 1 99  THR 99  99  99  THR THR A . n 
A 1 100 PHE 100 100 100 PHE PHE A . n 
A 1 101 ASP 101 101 101 ASP ASP A . n 
A 1 102 VAL 102 102 102 VAL VAL A . n 
A 1 103 GLU 103 103 103 GLU GLU A . n 
A 1 104 LEU 104 104 104 LEU LEU A . n 
A 1 105 LEU 105 105 105 LEU LEU A . n 
A 1 106 ARG 106 106 106 ARG ARG A . n 
A 1 107 VAL 107 107 107 VAL VAL A . n 
A 1 108 GLU 108 108 108 GLU GLU A . n 
# 
loop_
_pdbx_nonpoly_scheme.asym_id 
_pdbx_nonpoly_scheme.entity_id 
_pdbx_nonpoly_scheme.mon_id 
_pdbx_nonpoly_scheme.ndb_seq_num 
_pdbx_nonpoly_scheme.pdb_seq_num 
_pdbx_nonpoly_scheme.auth_seq_num 
_pdbx_nonpoly_scheme.pdb_mon_id 
_pdbx_nonpoly_scheme.auth_mon_id 
_pdbx_nonpoly_scheme.pdb_strand_id 
_pdbx_nonpoly_scheme.pdb_ins_code 
B 2 MPO 1   109 1   MPO MPO A . 
C 3 SO4 1   110 1   SO4 SO4 A . 
D 4 HOH 1   111 111 HOH HOH A . 
D 4 HOH 2   112 112 HOH HOH A . 
D 4 HOH 3   113 113 HOH HOH A . 
D 4 HOH 4   114 114 HOH HOH A . 
D 4 HOH 5   115 115 HOH HOH A . 
D 4 HOH 6   116 116 HOH HOH A . 
D 4 HOH 7   117 117 HOH HOH A . 
D 4 HOH 8   118 118 HOH HOH A . 
D 4 HOH 9   119 119 HOH HOH A . 
D 4 HOH 10  120 120 HOH HOH A . 
D 4 HOH 11  121 121 HOH HOH A . 
D 4 HOH 12  122 122 HOH HOH A . 
D 4 HOH 13  123 123 HOH HOH A . 
D 4 HOH 14  124 124 HOH HOH A . 
D 4 HOH 15  125 125 HOH HOH A . 
D 4 HOH 16  126 126 HOH HOH A . 
D 4 HOH 17  127 127 HOH HOH A . 
D 4 HOH 18  128 128 HOH HOH A . 
D 4 HOH 19  129 129 HOH HOH A . 
D 4 HOH 20  130 130 HOH HOH A . 
D 4 HOH 21  131 131 HOH HOH A . 
D 4 HOH 22  132 1   HOH HOH A . 
D 4 HOH 23  133 2   HOH HOH A . 
D 4 HOH 24  134 3   HOH HOH A . 
D 4 HOH 25  135 4   HOH HOH A . 
D 4 HOH 26  136 5   HOH HOH A . 
D 4 HOH 27  137 6   HOH HOH A . 
D 4 HOH 28  138 7   HOH HOH A . 
D 4 HOH 29  139 8   HOH HOH A . 
D 4 HOH 30  140 9   HOH HOH A . 
D 4 HOH 31  141 10  HOH HOH A . 
D 4 HOH 32  142 11  HOH HOH A . 
D 4 HOH 33  143 12  HOH HOH A . 
D 4 HOH 34  144 13  HOH HOH A . 
D 4 HOH 35  145 14  HOH HOH A . 
D 4 HOH 36  146 15  HOH HOH A . 
D 4 HOH 37  147 16  HOH HOH A . 
D 4 HOH 38  148 17  HOH HOH A . 
D 4 HOH 39  149 18  HOH HOH A . 
D 4 HOH 40  150 19  HOH HOH A . 
D 4 HOH 41  151 20  HOH HOH A . 
D 4 HOH 42  152 21  HOH HOH A . 
D 4 HOH 43  153 22  HOH HOH A . 
D 4 HOH 44  154 23  HOH HOH A . 
D 4 HOH 45  155 24  HOH HOH A . 
D 4 HOH 46  156 25  HOH HOH A . 
D 4 HOH 47  157 26  HOH HOH A . 
D 4 HOH 48  158 27  HOH HOH A . 
D 4 HOH 49  159 28  HOH HOH A . 
D 4 HOH 50  160 29  HOH HOH A . 
D 4 HOH 51  161 30  HOH HOH A . 
D 4 HOH 52  162 31  HOH HOH A . 
D 4 HOH 53  163 32  HOH HOH A . 
D 4 HOH 54  164 33  HOH HOH A . 
D 4 HOH 55  165 34  HOH HOH A . 
D 4 HOH 56  166 35  HOH HOH A . 
D 4 HOH 57  167 36  HOH HOH A . 
D 4 HOH 58  168 37  HOH HOH A . 
D 4 HOH 59  169 38  HOH HOH A . 
D 4 HOH 60  170 39  HOH HOH A . 
D 4 HOH 61  171 40  HOH HOH A . 
D 4 HOH 62  172 41  HOH HOH A . 
D 4 HOH 63  173 42  HOH HOH A . 
D 4 HOH 64  174 43  HOH HOH A . 
D 4 HOH 65  175 44  HOH HOH A . 
D 4 HOH 66  176 45  HOH HOH A . 
D 4 HOH 67  177 46  HOH HOH A . 
D 4 HOH 68  178 47  HOH HOH A . 
D 4 HOH 69  179 48  HOH HOH A . 
D 4 HOH 70  180 49  HOH HOH A . 
D 4 HOH 71  181 50  HOH HOH A . 
D 4 HOH 72  182 51  HOH HOH A . 
D 4 HOH 73  183 52  HOH HOH A . 
D 4 HOH 74  184 53  HOH HOH A . 
D 4 HOH 75  185 54  HOH HOH A . 
D 4 HOH 76  186 55  HOH HOH A . 
D 4 HOH 77  187 56  HOH HOH A . 
D 4 HOH 78  188 57  HOH HOH A . 
D 4 HOH 79  189 58  HOH HOH A . 
D 4 HOH 80  190 59  HOH HOH A . 
D 4 HOH 81  191 60  HOH HOH A . 
D 4 HOH 82  192 61  HOH HOH A . 
D 4 HOH 83  193 62  HOH HOH A . 
D 4 HOH 84  194 63  HOH HOH A . 
D 4 HOH 85  195 64  HOH HOH A . 
D 4 HOH 86  196 65  HOH HOH A . 
D 4 HOH 87  197 66  HOH HOH A . 
D 4 HOH 88  198 67  HOH HOH A . 
D 4 HOH 89  199 68  HOH HOH A . 
D 4 HOH 90  200 69  HOH HOH A . 
D 4 HOH 91  201 70  HOH HOH A . 
D 4 HOH 92  202 71  HOH HOH A . 
D 4 HOH 93  203 72  HOH HOH A . 
D 4 HOH 94  204 73  HOH HOH A . 
D 4 HOH 95  205 74  HOH HOH A . 
D 4 HOH 96  206 75  HOH HOH A . 
D 4 HOH 97  207 76  HOH HOH A . 
D 4 HOH 98  208 77  HOH HOH A . 
D 4 HOH 99  209 78  HOH HOH A . 
D 4 HOH 100 210 79  HOH HOH A . 
D 4 HOH 101 211 80  HOH HOH A . 
D 4 HOH 102 212 81  HOH HOH A . 
D 4 HOH 103 213 82  HOH HOH A . 
D 4 HOH 104 214 83  HOH HOH A . 
D 4 HOH 105 215 84  HOH HOH A . 
D 4 HOH 106 216 85  HOH HOH A . 
D 4 HOH 107 217 86  HOH HOH A . 
D 4 HOH 108 218 87  HOH HOH A . 
D 4 HOH 109 219 88  HOH HOH A . 
D 4 HOH 110 220 89  HOH HOH A . 
D 4 HOH 111 221 90  HOH HOH A . 
D 4 HOH 112 222 91  HOH HOH A . 
D 4 HOH 113 223 92  HOH HOH A . 
D 4 HOH 114 224 93  HOH HOH A . 
D 4 HOH 115 225 94  HOH HOH A . 
D 4 HOH 116 226 95  HOH HOH A . 
D 4 HOH 117 227 96  HOH HOH A . 
D 4 HOH 118 228 97  HOH HOH A . 
D 4 HOH 119 229 98  HOH HOH A . 
D 4 HOH 120 230 99  HOH HOH A . 
D 4 HOH 121 231 100 HOH HOH A . 
D 4 HOH 122 232 101 HOH HOH A . 
D 4 HOH 123 233 102 HOH HOH A . 
D 4 HOH 124 234 103 HOH HOH A . 
D 4 HOH 125 235 104 HOH HOH A . 
D 4 HOH 126 236 105 HOH HOH A . 
D 4 HOH 127 237 106 HOH HOH A . 
D 4 HOH 128 238 107 HOH HOH A . 
D 4 HOH 129 239 108 HOH HOH A . 
D 4 HOH 130 240 109 HOH HOH A . 
D 4 HOH 131 241 110 HOH HOH A . 
# 
_pdbx_struct_assembly.id                   1 
_pdbx_struct_assembly.details              author_and_software_defined_assembly 
_pdbx_struct_assembly.method_details       PISA 
_pdbx_struct_assembly.oligomeric_details   monomeric 
_pdbx_struct_assembly.oligomeric_count     1 
# 
_pdbx_struct_assembly_gen.assembly_id       1 
_pdbx_struct_assembly_gen.oper_expression   1 
_pdbx_struct_assembly_gen.asym_id_list      A,B,C,D 
# 
_pdbx_struct_oper_list.id                   1 
_pdbx_struct_oper_list.type                 'identity operation' 
_pdbx_struct_oper_list.name                 1_555 
_pdbx_struct_oper_list.symmetry_operation   x,y,z 
_pdbx_struct_oper_list.matrix[1][1]         1.0000000000 
_pdbx_struct_oper_list.matrix[1][2]         0.0000000000 
_pdbx_struct_oper_list.matrix[1][3]         0.0000000000 
_pdbx_struct_oper_list.vector[1]            0.0000000000 
_pdbx_struct_oper_list.matrix[2][1]         0.0000000000 
_pdbx_struct_oper_list.matrix[2][2]         1.0000000000 
_pdbx_struct_oper_list.matrix[2][3]         0.0000000000 
_pdbx_struct_oper_list.vector[2]            0.0000000000 
_pdbx_struct_oper_list.matrix[3][1]         0.0000000000 
_pdbx_struct_oper_list.matrix[3][2]         0.0000000000 
_pdbx_struct_oper_list.matrix[3][3]         1.0000000000 
_pdbx_struct_oper_list.vector[3]            0.0000000000 
# 
loop_
_pdbx_audit_revision_history.ordinal 
_pdbx_audit_revision_history.data_content_type 
_pdbx_audit_revision_history.major_revision 
_pdbx_audit_revision_history.minor_revision 
_pdbx_audit_revision_history.revision_date 
1 'Structure model' 1 0 2012-06-27 
2 'Structure model' 1 1 2023-11-01 
# 
_pdbx_audit_revision_details.ordinal             1 
_pdbx_audit_revision_details.revision_ordinal    1 
_pdbx_audit_revision_details.data_content_type   'Structure model' 
_pdbx_audit_revision_details.provider            repository 
_pdbx_audit_revision_details.type                'Initial release' 
_pdbx_audit_revision_details.description         ? 
_pdbx_audit_revision_details.details             ? 
# 
loop_
_pdbx_audit_revision_group.ordinal 
_pdbx_audit_revision_group.revision_ordinal 
_pdbx_audit_revision_group.data_content_type 
_pdbx_audit_revision_group.group 
1 2 'Structure model' 'Data collection'        
2 2 'Structure model' 'Database references'    
3 2 'Structure model' 'Derived calculations'   
4 2 'Structure model' 'Refinement description' 
# 
loop_
_pdbx_audit_revision_category.ordinal 
_pdbx_audit_revision_category.revision_ordinal 
_pdbx_audit_revision_category.data_content_type 
_pdbx_audit_revision_category.category 
1 2 'Structure model' chem_comp_atom                
2 2 'Structure model' chem_comp_bond                
3 2 'Structure model' database_2                    
4 2 'Structure model' pdbx_initial_refinement_model 
5 2 'Structure model' struct_site                   
# 
loop_
_pdbx_audit_revision_item.ordinal 
_pdbx_audit_revision_item.revision_ordinal 
_pdbx_audit_revision_item.data_content_type 
_pdbx_audit_revision_item.item 
1 2 'Structure model' '_database_2.pdbx_DOI'                
2 2 'Structure model' '_database_2.pdbx_database_accession' 
3 2 'Structure model' '_struct_site.pdbx_auth_asym_id'      
4 2 'Structure model' '_struct_site.pdbx_auth_comp_id'      
5 2 'Structure model' '_struct_site.pdbx_auth_seq_id'       
# 
loop_
_software.name 
_software.classification 
_software.version 
_software.citation_id 
_software.pdbx_ordinal 
PHASER   phasing          .                            ? 1 
PHENIX   refinement       '(phenix.refine: 1.7.1_743)' ? 2 
HKL-2000 'data reduction' .                            ? 3 
HKL-2000 'data scaling'   .                            ? 4 
# 
loop_
_pdbx_validate_close_contact.id 
_pdbx_validate_close_contact.PDB_model_num 
_pdbx_validate_close_contact.auth_atom_id_1 
_pdbx_validate_close_contact.auth_asym_id_1 
_pdbx_validate_close_contact.auth_comp_id_1 
_pdbx_validate_close_contact.auth_seq_id_1 
_pdbx_validate_close_contact.PDB_ins_code_1 
_pdbx_validate_close_contact.label_alt_id_1 
_pdbx_validate_close_contact.auth_atom_id_2 
_pdbx_validate_close_contact.auth_asym_id_2 
_pdbx_validate_close_contact.auth_comp_id_2 
_pdbx_validate_close_contact.auth_seq_id_2 
_pdbx_validate_close_contact.PDB_ins_code_2 
_pdbx_validate_close_contact.label_alt_id_2 
_pdbx_validate_close_contact.dist 
1 1 O A HOH 122 ? ? O A HOH 123 ? ? 2.08 
2 1 O A HOH 124 ? ? O A HOH 207 ? ? 2.14 
3 1 O A HOH 119 ? ? O A HOH 239 ? ? 2.17 
# 
loop_
_pdbx_validate_torsion.id 
_pdbx_validate_torsion.PDB_model_num 
_pdbx_validate_torsion.auth_comp_id 
_pdbx_validate_torsion.auth_asym_id 
_pdbx_validate_torsion.auth_seq_id 
_pdbx_validate_torsion.PDB_ins_code 
_pdbx_validate_torsion.label_alt_id 
_pdbx_validate_torsion.phi 
_pdbx_validate_torsion.psi 
1 1 ALA A 14 ? ? -134.27 -52.98 
2 1 ALA A 82 ? ? -128.56 -99.42 
3 1 VAL A 91 ? ? -131.69 -59.92 
# 
loop_
_chem_comp_atom.comp_id 
_chem_comp_atom.atom_id 
_chem_comp_atom.type_symbol 
_chem_comp_atom.pdbx_aromatic_flag 
_chem_comp_atom.pdbx_stereo_config 
_chem_comp_atom.pdbx_ordinal 
ALA N    N N N 1   
ALA CA   C N S 2   
ALA C    C N N 3   
ALA O    O N N 4   
ALA CB   C N N 5   
ALA OXT  O N N 6   
ALA H    H N N 7   
ALA H2   H N N 8   
ALA HA   H N N 9   
ALA HB1  H N N 10  
ALA HB2  H N N 11  
ALA HB3  H N N 12  
ALA HXT  H N N 13  
ARG N    N N N 14  
ARG CA   C N S 15  
ARG C    C N N 16  
ARG O    O N N 17  
ARG CB   C N N 18  
ARG CG   C N N 19  
ARG CD   C N N 20  
ARG NE   N N N 21  
ARG CZ   C N N 22  
ARG NH1  N N N 23  
ARG NH2  N N N 24  
ARG OXT  O N N 25  
ARG H    H N N 26  
ARG H2   H N N 27  
ARG HA   H N N 28  
ARG HB2  H N N 29  
ARG HB3  H N N 30  
ARG HG2  H N N 31  
ARG HG3  H N N 32  
ARG HD2  H N N 33  
ARG HD3  H N N 34  
ARG HE   H N N 35  
ARG HH11 H N N 36  
ARG HH12 H N N 37  
ARG HH21 H N N 38  
ARG HH22 H N N 39  
ARG HXT  H N N 40  
ASN N    N N N 41  
ASN CA   C N S 42  
ASN C    C N N 43  
ASN O    O N N 44  
ASN CB   C N N 45  
ASN CG   C N N 46  
ASN OD1  O N N 47  
ASN ND2  N N N 48  
ASN OXT  O N N 49  
ASN H    H N N 50  
ASN H2   H N N 51  
ASN HA   H N N 52  
ASN HB2  H N N 53  
ASN HB3  H N N 54  
ASN HD21 H N N 55  
ASN HD22 H N N 56  
ASN HXT  H N N 57  
ASP N    N N N 58  
ASP CA   C N S 59  
ASP C    C N N 60  
ASP O    O N N 61  
ASP CB   C N N 62  
ASP CG   C N N 63  
ASP OD1  O N N 64  
ASP OD2  O N N 65  
ASP OXT  O N N 66  
ASP H    H N N 67  
ASP H2   H N N 68  
ASP HA   H N N 69  
ASP HB2  H N N 70  
ASP HB3  H N N 71  
ASP HD2  H N N 72  
ASP HXT  H N N 73  
CYS N    N N N 74  
CYS CA   C N R 75  
CYS C    C N N 76  
CYS O    O N N 77  
CYS CB   C N N 78  
CYS SG   S N N 79  
CYS OXT  O N N 80  
CYS H    H N N 81  
CYS H2   H N N 82  
CYS HA   H N N 83  
CYS HB2  H N N 84  
CYS HB3  H N N 85  
CYS HG   H N N 86  
CYS HXT  H N N 87  
GLN N    N N N 88  
GLN CA   C N S 89  
GLN C    C N N 90  
GLN O    O N N 91  
GLN CB   C N N 92  
GLN CG   C N N 93  
GLN CD   C N N 94  
GLN OE1  O N N 95  
GLN NE2  N N N 96  
GLN OXT  O N N 97  
GLN H    H N N 98  
GLN H2   H N N 99  
GLN HA   H N N 100 
GLN HB2  H N N 101 
GLN HB3  H N N 102 
GLN HG2  H N N 103 
GLN HG3  H N N 104 
GLN HE21 H N N 105 
GLN HE22 H N N 106 
GLN HXT  H N N 107 
GLU N    N N N 108 
GLU CA   C N S 109 
GLU C    C N N 110 
GLU O    O N N 111 
GLU CB   C N N 112 
GLU CG   C N N 113 
GLU CD   C N N 114 
GLU OE1  O N N 115 
GLU OE2  O N N 116 
GLU OXT  O N N 117 
GLU H    H N N 118 
GLU H2   H N N 119 
GLU HA   H N N 120 
GLU HB2  H N N 121 
GLU HB3  H N N 122 
GLU HG2  H N N 123 
GLU HG3  H N N 124 
GLU HE2  H N N 125 
GLU HXT  H N N 126 
GLY N    N N N 127 
GLY CA   C N N 128 
GLY C    C N N 129 
GLY O    O N N 130 
GLY OXT  O N N 131 
GLY H    H N N 132 
GLY H2   H N N 133 
GLY HA2  H N N 134 
GLY HA3  H N N 135 
GLY HXT  H N N 136 
HIS N    N N N 137 
HIS CA   C N S 138 
HIS C    C N N 139 
HIS O    O N N 140 
HIS CB   C N N 141 
HIS CG   C Y N 142 
HIS ND1  N Y N 143 
HIS CD2  C Y N 144 
HIS CE1  C Y N 145 
HIS NE2  N Y N 146 
HIS OXT  O N N 147 
HIS H    H N N 148 
HIS H2   H N N 149 
HIS HA   H N N 150 
HIS HB2  H N N 151 
HIS HB3  H N N 152 
HIS HD1  H N N 153 
HIS HD2  H N N 154 
HIS HE1  H N N 155 
HIS HE2  H N N 156 
HIS HXT  H N N 157 
HOH O    O N N 158 
HOH H1   H N N 159 
HOH H2   H N N 160 
ILE N    N N N 161 
ILE CA   C N S 162 
ILE C    C N N 163 
ILE O    O N N 164 
ILE CB   C N S 165 
ILE CG1  C N N 166 
ILE CG2  C N N 167 
ILE CD1  C N N 168 
ILE OXT  O N N 169 
ILE H    H N N 170 
ILE H2   H N N 171 
ILE HA   H N N 172 
ILE HB   H N N 173 
ILE HG12 H N N 174 
ILE HG13 H N N 175 
ILE HG21 H N N 176 
ILE HG22 H N N 177 
ILE HG23 H N N 178 
ILE HD11 H N N 179 
ILE HD12 H N N 180 
ILE HD13 H N N 181 
ILE HXT  H N N 182 
LEU N    N N N 183 
LEU CA   C N S 184 
LEU C    C N N 185 
LEU O    O N N 186 
LEU CB   C N N 187 
LEU CG   C N N 188 
LEU CD1  C N N 189 
LEU CD2  C N N 190 
LEU OXT  O N N 191 
LEU H    H N N 192 
LEU H2   H N N 193 
LEU HA   H N N 194 
LEU HB2  H N N 195 
LEU HB3  H N N 196 
LEU HG   H N N 197 
LEU HD11 H N N 198 
LEU HD12 H N N 199 
LEU HD13 H N N 200 
LEU HD21 H N N 201 
LEU HD22 H N N 202 
LEU HD23 H N N 203 
LEU HXT  H N N 204 
LYS N    N N N 205 
LYS CA   C N S 206 
LYS C    C N N 207 
LYS O    O N N 208 
LYS CB   C N N 209 
LYS CG   C N N 210 
LYS CD   C N N 211 
LYS CE   C N N 212 
LYS NZ   N N N 213 
LYS OXT  O N N 214 
LYS H    H N N 215 
LYS H2   H N N 216 
LYS HA   H N N 217 
LYS HB2  H N N 218 
LYS HB3  H N N 219 
LYS HG2  H N N 220 
LYS HG3  H N N 221 
LYS HD2  H N N 222 
LYS HD3  H N N 223 
LYS HE2  H N N 224 
LYS HE3  H N N 225 
LYS HZ1  H N N 226 
LYS HZ2  H N N 227 
LYS HZ3  H N N 228 
LYS HXT  H N N 229 
MET N    N N N 230 
MET CA   C N S 231 
MET C    C N N 232 
MET O    O N N 233 
MET CB   C N N 234 
MET CG   C N N 235 
MET SD   S N N 236 
MET CE   C N N 237 
MET OXT  O N N 238 
MET H    H N N 239 
MET H2   H N N 240 
MET HA   H N N 241 
MET HB2  H N N 242 
MET HB3  H N N 243 
MET HG2  H N N 244 
MET HG3  H N N 245 
MET HE1  H N N 246 
MET HE2  H N N 247 
MET HE3  H N N 248 
MET HXT  H N N 249 
MPO S1   S N N 250 
MPO O1   O N N 251 
MPO O2   O N N 252 
MPO O4   O N N 253 
MPO N1   N N N 254 
MPO C1   C N N 255 
MPO O3   O N N 256 
MPO C2   C N N 257 
MPO C3   C N N 258 
MPO C4   C N N 259 
MPO C5   C N N 260 
MPO C6   C N N 261 
MPO C7   C N N 262 
MPO H11  H N N 263 
MPO H12  H N N 264 
MPO HO3  H N N 265 
MPO H21  H N N 266 
MPO H22  H N N 267 
MPO H31  H N N 268 
MPO H32  H N N 269 
MPO H41  H N N 270 
MPO H42  H N N 271 
MPO H51  H N N 272 
MPO H52  H N N 273 
MPO H61  H N N 274 
MPO H62  H N N 275 
MPO H71  H N N 276 
MPO H72  H N N 277 
PHE N    N N N 278 
PHE CA   C N S 279 
PHE C    C N N 280 
PHE O    O N N 281 
PHE CB   C N N 282 
PHE CG   C Y N 283 
PHE CD1  C Y N 284 
PHE CD2  C Y N 285 
PHE CE1  C Y N 286 
PHE CE2  C Y N 287 
PHE CZ   C Y N 288 
PHE OXT  O N N 289 
PHE H    H N N 290 
PHE H2   H N N 291 
PHE HA   H N N 292 
PHE HB2  H N N 293 
PHE HB3  H N N 294 
PHE HD1  H N N 295 
PHE HD2  H N N 296 
PHE HE1  H N N 297 
PHE HE2  H N N 298 
PHE HZ   H N N 299 
PHE HXT  H N N 300 
PRO N    N N N 301 
PRO CA   C N S 302 
PRO C    C N N 303 
PRO O    O N N 304 
PRO CB   C N N 305 
PRO CG   C N N 306 
PRO CD   C N N 307 
PRO OXT  O N N 308 
PRO H    H N N 309 
PRO HA   H N N 310 
PRO HB2  H N N 311 
PRO HB3  H N N 312 
PRO HG2  H N N 313 
PRO HG3  H N N 314 
PRO HD2  H N N 315 
PRO HD3  H N N 316 
PRO HXT  H N N 317 
SER N    N N N 318 
SER CA   C N S 319 
SER C    C N N 320 
SER O    O N N 321 
SER CB   C N N 322 
SER OG   O N N 323 
SER OXT  O N N 324 
SER H    H N N 325 
SER H2   H N N 326 
SER HA   H N N 327 
SER HB2  H N N 328 
SER HB3  H N N 329 
SER HG   H N N 330 
SER HXT  H N N 331 
SO4 S    S N N 332 
SO4 O1   O N N 333 
SO4 O2   O N N 334 
SO4 O3   O N N 335 
SO4 O4   O N N 336 
THR N    N N N 337 
THR CA   C N S 338 
THR C    C N N 339 
THR O    O N N 340 
THR CB   C N R 341 
THR OG1  O N N 342 
THR CG2  C N N 343 
THR OXT  O N N 344 
THR H    H N N 345 
THR H2   H N N 346 
THR HA   H N N 347 
THR HB   H N N 348 
THR HG1  H N N 349 
THR HG21 H N N 350 
THR HG22 H N N 351 
THR HG23 H N N 352 
THR HXT  H N N 353 
TRP N    N N N 354 
TRP CA   C N S 355 
TRP C    C N N 356 
TRP O    O N N 357 
TRP CB   C N N 358 
TRP CG   C Y N 359 
TRP CD1  C Y N 360 
TRP CD2  C Y N 361 
TRP NE1  N Y N 362 
TRP CE2  C Y N 363 
TRP CE3  C Y N 364 
TRP CZ2  C Y N 365 
TRP CZ3  C Y N 366 
TRP CH2  C Y N 367 
TRP OXT  O N N 368 
TRP H    H N N 369 
TRP H2   H N N 370 
TRP HA   H N N 371 
TRP HB2  H N N 372 
TRP HB3  H N N 373 
TRP HD1  H N N 374 
TRP HE1  H N N 375 
TRP HE3  H N N 376 
TRP HZ2  H N N 377 
TRP HZ3  H N N 378 
TRP HH2  H N N 379 
TRP HXT  H N N 380 
TYR N    N N N 381 
TYR CA   C N S 382 
TYR C    C N N 383 
TYR O    O N N 384 
TYR CB   C N N 385 
TYR CG   C Y N 386 
TYR CD1  C Y N 387 
TYR CD2  C Y N 388 
TYR CE1  C Y N 389 
TYR CE2  C Y N 390 
TYR CZ   C Y N 391 
TYR OH   O N N 392 
TYR OXT  O N N 393 
TYR H    H N N 394 
TYR H2   H N N 395 
TYR HA   H N N 396 
TYR HB2  H N N 397 
TYR HB3  H N N 398 
TYR HD1  H N N 399 
TYR HD2  H N N 400 
TYR HE1  H N N 401 
TYR HE2  H N N 402 
TYR HH   H N N 403 
TYR HXT  H N N 404 
VAL N    N N N 405 
VAL CA   C N S 406 
VAL C    C N N 407 
VAL O    O N N 408 
VAL CB   C N N 409 
VAL CG1  C N N 410 
VAL CG2  C N N 411 
VAL OXT  O N N 412 
VAL H    H N N 413 
VAL H2   H N N 414 
VAL HA   H N N 415 
VAL HB   H N N 416 
VAL HG11 H N N 417 
VAL HG12 H N N 418 
VAL HG13 H N N 419 
VAL HG21 H N N 420 
VAL HG22 H N N 421 
VAL HG23 H N N 422 
VAL HXT  H N N 423 
# 
loop_
_chem_comp_bond.comp_id 
_chem_comp_bond.atom_id_1 
_chem_comp_bond.atom_id_2 
_chem_comp_bond.value_order 
_chem_comp_bond.pdbx_aromatic_flag 
_chem_comp_bond.pdbx_stereo_config 
_chem_comp_bond.pdbx_ordinal 
ALA N   CA   sing N N 1   
ALA N   H    sing N N 2   
ALA N   H2   sing N N 3   
ALA CA  C    sing N N 4   
ALA CA  CB   sing N N 5   
ALA CA  HA   sing N N 6   
ALA C   O    doub N N 7   
ALA C   OXT  sing N N 8   
ALA CB  HB1  sing N N 9   
ALA CB  HB2  sing N N 10  
ALA CB  HB3  sing N N 11  
ALA OXT HXT  sing N N 12  
ARG N   CA   sing N N 13  
ARG N   H    sing N N 14  
ARG N   H2   sing N N 15  
ARG CA  C    sing N N 16  
ARG CA  CB   sing N N 17  
ARG CA  HA   sing N N 18  
ARG C   O    doub N N 19  
ARG C   OXT  sing N N 20  
ARG CB  CG   sing N N 21  
ARG CB  HB2  sing N N 22  
ARG CB  HB3  sing N N 23  
ARG CG  CD   sing N N 24  
ARG CG  HG2  sing N N 25  
ARG CG  HG3  sing N N 26  
ARG CD  NE   sing N N 27  
ARG CD  HD2  sing N N 28  
ARG CD  HD3  sing N N 29  
ARG NE  CZ   sing N N 30  
ARG NE  HE   sing N N 31  
ARG CZ  NH1  sing N N 32  
ARG CZ  NH2  doub N N 33  
ARG NH1 HH11 sing N N 34  
ARG NH1 HH12 sing N N 35  
ARG NH2 HH21 sing N N 36  
ARG NH2 HH22 sing N N 37  
ARG OXT HXT  sing N N 38  
ASN N   CA   sing N N 39  
ASN N   H    sing N N 40  
ASN N   H2   sing N N 41  
ASN CA  C    sing N N 42  
ASN CA  CB   sing N N 43  
ASN CA  HA   sing N N 44  
ASN C   O    doub N N 45  
ASN C   OXT  sing N N 46  
ASN CB  CG   sing N N 47  
ASN CB  HB2  sing N N 48  
ASN CB  HB3  sing N N 49  
ASN CG  OD1  doub N N 50  
ASN CG  ND2  sing N N 51  
ASN ND2 HD21 sing N N 52  
ASN ND2 HD22 sing N N 53  
ASN OXT HXT  sing N N 54  
ASP N   CA   sing N N 55  
ASP N   H    sing N N 56  
ASP N   H2   sing N N 57  
ASP CA  C    sing N N 58  
ASP CA  CB   sing N N 59  
ASP CA  HA   sing N N 60  
ASP C   O    doub N N 61  
ASP C   OXT  sing N N 62  
ASP CB  CG   sing N N 63  
ASP CB  HB2  sing N N 64  
ASP CB  HB3  sing N N 65  
ASP CG  OD1  doub N N 66  
ASP CG  OD2  sing N N 67  
ASP OD2 HD2  sing N N 68  
ASP OXT HXT  sing N N 69  
CYS N   CA   sing N N 70  
CYS N   H    sing N N 71  
CYS N   H2   sing N N 72  
CYS CA  C    sing N N 73  
CYS CA  CB   sing N N 74  
CYS CA  HA   sing N N 75  
CYS C   O    doub N N 76  
CYS C   OXT  sing N N 77  
CYS CB  SG   sing N N 78  
CYS CB  HB2  sing N N 79  
CYS CB  HB3  sing N N 80  
CYS SG  HG   sing N N 81  
CYS OXT HXT  sing N N 82  
GLN N   CA   sing N N 83  
GLN N   H    sing N N 84  
GLN N   H2   sing N N 85  
GLN CA  C    sing N N 86  
GLN CA  CB   sing N N 87  
GLN CA  HA   sing N N 88  
GLN C   O    doub N N 89  
GLN C   OXT  sing N N 90  
GLN CB  CG   sing N N 91  
GLN CB  HB2  sing N N 92  
GLN CB  HB3  sing N N 93  
GLN CG  CD   sing N N 94  
GLN CG  HG2  sing N N 95  
GLN CG  HG3  sing N N 96  
GLN CD  OE1  doub N N 97  
GLN CD  NE2  sing N N 98  
GLN NE2 HE21 sing N N 99  
GLN NE2 HE22 sing N N 100 
GLN OXT HXT  sing N N 101 
GLU N   CA   sing N N 102 
GLU N   H    sing N N 103 
GLU N   H2   sing N N 104 
GLU CA  C    sing N N 105 
GLU CA  CB   sing N N 106 
GLU CA  HA   sing N N 107 
GLU C   O    doub N N 108 
GLU C   OXT  sing N N 109 
GLU CB  CG   sing N N 110 
GLU CB  HB2  sing N N 111 
GLU CB  HB3  sing N N 112 
GLU CG  CD   sing N N 113 
GLU CG  HG2  sing N N 114 
GLU CG  HG3  sing N N 115 
GLU CD  OE1  doub N N 116 
GLU CD  OE2  sing N N 117 
GLU OE2 HE2  sing N N 118 
GLU OXT HXT  sing N N 119 
GLY N   CA   sing N N 120 
GLY N   H    sing N N 121 
GLY N   H2   sing N N 122 
GLY CA  C    sing N N 123 
GLY CA  HA2  sing N N 124 
GLY CA  HA3  sing N N 125 
GLY C   O    doub N N 126 
GLY C   OXT  sing N N 127 
GLY OXT HXT  sing N N 128 
HIS N   CA   sing N N 129 
HIS N   H    sing N N 130 
HIS N   H2   sing N N 131 
HIS CA  C    sing N N 132 
HIS CA  CB   sing N N 133 
HIS CA  HA   sing N N 134 
HIS C   O    doub N N 135 
HIS C   OXT  sing N N 136 
HIS CB  CG   sing N N 137 
HIS CB  HB2  sing N N 138 
HIS CB  HB3  sing N N 139 
HIS CG  ND1  sing Y N 140 
HIS CG  CD2  doub Y N 141 
HIS ND1 CE1  doub Y N 142 
HIS ND1 HD1  sing N N 143 
HIS CD2 NE2  sing Y N 144 
HIS CD2 HD2  sing N N 145 
HIS CE1 NE2  sing Y N 146 
HIS CE1 HE1  sing N N 147 
HIS NE2 HE2  sing N N 148 
HIS OXT HXT  sing N N 149 
HOH O   H1   sing N N 150 
HOH O   H2   sing N N 151 
ILE N   CA   sing N N 152 
ILE N   H    sing N N 153 
ILE N   H2   sing N N 154 
ILE CA  C    sing N N 155 
ILE CA  CB   sing N N 156 
ILE CA  HA   sing N N 157 
ILE C   O    doub N N 158 
ILE C   OXT  sing N N 159 
ILE CB  CG1  sing N N 160 
ILE CB  CG2  sing N N 161 
ILE CB  HB   sing N N 162 
ILE CG1 CD1  sing N N 163 
ILE CG1 HG12 sing N N 164 
ILE CG1 HG13 sing N N 165 
ILE CG2 HG21 sing N N 166 
ILE CG2 HG22 sing N N 167 
ILE CG2 HG23 sing N N 168 
ILE CD1 HD11 sing N N 169 
ILE CD1 HD12 sing N N 170 
ILE CD1 HD13 sing N N 171 
ILE OXT HXT  sing N N 172 
LEU N   CA   sing N N 173 
LEU N   H    sing N N 174 
LEU N   H2   sing N N 175 
LEU CA  C    sing N N 176 
LEU CA  CB   sing N N 177 
LEU CA  HA   sing N N 178 
LEU C   O    doub N N 179 
LEU C   OXT  sing N N 180 
LEU CB  CG   sing N N 181 
LEU CB  HB2  sing N N 182 
LEU CB  HB3  sing N N 183 
LEU CG  CD1  sing N N 184 
LEU CG  CD2  sing N N 185 
LEU CG  HG   sing N N 186 
LEU CD1 HD11 sing N N 187 
LEU CD1 HD12 sing N N 188 
LEU CD1 HD13 sing N N 189 
LEU CD2 HD21 sing N N 190 
LEU CD2 HD22 sing N N 191 
LEU CD2 HD23 sing N N 192 
LEU OXT HXT  sing N N 193 
LYS N   CA   sing N N 194 
LYS N   H    sing N N 195 
LYS N   H2   sing N N 196 
LYS CA  C    sing N N 197 
LYS CA  CB   sing N N 198 
LYS CA  HA   sing N N 199 
LYS C   O    doub N N 200 
LYS C   OXT  sing N N 201 
LYS CB  CG   sing N N 202 
LYS CB  HB2  sing N N 203 
LYS CB  HB3  sing N N 204 
LYS CG  CD   sing N N 205 
LYS CG  HG2  sing N N 206 
LYS CG  HG3  sing N N 207 
LYS CD  CE   sing N N 208 
LYS CD  HD2  sing N N 209 
LYS CD  HD3  sing N N 210 
LYS CE  NZ   sing N N 211 
LYS CE  HE2  sing N N 212 
LYS CE  HE3  sing N N 213 
LYS NZ  HZ1  sing N N 214 
LYS NZ  HZ2  sing N N 215 
LYS NZ  HZ3  sing N N 216 
LYS OXT HXT  sing N N 217 
MET N   CA   sing N N 218 
MET N   H    sing N N 219 
MET N   H2   sing N N 220 
MET CA  C    sing N N 221 
MET CA  CB   sing N N 222 
MET CA  HA   sing N N 223 
MET C   O    doub N N 224 
MET C   OXT  sing N N 225 
MET CB  CG   sing N N 226 
MET CB  HB2  sing N N 227 
MET CB  HB3  sing N N 228 
MET CG  SD   sing N N 229 
MET CG  HG2  sing N N 230 
MET CG  HG3  sing N N 231 
MET SD  CE   sing N N 232 
MET CE  HE1  sing N N 233 
MET CE  HE2  sing N N 234 
MET CE  HE3  sing N N 235 
MET OXT HXT  sing N N 236 
MPO S1  O1   doub N N 237 
MPO S1  O2   doub N N 238 
MPO S1  C1   sing N N 239 
MPO S1  O3   sing N N 240 
MPO O4  C5   sing N N 241 
MPO O4  C6   sing N N 242 
MPO N1  C3   sing N N 243 
MPO N1  C4   sing N N 244 
MPO N1  C7   sing N N 245 
MPO C1  C2   sing N N 246 
MPO C1  H11  sing N N 247 
MPO C1  H12  sing N N 248 
MPO O3  HO3  sing N N 249 
MPO C2  C3   sing N N 250 
MPO C2  H21  sing N N 251 
MPO C2  H22  sing N N 252 
MPO C3  H31  sing N N 253 
MPO C3  H32  sing N N 254 
MPO C4  C5   sing N N 255 
MPO C4  H41  sing N N 256 
MPO C4  H42  sing N N 257 
MPO C5  H51  sing N N 258 
MPO C5  H52  sing N N 259 
MPO C6  C7   sing N N 260 
MPO C6  H61  sing N N 261 
MPO C6  H62  sing N N 262 
MPO C7  H71  sing N N 263 
MPO C7  H72  sing N N 264 
PHE N   CA   sing N N 265 
PHE N   H    sing N N 266 
PHE N   H2   sing N N 267 
PHE CA  C    sing N N 268 
PHE CA  CB   sing N N 269 
PHE CA  HA   sing N N 270 
PHE C   O    doub N N 271 
PHE C   OXT  sing N N 272 
PHE CB  CG   sing N N 273 
PHE CB  HB2  sing N N 274 
PHE CB  HB3  sing N N 275 
PHE CG  CD1  doub Y N 276 
PHE CG  CD2  sing Y N 277 
PHE CD1 CE1  sing Y N 278 
PHE CD1 HD1  sing N N 279 
PHE CD2 CE2  doub Y N 280 
PHE CD2 HD2  sing N N 281 
PHE CE1 CZ   doub Y N 282 
PHE CE1 HE1  sing N N 283 
PHE CE2 CZ   sing Y N 284 
PHE CE2 HE2  sing N N 285 
PHE CZ  HZ   sing N N 286 
PHE OXT HXT  sing N N 287 
PRO N   CA   sing N N 288 
PRO N   CD   sing N N 289 
PRO N   H    sing N N 290 
PRO CA  C    sing N N 291 
PRO CA  CB   sing N N 292 
PRO CA  HA   sing N N 293 
PRO C   O    doub N N 294 
PRO C   OXT  sing N N 295 
PRO CB  CG   sing N N 296 
PRO CB  HB2  sing N N 297 
PRO CB  HB3  sing N N 298 
PRO CG  CD   sing N N 299 
PRO CG  HG2  sing N N 300 
PRO CG  HG3  sing N N 301 
PRO CD  HD2  sing N N 302 
PRO CD  HD3  sing N N 303 
PRO OXT HXT  sing N N 304 
SER N   CA   sing N N 305 
SER N   H    sing N N 306 
SER N   H2   sing N N 307 
SER CA  C    sing N N 308 
SER CA  CB   sing N N 309 
SER CA  HA   sing N N 310 
SER C   O    doub N N 311 
SER C   OXT  sing N N 312 
SER CB  OG   sing N N 313 
SER CB  HB2  sing N N 314 
SER CB  HB3  sing N N 315 
SER OG  HG   sing N N 316 
SER OXT HXT  sing N N 317 
SO4 S   O1   doub N N 318 
SO4 S   O2   doub N N 319 
SO4 S   O3   sing N N 320 
SO4 S   O4   sing N N 321 
THR N   CA   sing N N 322 
THR N   H    sing N N 323 
THR N   H2   sing N N 324 
THR CA  C    sing N N 325 
THR CA  CB   sing N N 326 
THR CA  HA   sing N N 327 
THR C   O    doub N N 328 
THR C   OXT  sing N N 329 
THR CB  OG1  sing N N 330 
THR CB  CG2  sing N N 331 
THR CB  HB   sing N N 332 
THR OG1 HG1  sing N N 333 
THR CG2 HG21 sing N N 334 
THR CG2 HG22 sing N N 335 
THR CG2 HG23 sing N N 336 
THR OXT HXT  sing N N 337 
TRP N   CA   sing N N 338 
TRP N   H    sing N N 339 
TRP N   H2   sing N N 340 
TRP CA  C    sing N N 341 
TRP CA  CB   sing N N 342 
TRP CA  HA   sing N N 343 
TRP C   O    doub N N 344 
TRP C   OXT  sing N N 345 
TRP CB  CG   sing N N 346 
TRP CB  HB2  sing N N 347 
TRP CB  HB3  sing N N 348 
TRP CG  CD1  doub Y N 349 
TRP CG  CD2  sing Y N 350 
TRP CD1 NE1  sing Y N 351 
TRP CD1 HD1  sing N N 352 
TRP CD2 CE2  doub Y N 353 
TRP CD2 CE3  sing Y N 354 
TRP NE1 CE2  sing Y N 355 
TRP NE1 HE1  sing N N 356 
TRP CE2 CZ2  sing Y N 357 
TRP CE3 CZ3  doub Y N 358 
TRP CE3 HE3  sing N N 359 
TRP CZ2 CH2  doub Y N 360 
TRP CZ2 HZ2  sing N N 361 
TRP CZ3 CH2  sing Y N 362 
TRP CZ3 HZ3  sing N N 363 
TRP CH2 HH2  sing N N 364 
TRP OXT HXT  sing N N 365 
TYR N   CA   sing N N 366 
TYR N   H    sing N N 367 
TYR N   H2   sing N N 368 
TYR CA  C    sing N N 369 
TYR CA  CB   sing N N 370 
TYR CA  HA   sing N N 371 
TYR C   O    doub N N 372 
TYR C   OXT  sing N N 373 
TYR CB  CG   sing N N 374 
TYR CB  HB2  sing N N 375 
TYR CB  HB3  sing N N 376 
TYR CG  CD1  doub Y N 377 
TYR CG  CD2  sing Y N 378 
TYR CD1 CE1  sing Y N 379 
TYR CD1 HD1  sing N N 380 
TYR CD2 CE2  doub Y N 381 
TYR CD2 HD2  sing N N 382 
TYR CE1 CZ   doub Y N 383 
TYR CE1 HE1  sing N N 384 
TYR CE2 CZ   sing Y N 385 
TYR CE2 HE2  sing N N 386 
TYR CZ  OH   sing N N 387 
TYR OH  HH   sing N N 388 
TYR OXT HXT  sing N N 389 
VAL N   CA   sing N N 390 
VAL N   H    sing N N 391 
VAL N   H2   sing N N 392 
VAL CA  C    sing N N 393 
VAL CA  CB   sing N N 394 
VAL CA  HA   sing N N 395 
VAL C   O    doub N N 396 
VAL C   OXT  sing N N 397 
VAL CB  CG1  sing N N 398 
VAL CB  CG2  sing N N 399 
VAL CB  HB   sing N N 400 
VAL CG1 HG11 sing N N 401 
VAL CG1 HG12 sing N N 402 
VAL CG1 HG13 sing N N 403 
VAL CG2 HG21 sing N N 404 
VAL CG2 HG22 sing N N 405 
VAL CG2 HG23 sing N N 406 
VAL OXT HXT  sing N N 407 
# 
loop_
_pdbx_entity_nonpoly.entity_id 
_pdbx_entity_nonpoly.name 
_pdbx_entity_nonpoly.comp_id 
2 '3[N-MORPHOLINO]PROPANE SULFONIC ACID' MPO 
3 'SULFATE ION'                          SO4 
4 water                                  HOH 
# 
_pdbx_initial_refinement_model.id               1 
_pdbx_initial_refinement_model.entity_id_list   ? 
_pdbx_initial_refinement_model.type             'experimental model' 
_pdbx_initial_refinement_model.source_name      PDB 
_pdbx_initial_refinement_model.accession_code   2PPN 
_pdbx_initial_refinement_model.details          'PDB ENTRY 2PPN' 
# 
